data_1WIB
#
_entry.id   1WIB
#
_entity_poly.entity_id   1
_entity_poly.type   'polypeptide(L)'
_entity_poly.pdbx_seq_one_letter_code
;GSSGSSGPPKFDPNEVKVVYLRCTGGEVGATSALAPKIGPLGLSPKKVGDDIAKATGDWKGLRITVKLTIQNRQAQIEVV
PSASALSGPSSG
;
_entity_poly.pdbx_strand_id   A
#
# COMPACT_ATOMS: atom_id res chain seq x y z
N GLY A 1 -18.00 -29.40 -33.91
CA GLY A 1 -18.56 -28.09 -33.60
C GLY A 1 -17.65 -27.26 -32.72
N SER A 2 -17.88 -25.96 -32.70
CA SER A 2 -17.06 -25.05 -31.90
C SER A 2 -17.82 -23.76 -31.61
N SER A 3 -17.31 -23.00 -30.63
CA SER A 3 -17.95 -21.74 -30.25
C SER A 3 -16.94 -20.82 -29.55
N GLY A 4 -17.06 -19.53 -29.82
CA GLY A 4 -16.16 -18.56 -29.22
C GLY A 4 -16.40 -18.41 -27.73
N SER A 5 -15.44 -17.79 -27.04
CA SER A 5 -15.54 -17.59 -25.60
C SER A 5 -15.69 -16.10 -25.27
N SER A 6 -14.80 -15.30 -25.82
CA SER A 6 -14.82 -13.85 -25.59
C SER A 6 -14.77 -13.55 -24.09
N GLY A 7 -13.91 -14.27 -23.37
CA GLY A 7 -13.79 -14.06 -21.95
C GLY A 7 -12.87 -12.91 -21.60
N PRO A 8 -12.97 -12.42 -20.36
CA PRO A 8 -12.15 -11.30 -19.89
C PRO A 8 -10.68 -11.69 -19.73
N PRO A 9 -9.80 -10.68 -19.61
CA PRO A 9 -8.36 -10.88 -19.45
C PRO A 9 -8.01 -11.46 -18.08
N LYS A 10 -6.72 -11.54 -17.80
CA LYS A 10 -6.25 -12.07 -16.52
C LYS A 10 -5.04 -11.30 -16.02
N PHE A 11 -4.79 -11.38 -14.71
CA PHE A 11 -3.65 -10.69 -14.11
C PHE A 11 -2.35 -11.08 -14.80
N ASP A 12 -1.30 -10.30 -14.54
CA ASP A 12 0.00 -10.56 -15.12
C ASP A 12 1.10 -9.85 -14.34
N PRO A 13 2.27 -10.49 -14.24
CA PRO A 13 3.42 -9.94 -13.52
C PRO A 13 4.04 -8.75 -14.24
N ASN A 14 3.88 -8.71 -15.56
CA ASN A 14 4.42 -7.63 -16.37
C ASN A 14 3.90 -6.28 -15.89
N GLU A 15 2.59 -6.08 -16.01
CA GLU A 15 1.97 -4.84 -15.57
C GLU A 15 2.10 -4.65 -14.07
N VAL A 16 1.87 -3.41 -13.61
CA VAL A 16 1.97 -3.10 -12.19
C VAL A 16 0.78 -2.27 -11.73
N LYS A 17 0.25 -2.58 -10.56
CA LYS A 17 -0.89 -1.86 -10.01
C LYS A 17 -0.62 -1.45 -8.56
N VAL A 18 -1.15 -0.29 -8.18
CA VAL A 18 -0.97 0.22 -6.82
C VAL A 18 -2.28 0.18 -6.04
N VAL A 19 -2.18 -0.10 -4.75
CA VAL A 19 -3.36 -0.17 -3.89
C VAL A 19 -3.26 0.83 -2.74
N TYR A 20 -4.33 1.56 -2.52
CA TYR A 20 -4.37 2.56 -1.45
C TYR A 20 -5.29 2.10 -0.31
N LEU A 21 -4.88 2.42 0.92
CA LEU A 21 -5.66 2.03 2.10
C LEU A 21 -5.57 3.11 3.17
N ARG A 22 -6.70 3.39 3.81
CA ARG A 22 -6.75 4.41 4.86
C ARG A 22 -6.75 3.75 6.25
N CYS A 23 -5.71 4.02 7.02
CA CYS A 23 -5.59 3.45 8.36
C CYS A 23 -4.68 4.31 9.23
N THR A 24 -4.67 4.03 10.53
CA THR A 24 -3.84 4.77 11.47
C THR A 24 -2.37 4.37 11.35
N GLY A 25 -1.49 5.35 11.50
CA GLY A 25 -0.07 5.08 11.41
C GLY A 25 0.47 4.34 12.61
N GLY A 26 1.43 3.44 12.38
CA GLY A 26 2.01 2.67 13.47
C GLY A 26 0.96 2.05 14.36
N GLU A 27 0.09 1.23 13.76
CA GLU A 27 -0.97 0.57 14.51
C GLU A 27 -0.61 -0.89 14.78
N VAL A 28 0.20 -1.11 15.80
CA VAL A 28 0.62 -2.46 16.17
C VAL A 28 -0.57 -3.30 16.63
N GLY A 29 -1.37 -2.73 17.53
CA GLY A 29 -2.53 -3.44 18.03
C GLY A 29 -3.21 -4.27 16.97
N ALA A 30 -3.32 -5.57 17.21
CA ALA A 30 -3.96 -6.48 16.27
C ALA A 30 -4.06 -7.89 16.84
N THR A 31 -4.96 -8.69 16.27
CA THR A 31 -5.17 -10.06 16.72
C THR A 31 -4.94 -11.06 15.59
N SER A 32 -3.85 -10.89 14.86
CA SER A 32 -3.53 -11.77 13.75
C SER A 32 -4.66 -11.77 12.72
N ALA A 33 -5.10 -10.58 12.33
CA ALA A 33 -6.17 -10.45 11.35
C ALA A 33 -5.62 -10.43 9.93
N LEU A 34 -4.34 -10.09 9.80
CA LEU A 34 -3.70 -10.04 8.49
C LEU A 34 -3.22 -11.43 8.07
N ALA A 35 -3.28 -12.38 8.99
CA ALA A 35 -2.86 -13.74 8.72
C ALA A 35 -3.61 -14.31 7.51
N PRO A 36 -4.94 -14.32 7.60
CA PRO A 36 -5.80 -14.84 6.52
C PRO A 36 -5.79 -13.93 5.28
N LYS A 37 -5.42 -12.67 5.49
CA LYS A 37 -5.36 -11.71 4.39
C LYS A 37 -4.18 -12.00 3.47
N ILE A 38 -3.01 -12.24 4.07
CA ILE A 38 -1.81 -12.53 3.30
C ILE A 38 -1.52 -14.04 3.29
N GLY A 39 -2.39 -14.81 3.93
CA GLY A 39 -2.21 -16.24 3.99
C GLY A 39 -2.00 -16.85 2.61
N PRO A 40 -3.01 -16.70 1.74
CA PRO A 40 -2.97 -17.23 0.38
C PRO A 40 -1.97 -16.49 -0.50
N LEU A 41 -1.70 -15.23 -0.16
CA LEU A 41 -0.76 -14.42 -0.92
C LEU A 41 0.64 -15.03 -0.89
N GLY A 42 1.15 -15.26 0.31
CA GLY A 42 2.48 -15.83 0.45
C GLY A 42 3.31 -15.12 1.50
N LEU A 43 3.53 -13.83 1.29
CA LEU A 43 4.31 -13.03 2.23
C LEU A 43 3.79 -13.17 3.65
N SER A 44 4.47 -12.52 4.59
CA SER A 44 4.07 -12.59 5.99
C SER A 44 3.51 -11.24 6.46
N PRO A 45 2.50 -11.29 7.34
CA PRO A 45 1.86 -10.10 7.88
C PRO A 45 2.76 -9.33 8.82
N LYS A 46 3.66 -10.04 9.50
CA LYS A 46 4.60 -9.43 10.43
C LYS A 46 5.60 -8.55 9.70
N LYS A 47 6.24 -9.13 8.69
CA LYS A 47 7.24 -8.40 7.89
C LYS A 47 6.61 -7.17 7.23
N VAL A 48 5.44 -7.37 6.62
CA VAL A 48 4.74 -6.27 5.95
C VAL A 48 4.21 -5.26 6.96
N GLY A 49 3.62 -5.76 8.04
CA GLY A 49 3.08 -4.89 9.06
C GLY A 49 4.16 -4.06 9.73
N ASP A 50 5.29 -4.68 10.03
CA ASP A 50 6.39 -3.97 10.68
C ASP A 50 6.98 -2.90 9.76
N ASP A 51 6.96 -3.19 8.46
CA ASP A 51 7.48 -2.25 7.47
C ASP A 51 6.76 -0.90 7.56
N ILE A 52 5.44 -0.95 7.63
CA ILE A 52 4.63 0.26 7.71
C ILE A 52 4.80 0.93 9.07
N ALA A 53 4.81 0.12 10.13
CA ALA A 53 4.96 0.64 11.48
C ALA A 53 6.26 1.43 11.62
N LYS A 54 7.35 0.86 11.14
CA LYS A 54 8.66 1.51 11.22
C LYS A 54 8.66 2.81 10.41
N ALA A 55 8.15 2.74 9.18
CA ALA A 55 8.09 3.91 8.32
C ALA A 55 7.26 5.02 8.96
N THR A 56 6.13 4.64 9.53
CA THR A 56 5.23 5.60 10.17
C THR A 56 5.64 5.84 11.63
N GLY A 57 6.90 5.58 11.93
CA GLY A 57 7.39 5.78 13.29
C GLY A 57 7.55 7.25 13.65
N ASP A 58 7.94 8.05 12.66
CA ASP A 58 8.15 9.48 12.88
C ASP A 58 6.81 10.19 13.09
N TRP A 59 5.76 9.65 12.47
CA TRP A 59 4.42 10.22 12.59
C TRP A 59 3.42 9.19 13.10
N LYS A 60 3.83 8.44 14.12
CA LYS A 60 2.97 7.42 14.70
C LYS A 60 1.80 8.05 15.44
N GLY A 61 0.59 7.62 15.10
CA GLY A 61 -0.60 8.16 15.75
C GLY A 61 -1.36 9.12 14.86
N LEU A 62 -0.73 9.54 13.77
CA LEU A 62 -1.36 10.47 12.83
C LEU A 62 -1.97 9.72 11.66
N ARG A 63 -3.03 10.29 11.08
CA ARG A 63 -3.70 9.66 9.95
C ARG A 63 -3.01 10.03 8.63
N ILE A 64 -2.53 9.02 7.92
CA ILE A 64 -1.85 9.24 6.64
C ILE A 64 -2.22 8.15 5.64
N THR A 65 -2.02 8.45 4.36
CA THR A 65 -2.31 7.49 3.30
C THR A 65 -1.05 6.80 2.80
N VAL A 66 -1.09 5.48 2.71
CA VAL A 66 0.05 4.70 2.25
C VAL A 66 -0.29 3.93 0.98
N LYS A 67 0.62 3.97 0.01
CA LYS A 67 0.43 3.28 -1.26
C LYS A 67 1.24 1.99 -1.31
N LEU A 68 0.56 0.86 -1.40
CA LEU A 68 1.23 -0.44 -1.47
C LEU A 68 1.15 -1.02 -2.87
N THR A 69 2.31 -1.21 -3.49
CA THR A 69 2.38 -1.77 -4.83
C THR A 69 2.96 -3.18 -4.81
N ILE A 70 2.26 -4.11 -5.45
CA ILE A 70 2.72 -5.49 -5.51
C ILE A 70 3.29 -5.83 -6.89
N GLN A 71 4.55 -6.23 -6.92
CA GLN A 71 5.21 -6.59 -8.17
C GLN A 71 6.22 -7.72 -7.95
N ASN A 72 6.10 -8.76 -8.76
CA ASN A 72 7.01 -9.91 -8.67
C ASN A 72 7.14 -10.37 -7.22
N ARG A 73 5.99 -10.54 -6.55
CA ARG A 73 5.98 -10.98 -5.17
C ARG A 73 6.73 -9.99 -4.27
N GLN A 74 6.71 -8.72 -4.65
CA GLN A 74 7.38 -7.69 -3.89
C GLN A 74 6.42 -6.56 -3.52
N ALA A 75 6.54 -6.07 -2.28
CA ALA A 75 5.68 -5.00 -1.80
C ALA A 75 6.49 -3.72 -1.55
N GLN A 76 5.91 -2.58 -1.91
CA GLN A 76 6.57 -1.30 -1.72
C GLN A 76 5.77 -0.41 -0.77
N ILE A 77 6.47 0.32 0.09
CA ILE A 77 5.83 1.21 1.04
C ILE A 77 6.30 2.65 0.85
N GLU A 78 5.35 3.57 0.77
CA GLU A 78 5.66 4.98 0.58
C GLU A 78 4.56 5.87 1.16
N VAL A 79 4.96 6.93 1.85
CA VAL A 79 4.01 7.86 2.46
C VAL A 79 3.84 9.11 1.61
N VAL A 80 2.59 9.44 1.29
CA VAL A 80 2.29 10.61 0.48
C VAL A 80 2.20 11.86 1.34
N PRO A 81 2.66 13.00 0.78
CA PRO A 81 2.63 14.28 1.49
C PRO A 81 1.22 14.82 1.66
N SER A 82 0.39 14.65 0.63
CA SER A 82 -0.99 15.13 0.67
C SER A 82 -1.89 14.26 -0.21
N ALA A 83 -3.19 14.45 -0.09
CA ALA A 83 -4.15 13.70 -0.88
C ALA A 83 -4.95 14.61 -1.80
N SER A 84 -5.02 14.25 -3.07
CA SER A 84 -5.74 15.05 -4.06
C SER A 84 -6.12 14.20 -5.27
N ALA A 85 -7.01 14.73 -6.11
CA ALA A 85 -7.45 14.02 -7.30
C ALA A 85 -6.27 13.67 -8.20
N LEU A 86 -5.79 12.43 -8.08
CA LEU A 86 -4.67 11.96 -8.88
C LEU A 86 -5.09 10.85 -9.83
N SER A 87 -5.57 11.24 -11.01
CA SER A 87 -6.02 10.27 -12.01
C SER A 87 -5.59 10.71 -13.41
N GLY A 88 -4.64 9.98 -13.99
CA GLY A 88 -4.17 10.30 -15.32
C GLY A 88 -2.77 9.78 -15.58
N PRO A 89 -2.67 8.50 -15.95
CA PRO A 89 -1.39 7.86 -16.25
C PRO A 89 -0.74 8.39 -17.52
N SER A 90 -1.57 8.63 -18.53
CA SER A 90 -1.08 9.13 -19.81
C SER A 90 -0.26 10.41 -19.61
N SER A 91 0.52 10.76 -20.63
CA SER A 91 1.36 11.96 -20.58
C SER A 91 0.52 13.19 -20.26
N GLY A 92 1.14 14.16 -19.58
CA GLY A 92 0.44 15.37 -19.22
C GLY A 92 -0.95 15.11 -18.68
N GLY A 1 -25.23 -12.22 -11.12
CA GLY A 1 -24.22 -12.60 -10.15
C GLY A 1 -23.13 -11.56 -10.01
N SER A 2 -22.61 -11.42 -8.80
CA SER A 2 -21.54 -10.45 -8.54
C SER A 2 -20.19 -11.14 -8.41
N SER A 3 -20.13 -12.13 -7.53
CA SER A 3 -18.89 -12.88 -7.31
C SER A 3 -18.61 -13.82 -8.48
N GLY A 4 -17.56 -13.52 -9.24
CA GLY A 4 -17.20 -14.34 -10.38
C GLY A 4 -17.56 -13.70 -11.70
N SER A 5 -16.91 -12.59 -12.01
CA SER A 5 -17.17 -11.87 -13.26
C SER A 5 -15.96 -11.94 -14.19
N SER A 6 -16.22 -12.00 -15.49
CA SER A 6 -15.16 -12.07 -16.49
C SER A 6 -14.02 -12.97 -16.00
N GLY A 7 -14.38 -14.12 -15.44
CA GLY A 7 -13.38 -15.05 -14.94
C GLY A 7 -12.83 -14.63 -13.60
N PRO A 8 -11.63 -15.15 -13.26
CA PRO A 8 -10.96 -14.84 -12.00
C PRO A 8 -10.47 -13.39 -11.93
N PRO A 9 -10.42 -12.84 -10.71
CA PRO A 9 -9.97 -11.46 -10.47
C PRO A 9 -8.47 -11.29 -10.73
N LYS A 10 -8.08 -10.08 -11.10
CA LYS A 10 -6.68 -9.77 -11.37
C LYS A 10 -6.41 -8.28 -11.23
N PHE A 11 -5.54 -7.93 -10.29
CA PHE A 11 -5.20 -6.52 -10.06
C PHE A 11 -4.23 -6.02 -11.12
N ASP A 12 -3.15 -6.77 -11.34
CA ASP A 12 -2.15 -6.40 -12.34
C ASP A 12 -2.22 -7.32 -13.55
N PRO A 13 -3.19 -7.06 -14.45
CA PRO A 13 -3.40 -7.84 -15.65
C PRO A 13 -2.27 -7.65 -16.67
N ASN A 14 -1.82 -6.40 -16.82
CA ASN A 14 -0.75 -6.08 -17.75
C ASN A 14 0.43 -5.43 -17.03
N GLU A 15 0.14 -4.36 -16.30
CA GLU A 15 1.17 -3.64 -15.56
C GLU A 15 0.85 -3.59 -14.07
N VAL A 16 1.86 -3.36 -13.26
CA VAL A 16 1.68 -3.29 -11.81
C VAL A 16 0.62 -2.27 -11.43
N LYS A 17 -0.13 -2.56 -10.38
CA LYS A 17 -1.19 -1.67 -9.91
C LYS A 17 -0.98 -1.30 -8.45
N VAL A 18 -1.36 -0.07 -8.10
CA VAL A 18 -1.23 0.41 -6.73
C VAL A 18 -2.56 0.37 -6.00
N VAL A 19 -2.51 0.07 -4.70
CA VAL A 19 -3.71 0.00 -3.89
C VAL A 19 -3.59 0.91 -2.66
N TYR A 20 -4.65 1.67 -2.40
CA TYR A 20 -4.67 2.58 -1.26
C TYR A 20 -5.48 1.99 -0.11
N LEU A 21 -4.91 2.03 1.10
CA LEU A 21 -5.57 1.51 2.28
C LEU A 21 -5.68 2.57 3.36
N ARG A 22 -6.80 2.59 4.07
CA ARG A 22 -7.02 3.55 5.13
C ARG A 22 -6.73 2.94 6.50
N CYS A 23 -5.74 3.49 7.20
CA CYS A 23 -5.36 2.99 8.51
C CYS A 23 -4.58 4.05 9.29
N THR A 24 -4.40 3.81 10.58
CA THR A 24 -3.67 4.74 11.43
C THR A 24 -2.17 4.48 11.38
N GLY A 25 -1.38 5.56 11.43
CA GLY A 25 0.06 5.43 11.38
C GLY A 25 0.60 4.57 12.51
N GLY A 26 0.95 3.33 12.20
CA GLY A 26 1.48 2.43 13.20
C GLY A 26 0.39 1.73 13.98
N GLU A 27 -0.44 0.96 13.30
CA GLU A 27 -1.53 0.23 13.93
C GLU A 27 -1.34 -1.27 13.79
N VAL A 28 -0.68 -1.88 14.77
CA VAL A 28 -0.44 -3.32 14.75
C VAL A 28 -1.66 -4.08 14.28
N GLY A 29 -1.43 -5.17 13.54
CA GLY A 29 -2.53 -5.96 13.03
C GLY A 29 -3.70 -6.01 13.98
N ALA A 30 -4.91 -5.82 13.44
CA ALA A 30 -6.12 -5.83 14.25
C ALA A 30 -6.47 -7.26 14.69
N THR A 31 -5.71 -7.79 15.64
CA THR A 31 -5.94 -9.13 16.13
C THR A 31 -5.91 -10.15 15.00
N SER A 32 -4.84 -10.12 14.21
CA SER A 32 -4.68 -11.04 13.09
C SER A 32 -5.62 -10.66 11.95
N ALA A 33 -5.55 -9.40 11.53
CA ALA A 33 -6.39 -8.91 10.44
C ALA A 33 -5.68 -9.04 9.09
N LEU A 34 -4.35 -8.96 9.13
CA LEU A 34 -3.55 -9.06 7.90
C LEU A 34 -3.23 -10.52 7.60
N ALA A 35 -3.45 -11.39 8.57
CA ALA A 35 -3.19 -12.82 8.40
C ALA A 35 -3.95 -13.38 7.20
N PRO A 36 -5.28 -13.22 7.23
CA PRO A 36 -6.16 -13.71 6.16
C PRO A 36 -6.00 -12.91 4.88
N LYS A 37 -5.49 -11.69 5.01
CA LYS A 37 -5.28 -10.81 3.85
C LYS A 37 -4.14 -11.33 2.98
N ILE A 38 -3.03 -11.68 3.62
CA ILE A 38 -1.87 -12.18 2.90
C ILE A 38 -1.83 -13.70 2.93
N GLY A 39 -2.85 -14.32 3.52
CA GLY A 39 -2.91 -15.76 3.60
C GLY A 39 -2.69 -16.43 2.26
N PRO A 40 -3.55 -16.11 1.28
CA PRO A 40 -3.46 -16.67 -0.07
C PRO A 40 -2.25 -16.14 -0.84
N LEU A 41 -1.82 -14.94 -0.49
CA LEU A 41 -0.67 -14.32 -1.14
C LEU A 41 0.60 -15.11 -0.87
N GLY A 42 0.88 -15.34 0.40
CA GLY A 42 2.07 -16.08 0.79
C GLY A 42 2.90 -15.36 1.84
N LEU A 43 3.34 -14.15 1.51
CA LEU A 43 4.15 -13.36 2.44
C LEU A 43 3.52 -13.34 3.82
N SER A 44 4.32 -12.96 4.82
CA SER A 44 3.83 -12.90 6.20
C SER A 44 3.39 -11.48 6.56
N PRO A 45 2.34 -11.39 7.37
CA PRO A 45 1.79 -10.09 7.80
C PRO A 45 2.72 -9.36 8.76
N LYS A 46 3.61 -10.11 9.41
CA LYS A 46 4.56 -9.54 10.35
C LYS A 46 5.59 -8.67 9.62
N LYS A 47 6.23 -9.23 8.60
CA LYS A 47 7.23 -8.50 7.83
C LYS A 47 6.61 -7.27 7.17
N VAL A 48 5.46 -7.45 6.55
CA VAL A 48 4.76 -6.35 5.89
C VAL A 48 4.24 -5.34 6.90
N GLY A 49 3.65 -5.84 7.98
CA GLY A 49 3.13 -4.95 9.01
C GLY A 49 4.20 -4.12 9.67
N ASP A 50 5.36 -4.73 9.90
CA ASP A 50 6.47 -4.03 10.53
C ASP A 50 7.00 -2.92 9.62
N ASP A 51 6.97 -3.16 8.32
CA ASP A 51 7.44 -2.18 7.35
C ASP A 51 6.63 -0.89 7.45
N ILE A 52 5.31 -1.02 7.51
CA ILE A 52 4.43 0.14 7.60
C ILE A 52 4.56 0.81 8.97
N ALA A 53 4.56 0.00 10.02
CA ALA A 53 4.68 0.52 11.38
C ALA A 53 5.94 1.37 11.54
N LYS A 54 7.06 0.84 11.06
CA LYS A 54 8.33 1.55 11.15
C LYS A 54 8.31 2.81 10.29
N ALA A 55 7.70 2.71 9.11
CA ALA A 55 7.61 3.84 8.20
C ALA A 55 6.90 5.02 8.85
N THR A 56 5.86 4.72 9.62
CA THR A 56 5.10 5.75 10.29
C THR A 56 5.56 5.93 11.74
N GLY A 57 6.80 5.54 12.01
CA GLY A 57 7.34 5.66 13.35
C GLY A 57 7.58 7.10 13.74
N ASP A 58 8.06 7.91 12.80
CA ASP A 58 8.33 9.32 13.06
C ASP A 58 7.02 10.10 13.25
N TRP A 59 5.97 9.63 12.60
CA TRP A 59 4.66 10.29 12.70
C TRP A 59 3.59 9.29 13.11
N LYS A 60 3.89 8.48 14.11
CA LYS A 60 2.95 7.48 14.60
C LYS A 60 1.77 8.14 15.32
N GLY A 61 0.59 7.56 15.17
CA GLY A 61 -0.59 8.11 15.81
C GLY A 61 -1.33 9.09 14.91
N LEU A 62 -0.66 9.55 13.86
CA LEU A 62 -1.24 10.50 12.93
C LEU A 62 -1.78 9.79 11.69
N ARG A 63 -2.84 10.36 11.11
CA ARG A 63 -3.44 9.77 9.92
C ARG A 63 -2.65 10.15 8.66
N ILE A 64 -2.34 9.14 7.85
CA ILE A 64 -1.59 9.36 6.63
C ILE A 64 -1.96 8.34 5.56
N THR A 65 -1.72 8.68 4.30
CA THR A 65 -2.02 7.80 3.19
C THR A 65 -0.78 7.05 2.73
N VAL A 66 -0.92 5.73 2.58
CA VAL A 66 0.20 4.89 2.14
C VAL A 66 -0.13 4.18 0.83
N LYS A 67 0.87 4.09 -0.04
CA LYS A 67 0.69 3.44 -1.34
C LYS A 67 1.36 2.06 -1.35
N LEU A 68 0.55 1.02 -1.52
CA LEU A 68 1.07 -0.34 -1.56
C LEU A 68 1.12 -0.86 -2.99
N THR A 69 2.33 -1.15 -3.47
CA THR A 69 2.52 -1.65 -4.83
C THR A 69 3.14 -3.04 -4.80
N ILE A 70 2.52 -3.96 -5.55
CA ILE A 70 3.02 -5.34 -5.62
C ILE A 70 3.74 -5.59 -6.94
N GLN A 71 4.99 -6.00 -6.84
CA GLN A 71 5.79 -6.28 -8.03
C GLN A 71 6.77 -7.43 -7.77
N ASN A 72 6.64 -8.50 -8.56
CA ASN A 72 7.51 -9.67 -8.41
C ASN A 72 7.41 -10.25 -7.01
N ARG A 73 6.18 -10.35 -6.50
CA ARG A 73 5.93 -10.89 -5.17
C ARG A 73 6.60 -10.03 -4.11
N GLN A 74 6.70 -8.73 -4.38
CA GLN A 74 7.31 -7.79 -3.44
C GLN A 74 6.36 -6.66 -3.09
N ALA A 75 6.36 -6.26 -1.82
CA ALA A 75 5.50 -5.18 -1.36
C ALA A 75 6.30 -3.91 -1.06
N GLN A 76 5.83 -2.78 -1.56
CA GLN A 76 6.51 -1.50 -1.35
C GLN A 76 5.60 -0.53 -0.62
N ILE A 77 6.18 0.27 0.27
CA ILE A 77 5.43 1.26 1.04
C ILE A 77 5.96 2.67 0.79
N GLU A 78 5.05 3.61 0.60
CA GLU A 78 5.43 4.99 0.35
C GLU A 78 4.36 5.96 0.90
N VAL A 79 4.82 7.01 1.56
CA VAL A 79 3.92 8.01 2.13
C VAL A 79 3.80 9.23 1.22
N VAL A 80 2.56 9.60 0.90
CA VAL A 80 2.31 10.76 0.05
C VAL A 80 2.42 12.06 0.84
N PRO A 81 2.94 13.10 0.17
CA PRO A 81 3.11 14.42 0.79
C PRO A 81 1.78 15.12 1.05
N SER A 82 0.92 15.14 0.04
CA SER A 82 -0.39 15.77 0.16
C SER A 82 -1.24 15.52 -1.08
N ALA A 83 -2.48 15.13 -0.87
CA ALA A 83 -3.40 14.85 -1.97
C ALA A 83 -3.18 15.81 -3.13
N SER A 84 -3.16 15.28 -4.34
CA SER A 84 -2.95 16.09 -5.54
C SER A 84 -3.91 15.68 -6.65
N ALA A 85 -3.89 16.44 -7.74
CA ALA A 85 -4.76 16.16 -8.88
C ALA A 85 -4.57 14.73 -9.36
N LEU A 86 -3.33 14.39 -9.69
CA LEU A 86 -3.01 13.04 -10.17
C LEU A 86 -3.80 12.72 -11.44
N SER A 87 -3.82 13.66 -12.38
CA SER A 87 -4.54 13.47 -13.64
C SER A 87 -3.80 14.15 -14.79
N GLY A 88 -3.44 13.36 -15.80
CA GLY A 88 -2.74 13.89 -16.95
C GLY A 88 -3.47 13.63 -18.25
N PRO A 89 -3.37 14.58 -19.19
CA PRO A 89 -4.01 14.47 -20.50
C PRO A 89 -3.39 13.40 -21.38
N SER A 90 -2.27 12.84 -20.91
CA SER A 90 -1.57 11.80 -21.65
C SER A 90 -2.56 10.80 -22.24
N SER A 91 -2.60 10.72 -23.57
CA SER A 91 -3.50 9.81 -24.25
C SER A 91 -2.84 8.45 -24.48
N GLY A 92 -3.52 7.39 -24.08
CA GLY A 92 -2.97 6.05 -24.25
C GLY A 92 -3.65 5.29 -25.37
N GLY A 1 -23.64 6.16 -20.35
CA GLY A 1 -24.28 6.98 -19.35
C GLY A 1 -25.24 6.19 -18.49
N SER A 2 -24.74 5.13 -17.85
CA SER A 2 -25.57 4.29 -17.00
C SER A 2 -25.42 4.70 -15.53
N SER A 3 -26.51 4.60 -14.78
CA SER A 3 -26.52 4.97 -13.37
C SER A 3 -25.39 4.25 -12.64
N GLY A 4 -25.19 2.97 -12.94
CA GLY A 4 -24.15 2.20 -12.30
C GLY A 4 -22.81 2.36 -12.97
N SER A 5 -22.59 1.63 -14.05
CA SER A 5 -21.34 1.69 -14.79
C SER A 5 -20.16 1.83 -13.84
N SER A 6 -20.19 1.05 -12.76
CA SER A 6 -19.12 1.09 -11.77
C SER A 6 -18.62 -0.33 -11.45
N GLY A 7 -17.31 -0.46 -11.29
CA GLY A 7 -16.73 -1.76 -10.98
C GLY A 7 -15.44 -1.65 -10.19
N PRO A 8 -15.20 -2.64 -9.33
CA PRO A 8 -13.99 -2.67 -8.48
C PRO A 8 -12.72 -2.93 -9.30
N PRO A 9 -11.57 -2.52 -8.76
CA PRO A 9 -10.27 -2.69 -9.41
C PRO A 9 -9.84 -4.15 -9.46
N LYS A 10 -8.84 -4.44 -10.28
CA LYS A 10 -8.34 -5.80 -10.43
C LYS A 10 -6.81 -5.83 -10.42
N PHE A 11 -6.24 -6.89 -9.89
CA PHE A 11 -4.78 -7.03 -9.82
C PHE A 11 -4.29 -8.03 -10.88
N ASP A 12 -3.43 -7.54 -11.76
CA ASP A 12 -2.87 -8.38 -12.81
C ASP A 12 -1.34 -8.34 -12.80
N PRO A 13 -0.71 -9.48 -13.11
CA PRO A 13 0.74 -9.59 -13.14
C PRO A 13 1.37 -8.83 -14.30
N ASN A 14 0.59 -8.63 -15.36
CA ASN A 14 1.05 -7.91 -16.53
C ASN A 14 1.68 -6.57 -16.14
N GLU A 15 0.84 -5.67 -15.63
CA GLU A 15 1.31 -4.34 -15.22
C GLU A 15 1.27 -4.21 -13.71
N VAL A 16 2.01 -3.23 -13.17
CA VAL A 16 2.05 -2.99 -11.74
C VAL A 16 0.74 -2.38 -11.24
N LYS A 17 0.35 -2.75 -10.02
CA LYS A 17 -0.88 -2.25 -9.44
C LYS A 17 -0.61 -1.63 -8.06
N VAL A 18 -1.22 -0.49 -7.80
CA VAL A 18 -1.05 0.20 -6.52
C VAL A 18 -2.32 0.14 -5.69
N VAL A 19 -2.16 0.04 -4.37
CA VAL A 19 -3.31 -0.01 -3.47
C VAL A 19 -3.20 1.05 -2.39
N TYR A 20 -4.27 1.83 -2.24
CA TYR A 20 -4.30 2.90 -1.24
C TYR A 20 -5.19 2.51 -0.06
N LEU A 21 -4.64 2.64 1.14
CA LEU A 21 -5.38 2.31 2.36
C LEU A 21 -4.96 3.22 3.51
N ARG A 22 -5.95 3.67 4.27
CA ARG A 22 -5.69 4.56 5.41
C ARG A 22 -5.61 3.75 6.71
N CYS A 23 -4.57 4.03 7.50
CA CYS A 23 -4.37 3.34 8.76
C CYS A 23 -3.57 4.19 9.73
N THR A 24 -3.68 3.88 11.03
CA THR A 24 -2.97 4.63 12.06
C THR A 24 -1.50 4.20 12.12
N GLY A 25 -0.61 5.17 12.33
CA GLY A 25 0.80 4.87 12.42
C GLY A 25 1.13 3.98 13.60
N GLY A 26 1.91 2.94 13.35
CA GLY A 26 2.28 2.02 14.41
C GLY A 26 1.12 1.18 14.89
N GLU A 27 0.31 0.70 13.96
CA GLU A 27 -0.85 -0.11 14.30
C GLU A 27 -0.49 -1.60 14.28
N VAL A 28 0.64 -1.94 14.87
CA VAL A 28 1.10 -3.33 14.91
C VAL A 28 0.41 -4.10 16.04
N GLY A 29 0.08 -5.36 15.78
CA GLY A 29 -0.57 -6.17 16.78
C GLY A 29 -1.57 -7.14 16.17
N ALA A 30 -2.49 -6.62 15.37
CA ALA A 30 -3.50 -7.45 14.72
C ALA A 30 -2.94 -8.13 13.49
N THR A 31 -2.33 -9.30 13.69
CA THR A 31 -1.74 -10.06 12.59
C THR A 31 -2.68 -11.17 12.13
N SER A 32 -3.48 -11.68 13.06
CA SER A 32 -4.43 -12.75 12.76
C SER A 32 -5.42 -12.32 11.69
N ALA A 33 -5.70 -11.01 11.65
CA ALA A 33 -6.64 -10.46 10.68
C ALA A 33 -5.97 -10.27 9.32
N LEU A 34 -4.65 -10.13 9.33
CA LEU A 34 -3.89 -9.94 8.10
C LEU A 34 -3.40 -11.27 7.56
N ALA A 35 -3.59 -12.33 8.34
CA ALA A 35 -3.17 -13.67 7.93
C ALA A 35 -3.85 -14.09 6.64
N PRO A 36 -5.20 -14.10 6.65
CA PRO A 36 -5.99 -14.49 5.48
C PRO A 36 -5.91 -13.46 4.36
N LYS A 37 -5.61 -12.21 4.72
CA LYS A 37 -5.50 -11.14 3.74
C LYS A 37 -4.32 -11.38 2.80
N ILE A 38 -3.23 -11.91 3.35
CA ILE A 38 -2.04 -12.19 2.56
C ILE A 38 -1.86 -13.69 2.34
N GLY A 39 -2.71 -14.48 3.00
CA GLY A 39 -2.63 -15.93 2.87
C GLY A 39 -2.47 -16.36 1.42
N PRO A 40 -3.46 -16.03 0.59
CA PRO A 40 -3.46 -16.40 -0.83
C PRO A 40 -2.41 -15.60 -1.62
N LEU A 41 -2.02 -14.46 -1.08
CA LEU A 41 -1.02 -13.60 -1.73
C LEU A 41 0.34 -14.29 -1.75
N GLY A 42 0.87 -14.56 -0.56
CA GLY A 42 2.17 -15.20 -0.47
C GLY A 42 3.04 -14.60 0.62
N LEU A 43 3.30 -13.30 0.52
CA LEU A 43 4.12 -12.59 1.49
C LEU A 43 3.61 -12.85 2.92
N SER A 44 4.32 -12.30 3.89
CA SER A 44 3.94 -12.46 5.29
C SER A 44 3.34 -11.17 5.84
N PRO A 45 2.33 -11.32 6.72
CA PRO A 45 1.66 -10.18 7.34
C PRO A 45 2.54 -9.45 8.35
N LYS A 46 3.34 -10.21 9.09
CA LYS A 46 4.24 -9.64 10.08
C LYS A 46 5.26 -8.71 9.43
N LYS A 47 5.88 -9.20 8.37
CA LYS A 47 6.88 -8.41 7.65
C LYS A 47 6.25 -7.16 7.05
N VAL A 48 5.10 -7.32 6.41
CA VAL A 48 4.40 -6.20 5.80
C VAL A 48 3.91 -5.21 6.86
N GLY A 49 3.45 -5.74 7.98
CA GLY A 49 2.96 -4.89 9.05
C GLY A 49 4.06 -4.07 9.69
N ASP A 50 5.21 -4.71 9.92
CA ASP A 50 6.35 -4.04 10.53
C ASP A 50 6.91 -2.96 9.61
N ASP A 51 6.85 -3.22 8.31
CA ASP A 51 7.35 -2.27 7.31
C ASP A 51 6.56 -0.95 7.38
N ILE A 52 5.25 -1.06 7.43
CA ILE A 52 4.39 0.12 7.49
C ILE A 52 4.59 0.87 8.80
N ALA A 53 4.71 0.12 9.90
CA ALA A 53 4.90 0.73 11.22
C ALA A 53 6.18 1.55 11.25
N LYS A 54 7.23 1.04 10.62
CA LYS A 54 8.51 1.72 10.57
C LYS A 54 8.40 3.05 9.82
N ALA A 55 7.62 3.05 8.75
CA ALA A 55 7.42 4.24 7.94
C ALA A 55 6.63 5.30 8.72
N THR A 56 5.68 4.86 9.53
CA THR A 56 4.87 5.76 10.33
C THR A 56 5.45 5.95 11.72
N GLY A 57 6.75 5.72 11.84
CA GLY A 57 7.42 5.88 13.12
C GLY A 57 7.49 7.32 13.58
N ASP A 58 7.79 8.22 12.64
CA ASP A 58 7.90 9.64 12.95
C ASP A 58 6.52 10.21 13.31
N TRP A 59 5.47 9.59 12.78
CA TRP A 59 4.11 10.04 13.05
C TRP A 59 3.21 8.87 13.42
N LYS A 60 3.69 8.04 14.35
CA LYS A 60 2.93 6.88 14.80
C LYS A 60 1.65 7.32 15.50
N GLY A 61 0.61 7.57 14.71
CA GLY A 61 -0.67 7.97 15.27
C GLY A 61 -1.51 8.77 14.28
N LEU A 62 -0.88 9.72 13.60
CA LEU A 62 -1.58 10.55 12.62
C LEU A 62 -2.01 9.71 11.41
N ARG A 63 -3.19 10.00 10.89
CA ARG A 63 -3.71 9.28 9.73
C ARG A 63 -3.10 9.82 8.44
N ILE A 64 -2.53 8.93 7.64
CA ILE A 64 -1.92 9.31 6.38
C ILE A 64 -2.22 8.29 5.29
N THR A 65 -2.12 8.73 4.04
CA THR A 65 -2.39 7.86 2.90
C THR A 65 -1.12 7.19 2.41
N VAL A 66 -1.11 5.86 2.39
CA VAL A 66 0.05 5.10 1.94
C VAL A 66 -0.30 4.22 0.74
N LYS A 67 0.63 4.13 -0.21
CA LYS A 67 0.42 3.32 -1.41
C LYS A 67 1.31 2.08 -1.38
N LEU A 68 0.70 0.92 -1.58
CA LEU A 68 1.44 -0.34 -1.60
C LEU A 68 1.50 -0.93 -3.00
N THR A 69 2.72 -1.15 -3.49
CA THR A 69 2.91 -1.70 -4.83
C THR A 69 3.52 -3.10 -4.75
N ILE A 70 2.75 -4.10 -5.18
CA ILE A 70 3.21 -5.48 -5.16
C ILE A 70 3.41 -6.00 -6.58
N GLN A 71 4.64 -6.44 -6.88
CA GLN A 71 4.96 -6.96 -8.20
C GLN A 71 5.99 -8.09 -8.10
N ASN A 72 5.71 -9.20 -8.78
CA ASN A 72 6.61 -10.34 -8.76
C ASN A 72 6.96 -10.75 -7.33
N ARG A 73 5.96 -10.72 -6.46
CA ARG A 73 6.15 -11.09 -5.06
C ARG A 73 7.03 -10.07 -4.36
N GLN A 74 6.67 -8.79 -4.47
CA GLN A 74 7.44 -7.72 -3.84
C GLN A 74 6.52 -6.82 -3.01
N ALA A 75 7.13 -6.02 -2.13
CA ALA A 75 6.37 -5.11 -1.29
C ALA A 75 7.01 -3.73 -1.25
N GLN A 76 6.19 -2.70 -1.42
CA GLN A 76 6.68 -1.33 -1.41
C GLN A 76 5.80 -0.43 -0.55
N ILE A 77 6.43 0.39 0.28
CA ILE A 77 5.70 1.29 1.17
C ILE A 77 6.16 2.73 0.97
N GLU A 78 5.19 3.65 0.90
CA GLU A 78 5.50 5.06 0.71
C GLU A 78 4.41 5.94 1.34
N VAL A 79 4.82 7.08 1.86
CA VAL A 79 3.87 8.01 2.49
C VAL A 79 3.69 9.26 1.64
N VAL A 80 2.46 9.50 1.21
CA VAL A 80 2.16 10.68 0.40
C VAL A 80 1.95 11.92 1.26
N PRO A 81 2.27 13.09 0.70
CA PRO A 81 2.12 14.37 1.40
C PRO A 81 0.66 14.74 1.62
N SER A 82 0.33 15.13 2.85
CA SER A 82 -1.04 15.51 3.18
C SER A 82 -1.48 16.73 2.37
N ALA A 83 -2.68 16.65 1.80
CA ALA A 83 -3.22 17.73 1.00
C ALA A 83 -4.73 17.85 1.17
N SER A 84 -5.17 18.90 1.87
CA SER A 84 -6.59 19.11 2.12
C SER A 84 -7.07 20.36 1.40
N ALA A 85 -8.38 20.47 1.22
CA ALA A 85 -8.98 21.62 0.56
C ALA A 85 -8.29 22.92 0.97
N LEU A 86 -8.17 23.11 2.28
CA LEU A 86 -7.53 24.31 2.82
C LEU A 86 -8.04 25.56 2.12
N SER A 87 -9.36 25.61 1.90
CA SER A 87 -9.98 26.75 1.24
C SER A 87 -11.11 27.31 2.09
N GLY A 88 -10.75 28.17 3.04
CA GLY A 88 -11.75 28.77 3.91
C GLY A 88 -11.86 30.27 3.71
N PRO A 89 -12.24 30.69 2.50
CA PRO A 89 -12.39 32.10 2.17
C PRO A 89 -13.58 32.75 2.88
N SER A 90 -13.81 34.02 2.59
CA SER A 90 -14.91 34.76 3.18
C SER A 90 -16.26 34.22 2.69
N SER A 91 -16.74 33.15 3.31
CA SER A 91 -18.00 32.55 2.94
C SER A 91 -19.09 32.89 3.96
N GLY A 92 -20.31 32.43 3.68
CA GLY A 92 -21.43 32.70 4.57
C GLY A 92 -21.07 32.45 6.03
N GLY A 1 -10.68 19.37 -32.93
CA GLY A 1 -11.10 18.34 -32.00
C GLY A 1 -12.16 17.43 -32.59
N SER A 2 -11.86 16.14 -32.65
CA SER A 2 -12.78 15.16 -33.20
C SER A 2 -13.22 14.16 -32.13
N SER A 3 -14.44 13.62 -32.29
CA SER A 3 -14.97 12.67 -31.33
C SER A 3 -16.10 11.85 -31.96
N GLY A 4 -16.39 10.69 -31.36
CA GLY A 4 -17.44 9.84 -31.88
C GLY A 4 -17.43 8.46 -31.25
N SER A 5 -16.29 7.79 -31.32
CA SER A 5 -16.15 6.46 -30.75
C SER A 5 -14.82 6.30 -30.04
N SER A 6 -14.81 5.54 -28.95
CA SER A 6 -13.61 5.32 -28.16
C SER A 6 -13.63 3.95 -27.51
N GLY A 7 -12.79 3.04 -27.99
CA GLY A 7 -12.72 1.70 -27.44
C GLY A 7 -12.53 1.71 -25.94
N PRO A 8 -13.11 0.71 -25.25
CA PRO A 8 -13.00 0.57 -23.80
C PRO A 8 -11.60 0.19 -23.35
N PRO A 9 -11.24 0.61 -22.13
CA PRO A 9 -9.92 0.33 -21.56
C PRO A 9 -9.75 -1.15 -21.20
N LYS A 10 -8.53 -1.66 -21.37
CA LYS A 10 -8.23 -3.05 -21.06
C LYS A 10 -7.07 -3.16 -20.09
N PHE A 11 -7.23 -4.01 -19.07
CA PHE A 11 -6.19 -4.21 -18.07
C PHE A 11 -4.97 -4.89 -18.69
N ASP A 12 -3.93 -5.06 -17.87
CA ASP A 12 -2.70 -5.69 -18.33
C ASP A 12 -1.85 -6.16 -17.15
N PRO A 13 -1.19 -7.30 -17.31
CA PRO A 13 -0.33 -7.88 -16.27
C PRO A 13 0.94 -7.06 -16.05
N ASN A 14 1.60 -6.70 -17.14
CA ASN A 14 2.83 -5.92 -17.07
C ASN A 14 2.60 -4.61 -16.31
N GLU A 15 1.40 -4.05 -16.46
CA GLU A 15 1.06 -2.80 -15.80
C GLU A 15 0.73 -3.05 -14.32
N VAL A 16 1.69 -2.73 -13.46
CA VAL A 16 1.50 -2.91 -12.02
C VAL A 16 0.31 -2.12 -11.51
N LYS A 17 -0.18 -2.49 -10.33
CA LYS A 17 -1.33 -1.81 -9.73
C LYS A 17 -1.00 -1.32 -8.33
N VAL A 18 -1.51 -0.15 -7.97
CA VAL A 18 -1.28 0.42 -6.65
C VAL A 18 -2.49 0.24 -5.75
N VAL A 19 -2.24 0.01 -4.47
CA VAL A 19 -3.32 -0.17 -3.49
C VAL A 19 -3.33 0.95 -2.46
N TYR A 20 -4.53 1.42 -2.13
CA TYR A 20 -4.67 2.50 -1.16
C TYR A 20 -5.51 2.05 0.03
N LEU A 21 -5.04 2.34 1.22
CA LEU A 21 -5.74 1.97 2.45
C LEU A 21 -5.68 3.09 3.48
N ARG A 22 -6.77 3.27 4.23
CA ARG A 22 -6.84 4.31 5.25
C ARG A 22 -6.65 3.71 6.63
N CYS A 23 -5.59 4.14 7.31
CA CYS A 23 -5.28 3.66 8.65
C CYS A 23 -4.39 4.64 9.39
N THR A 24 -4.24 4.42 10.70
CA THR A 24 -3.40 5.28 11.53
C THR A 24 -1.96 4.81 11.52
N GLY A 25 -1.02 5.77 11.48
CA GLY A 25 0.39 5.43 11.48
C GLY A 25 0.82 4.75 12.76
N GLY A 26 2.00 4.14 12.73
CA GLY A 26 2.51 3.45 13.91
C GLY A 26 1.41 2.76 14.69
N GLU A 27 0.67 1.89 14.03
CA GLU A 27 -0.42 1.16 14.67
C GLU A 27 -0.43 -0.29 14.22
N VAL A 28 -0.05 -1.19 15.12
CA VAL A 28 -0.01 -2.61 14.82
C VAL A 28 -1.42 -3.20 14.80
N GLY A 29 -2.16 -3.02 15.89
CA GLY A 29 -3.51 -3.54 15.97
C GLY A 29 -3.58 -4.86 16.70
N ALA A 30 -4.63 -5.05 17.48
CA ALA A 30 -4.82 -6.28 18.24
C ALA A 30 -5.52 -7.34 17.40
N THR A 31 -6.73 -7.03 16.95
CA THR A 31 -7.50 -7.96 16.14
C THR A 31 -6.78 -8.28 14.83
N SER A 32 -7.17 -9.39 14.20
CA SER A 32 -6.55 -9.81 12.95
C SER A 32 -7.36 -9.31 11.76
N ALA A 33 -6.88 -8.24 11.13
CA ALA A 33 -7.56 -7.67 9.97
C ALA A 33 -6.77 -7.91 8.70
N LEU A 34 -5.44 -7.82 8.81
CA LEU A 34 -4.56 -8.02 7.66
C LEU A 34 -4.31 -9.51 7.43
N ALA A 35 -4.37 -10.29 8.50
CA ALA A 35 -4.16 -11.73 8.40
C ALA A 35 -4.97 -12.34 7.28
N PRO A 36 -6.30 -12.14 7.34
CA PRO A 36 -7.23 -12.67 6.33
C PRO A 36 -7.09 -11.95 4.99
N LYS A 37 -6.51 -10.75 5.02
CA LYS A 37 -6.31 -9.97 3.82
C LYS A 37 -5.15 -10.51 2.99
N ILE A 38 -4.03 -10.77 3.65
CA ILE A 38 -2.84 -11.29 2.98
C ILE A 38 -2.81 -12.82 3.05
N GLY A 39 -3.72 -13.39 3.81
CA GLY A 39 -3.77 -14.84 3.96
C GLY A 39 -3.74 -15.55 2.62
N PRO A 40 -4.73 -15.26 1.76
CA PRO A 40 -4.82 -15.88 0.43
C PRO A 40 -3.73 -15.38 -0.51
N LEU A 41 -3.24 -14.18 -0.27
CA LEU A 41 -2.19 -13.59 -1.09
C LEU A 41 -0.92 -14.43 -1.04
N GLY A 42 -0.41 -14.65 0.18
CA GLY A 42 0.79 -15.44 0.34
C GLY A 42 1.71 -14.87 1.41
N LEU A 43 2.16 -13.64 1.21
CA LEU A 43 3.04 -12.98 2.16
C LEU A 43 2.47 -13.03 3.57
N SER A 44 3.24 -12.55 4.55
CA SER A 44 2.80 -12.54 5.93
C SER A 44 2.52 -11.12 6.41
N PRO A 45 1.49 -10.97 7.25
CA PRO A 45 1.10 -9.67 7.81
C PRO A 45 2.11 -9.12 8.79
N LYS A 46 2.88 -10.02 9.40
CA LYS A 46 3.90 -9.62 10.36
C LYS A 46 5.03 -8.86 9.68
N LYS A 47 5.58 -9.46 8.63
CA LYS A 47 6.68 -8.83 7.88
C LYS A 47 6.24 -7.50 7.29
N VAL A 48 5.06 -7.50 6.65
CA VAL A 48 4.53 -6.29 6.04
C VAL A 48 4.14 -5.27 7.09
N GLY A 49 3.48 -5.74 8.15
CA GLY A 49 3.05 -4.85 9.22
C GLY A 49 4.22 -4.17 9.91
N ASP A 50 5.26 -4.94 10.21
CA ASP A 50 6.44 -4.42 10.87
C ASP A 50 7.15 -3.39 9.99
N ASP A 51 7.17 -3.65 8.69
CA ASP A 51 7.82 -2.75 7.74
C ASP A 51 7.10 -1.39 7.71
N ILE A 52 5.78 -1.43 7.65
CA ILE A 52 4.99 -0.21 7.61
C ILE A 52 5.07 0.54 8.93
N ALA A 53 4.91 -0.19 10.03
CA ALA A 53 4.98 0.42 11.36
C ALA A 53 6.31 1.12 11.57
N LYS A 54 7.40 0.45 11.21
CA LYS A 54 8.74 1.02 11.36
C LYS A 54 8.94 2.19 10.41
N ALA A 55 8.42 2.06 9.20
CA ALA A 55 8.54 3.11 8.20
C ALA A 55 7.76 4.36 8.61
N THR A 56 6.58 4.15 9.18
CA THR A 56 5.73 5.25 9.62
C THR A 56 5.99 5.60 11.08
N GLY A 57 7.18 5.24 11.56
CA GLY A 57 7.53 5.52 12.94
C GLY A 57 7.35 6.99 13.31
N ASP A 58 7.59 7.86 12.34
CA ASP A 58 7.45 9.30 12.56
C ASP A 58 5.99 9.71 12.55
N TRP A 59 5.14 8.85 12.00
CA TRP A 59 3.71 9.12 11.92
C TRP A 59 2.95 8.37 13.01
N LYS A 60 3.60 8.19 14.16
CA LYS A 60 2.98 7.49 15.28
C LYS A 60 1.86 8.30 15.89
N GLY A 61 0.66 8.17 15.32
CA GLY A 61 -0.49 8.90 15.82
C GLY A 61 -1.14 9.76 14.74
N LEU A 62 -0.36 10.13 13.73
CA LEU A 62 -0.87 10.95 12.64
C LEU A 62 -1.43 10.08 11.51
N ARG A 63 -2.60 10.46 11.01
CA ARG A 63 -3.24 9.71 9.94
C ARG A 63 -2.68 10.12 8.58
N ILE A 64 -2.33 9.13 7.77
CA ILE A 64 -1.78 9.39 6.44
C ILE A 64 -2.16 8.28 5.47
N THR A 65 -2.14 8.60 4.18
CA THR A 65 -2.48 7.63 3.14
C THR A 65 -1.22 6.98 2.58
N VAL A 66 -1.15 5.65 2.66
CA VAL A 66 -0.01 4.91 2.15
C VAL A 66 -0.40 4.04 0.97
N LYS A 67 0.43 4.05 -0.07
CA LYS A 67 0.17 3.25 -1.26
C LYS A 67 1.05 2.01 -1.29
N LEU A 68 0.43 0.86 -1.52
CA LEU A 68 1.15 -0.41 -1.58
C LEU A 68 1.09 -1.01 -2.98
N THR A 69 2.26 -1.29 -3.54
CA THR A 69 2.35 -1.87 -4.88
C THR A 69 3.10 -3.19 -4.85
N ILE A 70 2.49 -4.22 -5.42
CA ILE A 70 3.09 -5.55 -5.48
C ILE A 70 3.73 -5.81 -6.83
N GLN A 71 5.04 -6.08 -6.83
CA GLN A 71 5.76 -6.36 -8.06
C GLN A 71 6.84 -7.40 -7.83
N ASN A 72 6.71 -8.55 -8.51
CA ASN A 72 7.68 -9.63 -8.38
C ASN A 72 7.85 -10.03 -6.91
N ARG A 73 6.73 -10.28 -6.24
CA ARG A 73 6.75 -10.68 -4.84
C ARG A 73 7.41 -9.59 -3.98
N GLN A 74 7.35 -8.36 -4.44
CA GLN A 74 7.94 -7.24 -3.72
C GLN A 74 6.89 -6.16 -3.42
N ALA A 75 6.94 -5.62 -2.21
CA ALA A 75 6.00 -4.59 -1.80
C ALA A 75 6.70 -3.25 -1.63
N GLN A 76 6.04 -2.17 -2.05
CA GLN A 76 6.60 -0.83 -1.95
C GLN A 76 5.78 0.02 -0.99
N ILE A 77 6.44 0.56 0.02
CA ILE A 77 5.78 1.40 1.02
C ILE A 77 6.26 2.85 0.92
N GLU A 78 5.32 3.77 0.76
CA GLU A 78 5.64 5.19 0.65
C GLU A 78 4.47 6.05 1.13
N VAL A 79 4.80 7.15 1.80
CA VAL A 79 3.77 8.06 2.32
C VAL A 79 3.51 9.19 1.32
N VAL A 80 2.23 9.44 1.06
CA VAL A 80 1.83 10.50 0.13
C VAL A 80 1.66 11.82 0.85
N PRO A 81 1.92 12.92 0.13
CA PRO A 81 1.80 14.28 0.68
C PRO A 81 0.35 14.67 0.96
N SER A 82 0.15 15.84 1.54
CA SER A 82 -1.18 16.33 1.86
C SER A 82 -1.87 16.89 0.61
N ALA A 83 -2.83 16.14 0.09
CA ALA A 83 -3.57 16.57 -1.10
C ALA A 83 -5.07 16.41 -0.90
N SER A 84 -5.83 16.73 -1.95
CA SER A 84 -7.29 16.62 -1.88
C SER A 84 -7.84 16.12 -3.22
N ALA A 85 -9.15 15.82 -3.22
CA ALA A 85 -9.80 15.33 -4.43
C ALA A 85 -9.37 16.13 -5.65
N LEU A 86 -9.62 17.43 -5.62
CA LEU A 86 -9.27 18.32 -6.72
C LEU A 86 -9.79 17.77 -8.04
N SER A 87 -11.05 17.35 -8.06
CA SER A 87 -11.67 16.81 -9.26
C SER A 87 -13.16 17.08 -9.27
N GLY A 88 -13.72 17.21 -10.47
CA GLY A 88 -15.14 17.48 -10.60
C GLY A 88 -15.67 17.19 -12.00
N PRO A 89 -15.55 18.17 -12.89
CA PRO A 89 -16.01 18.04 -14.29
C PRO A 89 -15.13 17.08 -15.09
N SER A 90 -15.52 15.81 -15.10
CA SER A 90 -14.77 14.79 -15.82
C SER A 90 -15.61 14.22 -16.97
N SER A 91 -14.95 13.91 -18.07
CA SER A 91 -15.63 13.36 -19.24
C SER A 91 -15.65 11.83 -19.19
N GLY A 92 -16.15 11.29 -18.08
CA GLY A 92 -16.22 9.86 -17.92
C GLY A 92 -17.57 9.39 -17.44
N GLY A 1 3.85 -20.30 -27.26
CA GLY A 1 2.59 -19.87 -26.69
C GLY A 1 2.68 -18.50 -26.07
N SER A 2 2.81 -18.46 -24.74
CA SER A 2 2.90 -17.19 -24.02
C SER A 2 4.25 -17.06 -23.34
N SER A 3 5.18 -16.37 -24.01
CA SER A 3 6.52 -16.17 -23.47
C SER A 3 6.77 -14.70 -23.18
N GLY A 4 6.83 -14.35 -21.90
CA GLY A 4 7.07 -12.97 -21.52
C GLY A 4 8.48 -12.51 -21.82
N SER A 5 9.37 -12.67 -20.84
CA SER A 5 10.77 -12.25 -21.01
C SER A 5 11.68 -13.11 -20.13
N SER A 6 12.67 -13.75 -20.76
CA SER A 6 13.61 -14.59 -20.04
C SER A 6 15.04 -14.03 -20.16
N GLY A 7 15.17 -12.72 -19.98
CA GLY A 7 16.46 -12.08 -20.06
C GLY A 7 16.65 -11.02 -19.00
N PRO A 8 16.38 -9.76 -19.39
CA PRO A 8 16.52 -8.62 -18.48
C PRO A 8 15.48 -8.61 -17.37
N PRO A 9 15.83 -8.06 -16.21
CA PRO A 9 14.94 -7.98 -15.05
C PRO A 9 13.78 -7.01 -15.27
N LYS A 10 12.65 -7.28 -14.63
CA LYS A 10 11.47 -6.43 -14.76
C LYS A 10 10.56 -6.58 -13.55
N PHE A 11 10.07 -5.45 -13.05
CA PHE A 11 9.18 -5.46 -11.89
C PHE A 11 7.74 -5.70 -12.31
N ASP A 12 7.36 -5.14 -13.45
CA ASP A 12 6.00 -5.29 -13.98
C ASP A 12 6.02 -6.01 -15.32
N PRO A 13 6.14 -7.35 -15.27
CA PRO A 13 6.17 -8.18 -16.48
C PRO A 13 4.81 -8.24 -17.18
N ASN A 14 3.76 -7.81 -16.47
CA ASN A 14 2.42 -7.81 -17.01
C ASN A 14 1.74 -6.47 -16.81
N GLU A 15 1.35 -6.19 -15.57
CA GLU A 15 0.68 -4.93 -15.23
C GLU A 15 1.06 -4.48 -13.82
N VAL A 16 0.55 -3.31 -13.43
CA VAL A 16 0.83 -2.77 -12.10
C VAL A 16 -0.42 -2.79 -11.22
N LYS A 17 -0.21 -2.90 -9.92
CA LYS A 17 -1.32 -2.93 -8.96
C LYS A 17 -1.01 -2.08 -7.74
N VAL A 18 -1.84 -1.07 -7.51
CA VAL A 18 -1.66 -0.19 -6.37
C VAL A 18 -2.85 -0.24 -5.42
N VAL A 19 -2.57 -0.28 -4.11
CA VAL A 19 -3.62 -0.34 -3.11
C VAL A 19 -3.64 0.93 -2.27
N TYR A 20 -4.83 1.49 -2.10
CA TYR A 20 -4.99 2.72 -1.31
C TYR A 20 -5.96 2.50 -0.16
N LEU A 21 -5.53 2.85 1.04
CA LEU A 21 -6.37 2.70 2.23
C LEU A 21 -6.13 3.84 3.22
N ARG A 22 -7.16 4.17 3.99
CA ARG A 22 -7.06 5.25 4.98
C ARG A 22 -7.06 4.68 6.39
N CYS A 23 -5.94 4.83 7.09
CA CYS A 23 -5.81 4.34 8.46
C CYS A 23 -4.82 5.19 9.25
N THR A 24 -4.80 4.99 10.57
CA THR A 24 -3.91 5.74 11.45
C THR A 24 -2.47 5.24 11.32
N GLY A 25 -1.53 6.17 11.32
CA GLY A 25 -0.12 5.79 11.22
C GLY A 25 0.45 5.34 12.54
N GLY A 26 1.37 4.38 12.49
CA GLY A 26 1.98 3.86 13.70
C GLY A 26 1.00 3.13 14.58
N GLU A 27 0.23 2.22 13.99
CA GLU A 27 -0.76 1.44 14.74
C GLU A 27 -0.29 0.01 14.94
N VAL A 28 -1.02 -0.74 15.75
CA VAL A 28 -0.70 -2.13 16.03
C VAL A 28 -1.64 -3.08 15.30
N GLY A 29 -1.08 -4.13 14.70
CA GLY A 29 -1.89 -5.09 13.98
C GLY A 29 -2.39 -6.21 14.87
N ALA A 30 -1.57 -7.25 15.03
CA ALA A 30 -1.93 -8.39 15.86
C ALA A 30 -3.20 -9.07 15.34
N THR A 31 -3.45 -8.94 14.05
CA THR A 31 -4.62 -9.53 13.42
C THR A 31 -4.25 -10.29 12.15
N SER A 32 -4.70 -11.54 12.07
CA SER A 32 -4.41 -12.37 10.91
C SER A 32 -5.34 -12.03 9.74
N ALA A 33 -5.45 -10.73 9.45
CA ALA A 33 -6.31 -10.26 8.37
C ALA A 33 -5.54 -10.23 7.06
N LEU A 34 -4.23 -9.99 7.13
CA LEU A 34 -3.39 -9.94 5.94
C LEU A 34 -2.89 -11.33 5.57
N ALA A 35 -3.18 -12.30 6.42
CA ALA A 35 -2.75 -13.68 6.19
C ALA A 35 -3.30 -14.20 4.86
N PRO A 36 -4.64 -14.18 4.72
CA PRO A 36 -5.32 -14.64 3.51
C PRO A 36 -5.07 -13.72 2.32
N LYS A 37 -4.75 -12.46 2.60
CA LYS A 37 -4.49 -11.49 1.56
C LYS A 37 -3.19 -11.80 0.83
N ILE A 38 -2.16 -12.13 1.58
CA ILE A 38 -0.86 -12.46 1.01
C ILE A 38 -0.68 -13.96 0.88
N GLY A 39 -1.57 -14.72 1.51
CA GLY A 39 -1.50 -16.17 1.45
C GLY A 39 -1.07 -16.67 0.08
N PRO A 40 -1.88 -16.34 -0.95
CA PRO A 40 -1.60 -16.75 -2.33
C PRO A 40 -0.39 -16.04 -2.91
N LEU A 41 -0.14 -14.81 -2.46
CA LEU A 41 0.99 -14.03 -2.94
C LEU A 41 2.31 -14.71 -2.61
N GLY A 42 2.60 -14.83 -1.32
CA GLY A 42 3.84 -15.47 -0.90
C GLY A 42 4.45 -14.80 0.32
N LEU A 43 4.67 -13.49 0.22
CA LEU A 43 5.26 -12.73 1.31
C LEU A 43 4.49 -12.95 2.61
N SER A 44 5.05 -12.47 3.72
CA SER A 44 4.41 -12.62 5.02
C SER A 44 3.85 -11.28 5.49
N PRO A 45 2.69 -11.35 6.17
CA PRO A 45 2.02 -10.15 6.69
C PRO A 45 2.77 -9.52 7.86
N LYS A 46 3.53 -10.34 8.57
CA LYS A 46 4.31 -9.87 9.70
C LYS A 46 5.44 -8.96 9.26
N LYS A 47 6.27 -9.45 8.34
CA LYS A 47 7.38 -8.67 7.82
C LYS A 47 6.89 -7.40 7.13
N VAL A 48 5.87 -7.55 6.28
CA VAL A 48 5.30 -6.41 5.56
C VAL A 48 4.57 -5.47 6.52
N GLY A 49 3.82 -6.04 7.45
CA GLY A 49 3.08 -5.23 8.41
C GLY A 49 4.00 -4.44 9.33
N ASP A 50 5.03 -5.10 9.83
CA ASP A 50 5.98 -4.45 10.74
C ASP A 50 6.75 -3.35 10.01
N ASP A 51 7.04 -3.59 8.73
CA ASP A 51 7.77 -2.62 7.93
C ASP A 51 7.02 -1.30 7.85
N ILE A 52 5.71 -1.38 7.65
CA ILE A 52 4.88 -0.18 7.55
C ILE A 52 4.88 0.60 8.87
N ALA A 53 4.70 -0.12 9.97
CA ALA A 53 4.68 0.50 11.29
C ALA A 53 6.01 1.21 11.58
N LYS A 54 7.11 0.52 11.32
CA LYS A 54 8.43 1.08 11.55
C LYS A 54 8.64 2.35 10.71
N ALA A 55 8.16 2.31 9.47
CA ALA A 55 8.30 3.45 8.58
C ALA A 55 7.40 4.61 9.02
N THR A 56 6.25 4.26 9.60
CA THR A 56 5.31 5.27 10.07
C THR A 56 5.55 5.63 11.52
N GLY A 57 6.75 5.30 12.01
CA GLY A 57 7.09 5.59 13.40
C GLY A 57 7.43 7.05 13.61
N ASP A 58 7.82 7.73 12.54
CA ASP A 58 8.18 9.15 12.61
C ASP A 58 6.95 10.00 12.92
N TRP A 59 5.78 9.52 12.53
CA TRP A 59 4.54 10.23 12.77
C TRP A 59 3.49 9.31 13.38
N LYS A 60 3.88 8.59 14.43
CA LYS A 60 2.97 7.67 15.10
C LYS A 60 1.83 8.44 15.78
N GLY A 61 0.61 8.20 15.31
CA GLY A 61 -0.54 8.88 15.88
C GLY A 61 -1.28 9.74 14.88
N LEU A 62 -0.55 10.18 13.85
CA LEU A 62 -1.14 11.03 12.82
C LEU A 62 -1.67 10.18 11.67
N ARG A 63 -2.73 10.66 11.02
CA ARG A 63 -3.33 9.95 9.90
C ARG A 63 -2.61 10.28 8.60
N ILE A 64 -2.34 9.25 7.81
CA ILE A 64 -1.65 9.42 6.53
C ILE A 64 -2.08 8.36 5.53
N THR A 65 -1.87 8.66 4.25
CA THR A 65 -2.23 7.73 3.17
C THR A 65 -1.02 6.96 2.69
N VAL A 66 -1.13 5.63 2.69
CA VAL A 66 -0.05 4.76 2.25
C VAL A 66 -0.47 3.92 1.04
N LYS A 67 0.38 3.88 0.02
CA LYS A 67 0.10 3.12 -1.19
C LYS A 67 1.03 1.92 -1.30
N LEU A 68 0.45 0.73 -1.35
CA LEU A 68 1.23 -0.50 -1.45
C LEU A 68 1.20 -1.04 -2.88
N THR A 69 2.38 -1.22 -3.47
CA THR A 69 2.50 -1.73 -4.83
C THR A 69 3.25 -3.06 -4.86
N ILE A 70 2.55 -4.12 -5.24
CA ILE A 70 3.15 -5.45 -5.32
C ILE A 70 3.66 -5.74 -6.73
N GLN A 71 4.95 -6.02 -6.83
CA GLN A 71 5.56 -6.33 -8.12
C GLN A 71 6.69 -7.34 -7.96
N ASN A 72 6.75 -8.29 -8.90
CA ASN A 72 7.78 -9.32 -8.85
C ASN A 72 7.89 -9.94 -7.47
N ARG A 73 6.75 -10.16 -6.83
CA ARG A 73 6.70 -10.75 -5.50
C ARG A 73 7.45 -9.85 -4.50
N GLN A 74 7.36 -8.55 -4.69
CA GLN A 74 8.02 -7.60 -3.82
C GLN A 74 7.02 -6.56 -3.29
N ALA A 75 7.17 -6.22 -2.01
CA ALA A 75 6.28 -5.24 -1.38
C ALA A 75 7.02 -3.92 -1.12
N GLN A 76 6.34 -2.82 -1.41
CA GLN A 76 6.92 -1.49 -1.21
C GLN A 76 5.99 -0.60 -0.43
N ILE A 77 6.55 0.21 0.45
CA ILE A 77 5.76 1.13 1.27
C ILE A 77 6.18 2.58 1.04
N GLU A 78 5.20 3.46 0.84
CA GLU A 78 5.47 4.87 0.61
C GLU A 78 4.31 5.73 1.09
N VAL A 79 4.63 6.88 1.67
CA VAL A 79 3.61 7.80 2.17
C VAL A 79 3.47 9.01 1.25
N VAL A 80 2.24 9.28 0.83
CA VAL A 80 1.97 10.41 -0.06
C VAL A 80 1.77 11.69 0.75
N PRO A 81 2.23 12.82 0.17
CA PRO A 81 2.11 14.13 0.82
C PRO A 81 0.67 14.63 0.88
N SER A 82 0.39 15.53 1.82
CA SER A 82 -0.95 16.07 1.98
C SER A 82 -0.93 17.27 2.93
N ALA A 83 -1.18 18.45 2.38
CA ALA A 83 -1.20 19.67 3.17
C ALA A 83 -2.43 19.72 4.07
N SER A 84 -3.60 19.54 3.48
CA SER A 84 -4.84 19.57 4.23
C SER A 84 -5.80 18.47 3.75
N ALA A 85 -6.91 18.31 4.45
CA ALA A 85 -7.91 17.30 4.09
C ALA A 85 -8.37 17.49 2.65
N LEU A 86 -7.96 16.57 1.78
CA LEU A 86 -8.33 16.63 0.37
C LEU A 86 -8.92 15.30 -0.08
N SER A 87 -10.25 15.23 -0.13
CA SER A 87 -10.94 14.03 -0.55
C SER A 87 -11.86 14.30 -1.73
N GLY A 88 -12.19 13.25 -2.49
CA GLY A 88 -13.05 13.41 -3.64
C GLY A 88 -12.34 13.13 -4.94
N PRO A 89 -11.82 14.19 -5.58
CA PRO A 89 -11.09 14.07 -6.85
C PRO A 89 -9.75 13.38 -6.69
N SER A 90 -9.32 13.21 -5.45
CA SER A 90 -8.04 12.55 -5.16
C SER A 90 -8.18 11.04 -5.25
N SER A 91 -8.16 10.51 -6.46
CA SER A 91 -8.29 9.08 -6.67
C SER A 91 -6.97 8.47 -7.13
N GLY A 92 -6.96 7.15 -7.35
CA GLY A 92 -5.76 6.48 -7.80
C GLY A 92 -4.57 6.77 -6.90
N GLY A 1 -19.36 -34.65 -7.10
CA GLY A 1 -18.15 -34.85 -7.88
C GLY A 1 -18.43 -35.30 -9.30
N SER A 2 -18.16 -34.43 -10.26
CA SER A 2 -18.39 -34.75 -11.67
C SER A 2 -17.70 -33.74 -12.58
N SER A 3 -17.36 -34.18 -13.78
CA SER A 3 -16.68 -33.31 -14.75
C SER A 3 -17.42 -32.00 -14.90
N GLY A 4 -16.82 -30.92 -14.39
CA GLY A 4 -17.44 -29.61 -14.48
C GLY A 4 -16.91 -28.64 -13.44
N SER A 5 -16.11 -27.68 -13.88
CA SER A 5 -15.54 -26.69 -12.98
C SER A 5 -16.46 -25.48 -12.83
N SER A 6 -17.21 -25.45 -11.74
CA SER A 6 -18.14 -24.35 -11.49
C SER A 6 -17.39 -23.11 -11.01
N GLY A 7 -17.08 -22.22 -11.96
CA GLY A 7 -16.36 -21.01 -11.63
C GLY A 7 -16.22 -20.07 -12.82
N PRO A 8 -16.24 -18.76 -12.55
CA PRO A 8 -16.13 -17.74 -13.59
C PRO A 8 -14.73 -17.68 -14.20
N PRO A 9 -14.64 -17.15 -15.42
CA PRO A 9 -13.36 -17.04 -16.14
C PRO A 9 -12.45 -15.98 -15.51
N LYS A 10 -11.39 -16.45 -14.84
CA LYS A 10 -10.44 -15.55 -14.19
C LYS A 10 -9.32 -15.18 -15.16
N PHE A 11 -9.02 -13.88 -15.23
CA PHE A 11 -7.96 -13.40 -16.12
C PHE A 11 -6.82 -12.79 -15.31
N ASP A 12 -5.73 -12.47 -15.99
CA ASP A 12 -4.57 -11.87 -15.33
C ASP A 12 -4.41 -10.41 -15.73
N PRO A 13 -3.94 -9.59 -14.77
CA PRO A 13 -3.74 -8.15 -14.99
C PRO A 13 -2.57 -7.87 -15.94
N ASN A 14 -1.42 -8.48 -15.64
CA ASN A 14 -0.24 -8.30 -16.47
C ASN A 14 0.21 -6.84 -16.45
N GLU A 15 0.06 -6.19 -15.31
CA GLU A 15 0.46 -4.79 -15.17
C GLU A 15 0.54 -4.39 -13.70
N VAL A 16 1.31 -3.35 -13.40
CA VAL A 16 1.48 -2.87 -12.04
C VAL A 16 0.15 -2.39 -11.46
N LYS A 17 -0.07 -2.68 -10.19
CA LYS A 17 -1.29 -2.27 -9.51
C LYS A 17 -0.99 -1.65 -8.15
N VAL A 18 -1.66 -0.54 -7.85
CA VAL A 18 -1.47 0.15 -6.58
C VAL A 18 -2.72 0.10 -5.73
N VAL A 19 -2.54 -0.14 -4.43
CA VAL A 19 -3.67 -0.22 -3.51
C VAL A 19 -3.47 0.73 -2.32
N TYR A 20 -4.50 1.51 -2.02
CA TYR A 20 -4.43 2.46 -0.91
C TYR A 20 -5.30 1.99 0.26
N LEU A 21 -4.82 2.23 1.47
CA LEU A 21 -5.54 1.83 2.68
C LEU A 21 -5.54 2.95 3.71
N ARG A 22 -6.47 2.88 4.65
CA ARG A 22 -6.57 3.89 5.70
C ARG A 22 -6.22 3.30 7.06
N CYS A 23 -5.26 3.93 7.74
CA CYS A 23 -4.83 3.46 9.05
C CYS A 23 -4.13 4.58 9.82
N THR A 24 -3.89 4.35 11.11
CA THR A 24 -3.22 5.34 11.95
C THR A 24 -1.75 5.00 12.13
N GLY A 25 -0.89 6.01 12.02
CA GLY A 25 0.53 5.80 12.17
C GLY A 25 0.89 5.27 13.54
N GLY A 26 2.01 4.55 13.61
CA GLY A 26 2.45 3.99 14.88
C GLY A 26 1.35 3.21 15.58
N GLU A 27 0.53 2.51 14.80
CA GLU A 27 -0.56 1.72 15.36
C GLU A 27 -0.70 0.39 14.62
N VAL A 28 -1.21 -0.62 15.33
CA VAL A 28 -1.39 -1.94 14.74
C VAL A 28 -2.81 -2.11 14.19
N GLY A 29 -2.90 -2.69 13.00
CA GLY A 29 -4.20 -2.90 12.39
C GLY A 29 -5.12 -3.77 13.23
N ALA A 30 -6.13 -4.34 12.60
CA ALA A 30 -7.08 -5.19 13.31
C ALA A 30 -6.49 -6.58 13.55
N THR A 31 -7.17 -7.38 14.37
CA THR A 31 -6.72 -8.73 14.68
C THR A 31 -6.73 -9.62 13.44
N SER A 32 -5.55 -9.86 12.88
CA SER A 32 -5.42 -10.69 11.69
C SER A 32 -6.28 -10.14 10.55
N ALA A 33 -6.10 -8.84 10.27
CA ALA A 33 -6.86 -8.20 9.20
C ALA A 33 -6.08 -8.22 7.89
N LEU A 34 -4.76 -8.24 7.99
CA LEU A 34 -3.90 -8.27 6.81
C LEU A 34 -3.59 -9.70 6.38
N ALA A 35 -3.56 -10.61 7.36
CA ALA A 35 -3.28 -12.00 7.08
C ALA A 35 -4.07 -12.49 5.86
N PRO A 36 -5.39 -12.36 5.91
CA PRO A 36 -6.28 -12.78 4.83
C PRO A 36 -6.15 -11.89 3.59
N LYS A 37 -5.67 -10.66 3.81
CA LYS A 37 -5.49 -9.71 2.72
C LYS A 37 -4.30 -10.09 1.84
N ILE A 38 -3.19 -10.44 2.49
CA ILE A 38 -1.98 -10.84 1.78
C ILE A 38 -1.97 -12.34 1.50
N GLY A 39 -2.88 -13.06 2.15
CA GLY A 39 -2.96 -14.50 1.95
C GLY A 39 -2.73 -14.90 0.51
N PRO A 40 -3.60 -14.42 -0.39
CA PRO A 40 -3.51 -14.72 -1.82
C PRO A 40 -2.30 -14.06 -2.48
N LEU A 41 -1.90 -12.91 -1.95
CA LEU A 41 -0.75 -12.17 -2.49
C LEU A 41 0.52 -13.01 -2.40
N GLY A 42 0.79 -13.54 -1.21
CA GLY A 42 1.98 -14.35 -1.03
C GLY A 42 2.82 -13.89 0.15
N LEU A 43 3.29 -12.65 0.08
CA LEU A 43 4.12 -12.08 1.16
C LEU A 43 3.50 -12.36 2.52
N SER A 44 4.27 -12.08 3.57
CA SER A 44 3.81 -12.31 4.93
C SER A 44 3.38 -11.00 5.59
N PRO A 45 2.31 -11.06 6.40
CA PRO A 45 1.78 -9.89 7.10
C PRO A 45 2.72 -9.41 8.21
N LYS A 46 3.52 -10.33 8.73
CA LYS A 46 4.46 -10.00 9.80
C LYS A 46 5.59 -9.11 9.28
N LYS A 47 6.25 -9.57 8.23
CA LYS A 47 7.36 -8.81 7.63
C LYS A 47 6.87 -7.47 7.11
N VAL A 48 5.75 -7.49 6.38
CA VAL A 48 5.19 -6.27 5.82
C VAL A 48 4.62 -5.38 6.91
N GLY A 49 3.88 -5.98 7.85
CA GLY A 49 3.29 -5.22 8.94
C GLY A 49 4.35 -4.53 9.79
N ASP A 50 5.42 -5.25 10.10
CA ASP A 50 6.50 -4.71 10.91
C ASP A 50 7.20 -3.57 10.20
N ASP A 51 7.36 -3.70 8.88
CA ASP A 51 8.02 -2.69 8.07
C ASP A 51 7.21 -1.40 8.06
N ILE A 52 5.89 -1.54 7.93
CA ILE A 52 5.00 -0.38 7.90
C ILE A 52 4.94 0.31 9.26
N ALA A 53 4.77 -0.49 10.32
CA ALA A 53 4.70 0.04 11.67
C ALA A 53 5.96 0.85 12.00
N LYS A 54 7.12 0.29 11.68
CA LYS A 54 8.39 0.96 11.95
C LYS A 54 8.52 2.22 11.10
N ALA A 55 8.02 2.15 9.87
CA ALA A 55 8.09 3.28 8.96
C ALA A 55 7.22 4.44 9.45
N THR A 56 6.04 4.12 9.96
CA THR A 56 5.11 5.12 10.46
C THR A 56 5.36 5.40 11.95
N GLY A 57 6.58 5.12 12.40
CA GLY A 57 6.92 5.35 13.79
C GLY A 57 6.77 6.80 14.20
N ASP A 58 7.36 7.69 13.41
CA ASP A 58 7.28 9.13 13.70
C ASP A 58 5.90 9.68 13.37
N TRP A 59 5.19 8.99 12.48
CA TRP A 59 3.85 9.40 12.08
C TRP A 59 2.81 8.92 13.09
N LYS A 60 3.26 8.60 14.30
CA LYS A 60 2.36 8.13 15.35
C LYS A 60 1.29 9.17 15.66
N GLY A 61 0.04 8.85 15.32
CA GLY A 61 -1.05 9.77 15.57
C GLY A 61 -1.41 10.59 14.35
N LEU A 62 -0.53 10.59 13.36
CA LEU A 62 -0.76 11.35 12.13
C LEU A 62 -1.34 10.46 11.04
N ARG A 63 -2.52 10.82 10.55
CA ARG A 63 -3.18 10.05 9.50
C ARG A 63 -2.70 10.47 8.13
N ILE A 64 -2.24 9.49 7.35
CA ILE A 64 -1.75 9.76 6.00
C ILE A 64 -2.12 8.64 5.04
N THR A 65 -2.10 8.94 3.74
CA THR A 65 -2.44 7.95 2.73
C THR A 65 -1.18 7.24 2.22
N VAL A 66 -1.18 5.91 2.35
CA VAL A 66 -0.05 5.11 1.90
C VAL A 66 -0.45 4.20 0.74
N LYS A 67 0.40 4.15 -0.28
CA LYS A 67 0.14 3.31 -1.44
C LYS A 67 1.01 2.06 -1.43
N LEU A 68 0.38 0.91 -1.63
CA LEU A 68 1.10 -0.37 -1.64
C LEU A 68 1.13 -0.96 -3.04
N THR A 69 2.33 -1.07 -3.61
CA THR A 69 2.49 -1.63 -4.95
C THR A 69 3.25 -2.95 -4.89
N ILE A 70 2.56 -4.03 -5.25
CA ILE A 70 3.17 -5.35 -5.25
C ILE A 70 3.33 -5.88 -6.67
N GLN A 71 4.57 -6.22 -7.03
CA GLN A 71 4.86 -6.75 -8.36
C GLN A 71 5.98 -7.77 -8.31
N ASN A 72 5.77 -8.92 -8.95
CA ASN A 72 6.76 -9.98 -8.97
C ASN A 72 7.21 -10.34 -7.56
N ARG A 73 6.24 -10.56 -6.67
CA ARG A 73 6.55 -10.91 -5.29
C ARG A 73 7.39 -9.82 -4.63
N GLN A 74 6.94 -8.57 -4.75
CA GLN A 74 7.66 -7.45 -4.17
C GLN A 74 6.69 -6.54 -3.40
N ALA A 75 7.25 -5.70 -2.53
CA ALA A 75 6.45 -4.78 -1.73
C ALA A 75 7.09 -3.40 -1.67
N GLN A 76 6.26 -2.37 -1.77
CA GLN A 76 6.75 -1.00 -1.73
C GLN A 76 5.88 -0.14 -0.83
N ILE A 77 6.52 0.66 0.02
CA ILE A 77 5.80 1.53 0.94
C ILE A 77 6.28 2.98 0.82
N GLU A 78 5.34 3.90 0.65
CA GLU A 78 5.67 5.31 0.51
C GLU A 78 4.51 6.19 0.98
N VAL A 79 4.83 7.37 1.50
CA VAL A 79 3.82 8.29 1.98
C VAL A 79 3.64 9.46 1.02
N VAL A 80 2.40 9.66 0.57
CA VAL A 80 2.09 10.73 -0.36
C VAL A 80 1.97 12.07 0.36
N PRO A 81 2.41 13.14 -0.30
CA PRO A 81 2.37 14.50 0.27
C PRO A 81 0.95 15.03 0.38
N SER A 82 0.20 14.94 -0.72
CA SER A 82 -1.18 15.43 -0.74
C SER A 82 -1.90 14.95 -2.01
N ALA A 83 -3.10 14.42 -1.84
CA ALA A 83 -3.90 13.93 -2.96
C ALA A 83 -5.05 14.87 -3.27
N SER A 84 -5.04 15.44 -4.48
CA SER A 84 -6.09 16.36 -4.90
C SER A 84 -6.59 16.02 -6.29
N ALA A 85 -5.70 16.10 -7.27
CA ALA A 85 -6.05 15.79 -8.65
C ALA A 85 -5.05 14.82 -9.27
N LEU A 86 -4.53 13.91 -8.46
CA LEU A 86 -3.56 12.92 -8.91
C LEU A 86 -4.26 11.79 -9.65
N SER A 87 -4.56 12.01 -10.92
CA SER A 87 -5.24 11.00 -11.73
C SER A 87 -4.43 10.68 -12.99
N GLY A 88 -3.65 9.60 -12.92
CA GLY A 88 -2.84 9.20 -14.06
C GLY A 88 -3.36 7.95 -14.73
N PRO A 89 -2.81 6.79 -14.34
CA PRO A 89 -3.21 5.49 -14.91
C PRO A 89 -4.61 5.09 -14.49
N SER A 90 -5.55 5.15 -15.43
CA SER A 90 -6.94 4.79 -15.15
C SER A 90 -7.04 3.33 -14.69
N SER A 91 -7.65 3.14 -13.53
CA SER A 91 -7.80 1.80 -12.97
C SER A 91 -8.53 0.88 -13.95
N GLY A 92 -7.79 -0.06 -14.53
CA GLY A 92 -8.38 -0.98 -15.48
C GLY A 92 -8.66 -2.35 -14.87
N GLY A 1 -28.45 -10.13 -28.21
CA GLY A 1 -27.08 -9.73 -27.91
C GLY A 1 -26.07 -10.42 -28.81
N SER A 2 -25.26 -11.29 -28.22
CA SER A 2 -24.25 -12.02 -28.97
C SER A 2 -23.16 -11.07 -29.48
N SER A 3 -22.70 -10.19 -28.59
CA SER A 3 -21.67 -9.23 -28.94
C SER A 3 -20.32 -9.61 -28.33
N GLY A 4 -19.32 -9.81 -29.18
CA GLY A 4 -18.01 -10.19 -28.70
C GLY A 4 -17.36 -9.10 -27.86
N SER A 5 -17.23 -9.36 -26.57
CA SER A 5 -16.63 -8.40 -25.65
C SER A 5 -16.35 -9.03 -24.29
N SER A 6 -15.22 -8.65 -23.69
CA SER A 6 -14.84 -9.19 -22.40
C SER A 6 -15.62 -8.53 -21.27
N GLY A 7 -15.61 -9.15 -20.09
CA GLY A 7 -16.34 -8.60 -18.96
C GLY A 7 -15.42 -8.29 -17.79
N PRO A 8 -15.28 -9.24 -16.86
CA PRO A 8 -14.44 -9.08 -15.67
C PRO A 8 -12.95 -9.06 -16.02
N PRO A 9 -12.17 -8.31 -15.23
CA PRO A 9 -10.72 -8.20 -15.44
C PRO A 9 -9.99 -9.49 -15.10
N LYS A 10 -8.66 -9.43 -15.13
CA LYS A 10 -7.83 -10.59 -14.83
C LYS A 10 -6.66 -10.22 -13.94
N PHE A 11 -6.04 -11.22 -13.33
CA PHE A 11 -4.89 -11.00 -12.45
C PHE A 11 -3.66 -11.75 -12.96
N ASP A 12 -2.49 -11.18 -12.70
CA ASP A 12 -1.24 -11.80 -13.12
C ASP A 12 -0.09 -11.40 -12.20
N PRO A 13 0.84 -12.34 -11.96
CA PRO A 13 1.99 -12.11 -11.08
C PRO A 13 3.00 -11.14 -11.70
N ASN A 14 2.85 -10.89 -13.00
CA ASN A 14 3.75 -9.97 -13.71
C ASN A 14 3.32 -8.53 -13.49
N GLU A 15 2.20 -8.15 -14.09
CA GLU A 15 1.69 -6.78 -13.96
C GLU A 15 1.77 -6.30 -12.51
N VAL A 16 1.65 -5.00 -12.32
CA VAL A 16 1.71 -4.41 -10.99
C VAL A 16 0.42 -3.66 -10.66
N LYS A 17 -0.03 -3.80 -9.42
CA LYS A 17 -1.25 -3.13 -8.97
C LYS A 17 -1.02 -2.36 -7.68
N VAL A 18 -1.62 -1.18 -7.57
CA VAL A 18 -1.47 -0.34 -6.39
C VAL A 18 -2.76 -0.30 -5.58
N VAL A 19 -2.63 -0.42 -4.26
CA VAL A 19 -3.78 -0.39 -3.38
C VAL A 19 -3.65 0.69 -2.32
N TYR A 20 -4.73 1.42 -2.08
CA TYR A 20 -4.73 2.50 -1.10
C TYR A 20 -5.57 2.13 0.11
N LEU A 21 -5.07 2.48 1.29
CA LEU A 21 -5.78 2.18 2.54
C LEU A 21 -5.55 3.28 3.57
N ARG A 22 -6.54 3.49 4.43
CA ARG A 22 -6.44 4.51 5.48
C ARG A 22 -6.31 3.87 6.85
N CYS A 23 -5.21 4.18 7.54
CA CYS A 23 -4.96 3.63 8.86
C CYS A 23 -3.99 4.51 9.64
N THR A 24 -4.03 4.41 10.96
CA THR A 24 -3.16 5.20 11.82
C THR A 24 -1.74 4.64 11.81
N GLY A 25 -0.75 5.53 11.77
CA GLY A 25 0.64 5.09 11.77
C GLY A 25 1.00 4.29 13.00
N GLY A 26 1.81 3.25 12.81
CA GLY A 26 2.21 2.41 13.92
C GLY A 26 1.04 1.97 14.77
N GLU A 27 0.05 1.35 14.14
CA GLU A 27 -1.13 0.88 14.86
C GLU A 27 -0.95 -0.57 15.29
N VAL A 28 0.21 -0.89 15.84
CA VAL A 28 0.51 -2.24 16.31
C VAL A 28 -0.73 -2.87 16.95
N GLY A 29 -0.79 -4.19 16.87
CA GLY A 29 -1.93 -4.91 17.45
C GLY A 29 -3.25 -4.49 16.84
N ALA A 30 -3.86 -5.39 16.08
CA ALA A 30 -5.14 -5.11 15.44
C ALA A 30 -5.74 -6.39 14.85
N THR A 31 -7.06 -6.55 15.02
CA THR A 31 -7.76 -7.72 14.50
C THR A 31 -7.25 -8.09 13.12
N SER A 32 -7.20 -9.39 12.85
CA SER A 32 -6.73 -9.87 11.55
C SER A 32 -7.52 -9.24 10.40
N ALA A 33 -6.93 -8.22 9.79
CA ALA A 33 -7.59 -7.53 8.69
C ALA A 33 -6.79 -7.68 7.40
N LEU A 34 -5.46 -7.73 7.53
CA LEU A 34 -4.59 -7.89 6.37
C LEU A 34 -4.36 -9.35 6.05
N ALA A 35 -4.58 -10.21 7.04
CA ALA A 35 -4.40 -11.65 6.87
C ALA A 35 -5.16 -12.15 5.64
N PRO A 36 -6.48 -11.92 5.63
CA PRO A 36 -7.35 -12.34 4.53
C PRO A 36 -7.10 -11.54 3.26
N LYS A 37 -6.61 -10.32 3.42
CA LYS A 37 -6.32 -9.45 2.29
C LYS A 37 -5.14 -9.97 1.48
N ILE A 38 -4.07 -10.35 2.17
CA ILE A 38 -2.88 -10.87 1.52
C ILE A 38 -2.91 -12.40 1.44
N GLY A 39 -4.01 -12.98 1.93
CA GLY A 39 -4.15 -14.42 1.91
C GLY A 39 -3.93 -15.01 0.53
N PRO A 40 -4.80 -14.65 -0.42
CA PRO A 40 -4.70 -15.13 -1.80
C PRO A 40 -3.51 -14.54 -2.55
N LEU A 41 -3.05 -13.38 -2.09
CA LEU A 41 -1.91 -12.72 -2.70
C LEU A 41 -0.65 -13.58 -2.58
N GLY A 42 -0.23 -13.83 -1.35
CA GLY A 42 0.95 -14.62 -1.11
C GLY A 42 1.81 -14.08 0.03
N LEU A 43 2.19 -12.81 -0.08
CA LEU A 43 3.01 -12.17 0.95
C LEU A 43 2.40 -12.38 2.34
N SER A 44 3.13 -11.93 3.36
CA SER A 44 2.67 -12.06 4.73
C SER A 44 2.31 -10.70 5.33
N PRO A 45 1.25 -10.66 6.13
CA PRO A 45 0.79 -9.43 6.78
C PRO A 45 1.74 -8.95 7.86
N LYS A 46 2.52 -9.88 8.42
CA LYS A 46 3.49 -9.55 9.46
C LYS A 46 4.63 -8.70 8.90
N LYS A 47 5.26 -9.21 7.84
CA LYS A 47 6.37 -8.49 7.21
C LYS A 47 5.90 -7.15 6.65
N VAL A 48 4.78 -7.17 5.93
CA VAL A 48 4.23 -5.96 5.34
C VAL A 48 3.71 -5.02 6.41
N GLY A 49 3.00 -5.57 7.40
CA GLY A 49 2.45 -4.77 8.47
C GLY A 49 3.54 -4.13 9.33
N ASP A 50 4.56 -4.91 9.67
CA ASP A 50 5.65 -4.42 10.49
C ASP A 50 6.42 -3.31 9.76
N ASP A 51 6.53 -3.45 8.44
CA ASP A 51 7.24 -2.46 7.63
C ASP A 51 6.53 -1.12 7.65
N ILE A 52 5.19 -1.16 7.69
CA ILE A 52 4.39 0.05 7.72
C ILE A 52 4.55 0.78 9.05
N ALA A 53 4.51 0.02 10.14
CA ALA A 53 4.65 0.59 11.47
C ALA A 53 5.95 1.36 11.60
N LYS A 54 7.05 0.76 11.17
CA LYS A 54 8.36 1.39 11.23
C LYS A 54 8.42 2.62 10.33
N ALA A 55 7.77 2.53 9.18
CA ALA A 55 7.74 3.65 8.24
C ALA A 55 7.04 4.87 8.84
N THR A 56 6.14 4.62 9.77
CA THR A 56 5.39 5.68 10.42
C THR A 56 5.99 6.02 11.78
N GLY A 57 7.26 5.69 11.96
CA GLY A 57 7.93 5.96 13.22
C GLY A 57 8.03 7.44 13.52
N ASP A 58 8.35 8.23 12.49
CA ASP A 58 8.48 9.67 12.65
C ASP A 58 7.13 10.31 12.96
N TRP A 59 6.06 9.70 12.46
CA TRP A 59 4.72 10.20 12.69
C TRP A 59 3.82 9.11 13.26
N LYS A 60 4.29 8.42 14.28
CA LYS A 60 3.53 7.36 14.91
C LYS A 60 2.35 7.92 15.70
N GLY A 61 1.18 7.92 15.07
CA GLY A 61 -0.01 8.44 15.73
C GLY A 61 -0.95 9.12 14.77
N LEU A 62 -0.40 9.86 13.82
CA LEU A 62 -1.20 10.56 12.82
C LEU A 62 -1.60 9.64 11.68
N ARG A 63 -2.81 9.82 11.16
CA ARG A 63 -3.30 9.01 10.07
C ARG A 63 -2.86 9.57 8.73
N ILE A 64 -2.30 8.71 7.89
CA ILE A 64 -1.83 9.13 6.57
C ILE A 64 -2.17 8.08 5.51
N THR A 65 -2.18 8.50 4.25
CA THR A 65 -2.50 7.61 3.14
C THR A 65 -1.23 6.94 2.61
N VAL A 66 -1.25 5.61 2.54
CA VAL A 66 -0.11 4.85 2.04
C VAL A 66 -0.50 4.02 0.83
N LYS A 67 0.40 3.97 -0.15
CA LYS A 67 0.15 3.21 -1.37
C LYS A 67 0.97 1.92 -1.38
N LEU A 68 0.28 0.79 -1.49
CA LEU A 68 0.94 -0.51 -1.52
C LEU A 68 1.10 -1.02 -2.95
N THR A 69 2.34 -1.17 -3.38
CA THR A 69 2.63 -1.65 -4.73
C THR A 69 3.43 -2.94 -4.70
N ILE A 70 2.84 -4.01 -5.22
CA ILE A 70 3.50 -5.31 -5.24
C ILE A 70 4.05 -5.62 -6.63
N GLN A 71 5.34 -5.89 -6.71
CA GLN A 71 5.99 -6.21 -7.98
C GLN A 71 7.10 -7.22 -7.78
N ASN A 72 7.10 -8.27 -8.60
CA ASN A 72 8.12 -9.32 -8.52
C ASN A 72 8.18 -9.89 -7.11
N ARG A 73 7.03 -10.29 -6.58
CA ARG A 73 6.96 -10.86 -5.24
C ARG A 73 7.60 -9.93 -4.22
N GLN A 74 7.60 -8.63 -4.52
CA GLN A 74 8.19 -7.64 -3.62
C GLN A 74 7.12 -6.65 -3.14
N ALA A 75 7.40 -6.00 -2.02
CA ALA A 75 6.47 -5.03 -1.45
C ALA A 75 7.17 -3.70 -1.15
N GLN A 76 6.50 -2.60 -1.43
CA GLN A 76 7.06 -1.27 -1.19
C GLN A 76 6.04 -0.36 -0.53
N ILE A 77 6.51 0.48 0.38
CA ILE A 77 5.63 1.41 1.10
C ILE A 77 6.13 2.84 0.97
N GLU A 78 5.26 3.73 0.50
CA GLU A 78 5.62 5.13 0.34
C GLU A 78 4.48 6.04 0.80
N VAL A 79 4.81 7.01 1.64
CA VAL A 79 3.82 7.96 2.15
C VAL A 79 3.59 9.10 1.17
N VAL A 80 2.31 9.42 0.94
CA VAL A 80 1.94 10.49 0.03
C VAL A 80 1.67 11.79 0.77
N PRO A 81 2.03 12.91 0.16
CA PRO A 81 1.82 14.25 0.76
C PRO A 81 0.35 14.63 0.81
N SER A 82 0.09 15.90 1.08
CA SER A 82 -1.28 16.41 1.17
C SER A 82 -1.70 17.07 -0.13
N ALA A 83 -2.04 16.26 -1.13
CA ALA A 83 -2.47 16.78 -2.43
C ALA A 83 -3.06 15.68 -3.29
N SER A 84 -3.78 16.08 -4.32
CA SER A 84 -4.41 15.12 -5.23
C SER A 84 -4.57 15.71 -6.63
N ALA A 85 -4.91 14.86 -7.59
CA ALA A 85 -5.09 15.30 -8.97
C ALA A 85 -6.15 16.40 -9.06
N LEU A 86 -5.70 17.65 -9.01
CA LEU A 86 -6.61 18.79 -9.08
C LEU A 86 -6.62 19.38 -10.49
N SER A 87 -7.52 18.90 -11.34
CA SER A 87 -7.63 19.38 -12.70
C SER A 87 -8.98 20.06 -12.93
N GLY A 88 -10.06 19.34 -12.64
CA GLY A 88 -11.39 19.89 -12.82
C GLY A 88 -12.42 19.20 -11.95
N PRO A 89 -13.68 19.65 -12.05
CA PRO A 89 -14.79 19.08 -11.28
C PRO A 89 -15.15 17.67 -11.73
N SER A 90 -14.87 16.69 -10.87
CA SER A 90 -15.16 15.30 -11.18
C SER A 90 -16.63 14.98 -10.88
N SER A 91 -17.40 14.74 -11.93
CA SER A 91 -18.82 14.42 -11.79
C SER A 91 -19.01 12.94 -11.43
N GLY A 92 -20.19 12.62 -10.92
CA GLY A 92 -20.48 11.25 -10.54
C GLY A 92 -20.30 10.28 -11.69
N GLY A 1 14.23 -9.39 -15.97
CA GLY A 1 15.46 -8.62 -15.89
C GLY A 1 15.23 -7.14 -16.18
N SER A 2 15.82 -6.66 -17.28
CA SER A 2 15.69 -5.27 -17.67
C SER A 2 15.77 -5.12 -19.19
N SER A 3 15.25 -4.00 -19.70
CA SER A 3 15.28 -3.73 -21.13
C SER A 3 16.34 -2.70 -21.47
N GLY A 4 16.37 -1.60 -20.71
CA GLY A 4 17.34 -0.56 -20.95
C GLY A 4 16.76 0.61 -21.71
N SER A 5 16.10 1.51 -21.00
CA SER A 5 15.49 2.68 -21.62
C SER A 5 15.75 3.94 -20.80
N SER A 6 15.28 5.07 -21.31
CA SER A 6 15.47 6.35 -20.62
C SER A 6 14.14 6.90 -20.12
N GLY A 7 14.09 7.22 -18.83
CA GLY A 7 12.88 7.75 -18.24
C GLY A 7 12.67 7.29 -16.82
N PRO A 8 11.41 7.33 -16.35
CA PRO A 8 11.06 6.92 -14.98
C PRO A 8 11.19 5.41 -14.78
N PRO A 9 11.53 5.01 -13.55
CA PRO A 9 11.68 3.60 -13.20
C PRO A 9 10.36 2.84 -13.18
N LYS A 10 10.40 1.57 -13.56
CA LYS A 10 9.20 0.75 -13.58
C LYS A 10 9.55 -0.72 -13.81
N PHE A 11 8.70 -1.61 -13.33
CA PHE A 11 8.92 -3.04 -13.50
C PHE A 11 7.64 -3.83 -13.20
N ASP A 12 7.16 -4.55 -14.21
CA ASP A 12 5.95 -5.35 -14.07
C ASP A 12 5.75 -6.24 -15.29
N PRO A 13 5.22 -7.45 -15.06
CA PRO A 13 4.96 -8.44 -16.11
C PRO A 13 3.82 -8.01 -17.03
N ASN A 14 2.71 -7.58 -16.42
CA ASN A 14 1.54 -7.15 -17.19
C ASN A 14 1.16 -5.72 -16.82
N GLU A 15 0.96 -5.47 -15.53
CA GLU A 15 0.59 -4.14 -15.06
C GLU A 15 1.00 -3.94 -13.61
N VAL A 16 0.87 -2.71 -13.12
CA VAL A 16 1.24 -2.39 -11.74
C VAL A 16 0.03 -2.52 -10.81
N LYS A 17 0.27 -3.08 -9.63
CA LYS A 17 -0.80 -3.25 -8.64
C LYS A 17 -0.61 -2.31 -7.46
N VAL A 18 -1.59 -1.44 -7.24
CA VAL A 18 -1.53 -0.49 -6.15
C VAL A 18 -2.63 -0.76 -5.13
N VAL A 19 -2.31 -0.53 -3.86
CA VAL A 19 -3.27 -0.75 -2.77
C VAL A 19 -3.28 0.42 -1.80
N TYR A 20 -4.47 0.93 -1.51
CA TYR A 20 -4.61 2.06 -0.59
C TYR A 20 -5.30 1.62 0.70
N LEU A 21 -4.69 1.95 1.83
CA LEU A 21 -5.24 1.59 3.14
C LEU A 21 -5.19 2.78 4.09
N ARG A 22 -6.30 3.00 4.81
CA ARG A 22 -6.38 4.10 5.76
C ARG A 22 -6.30 3.58 7.20
N CYS A 23 -5.23 3.95 7.90
CA CYS A 23 -5.04 3.53 9.28
C CYS A 23 -4.29 4.60 10.08
N THR A 24 -4.27 4.42 11.40
CA THR A 24 -3.60 5.37 12.28
C THR A 24 -2.08 5.23 12.19
N GLY A 25 -1.38 6.35 12.28
CA GLY A 25 0.07 6.34 12.19
C GLY A 25 0.69 5.41 13.23
N GLY A 26 1.34 4.35 12.76
CA GLY A 26 1.97 3.41 13.68
C GLY A 26 0.96 2.69 14.55
N GLU A 27 0.21 1.77 13.95
CA GLU A 27 -0.80 1.01 14.68
C GLU A 27 -0.79 -0.46 14.26
N VAL A 28 -0.45 -1.33 15.20
CA VAL A 28 -0.40 -2.77 14.92
C VAL A 28 -1.65 -3.46 15.44
N GLY A 29 -2.47 -3.98 14.52
CA GLY A 29 -3.68 -4.67 14.91
C GLY A 29 -4.53 -5.06 13.72
N ALA A 30 -4.54 -6.35 13.40
CA ALA A 30 -5.31 -6.85 12.27
C ALA A 30 -5.71 -8.31 12.48
N THR A 31 -7.00 -8.53 12.67
CA THR A 31 -7.52 -9.88 12.88
C THR A 31 -7.62 -10.65 11.57
N SER A 32 -6.53 -11.32 11.20
CA SER A 32 -6.50 -12.09 9.96
C SER A 32 -7.24 -11.37 8.85
N ALA A 33 -7.05 -10.05 8.77
CA ALA A 33 -7.71 -9.25 7.75
C ALA A 33 -6.87 -9.17 6.49
N LEU A 34 -5.55 -9.26 6.65
CA LEU A 34 -4.62 -9.19 5.52
C LEU A 34 -4.36 -10.58 4.95
N ALA A 35 -4.80 -11.60 5.68
CA ALA A 35 -4.62 -12.98 5.25
C ALA A 35 -5.14 -13.19 3.83
N PRO A 36 -6.44 -12.88 3.64
CA PRO A 36 -7.09 -13.03 2.32
C PRO A 36 -6.59 -12.00 1.32
N LYS A 37 -6.02 -10.91 1.82
CA LYS A 37 -5.50 -9.86 0.96
C LYS A 37 -4.16 -10.25 0.36
N ILE A 38 -3.30 -10.85 1.18
CA ILE A 38 -1.99 -11.28 0.74
C ILE A 38 -1.97 -12.78 0.43
N GLY A 39 -3.13 -13.42 0.57
CA GLY A 39 -3.23 -14.84 0.29
C GLY A 39 -2.78 -15.19 -1.11
N PRO A 40 -3.43 -14.61 -2.12
CA PRO A 40 -3.11 -14.86 -3.53
C PRO A 40 -1.77 -14.25 -3.93
N LEU A 41 -1.39 -13.16 -3.25
CA LEU A 41 -0.14 -12.48 -3.54
C LEU A 41 1.04 -13.44 -3.39
N GLY A 42 1.29 -13.88 -2.16
CA GLY A 42 2.40 -14.78 -1.90
C GLY A 42 3.35 -14.26 -0.85
N LEU A 43 2.84 -13.46 0.08
CA LEU A 43 3.67 -12.89 1.13
C LEU A 43 2.99 -13.06 2.49
N SER A 44 3.64 -12.54 3.53
CA SER A 44 3.11 -12.63 4.89
C SER A 44 2.60 -11.28 5.37
N PRO A 45 1.48 -11.30 6.12
CA PRO A 45 0.87 -10.08 6.66
C PRO A 45 1.70 -9.44 7.75
N LYS A 46 2.33 -10.27 8.58
CA LYS A 46 3.16 -9.79 9.67
C LYS A 46 4.38 -9.04 9.13
N LYS A 47 4.95 -9.54 8.04
CA LYS A 47 6.10 -8.91 7.42
C LYS A 47 5.74 -7.54 6.85
N VAL A 48 4.63 -7.48 6.13
CA VAL A 48 4.19 -6.23 5.53
C VAL A 48 3.71 -5.25 6.60
N GLY A 49 2.96 -5.76 7.58
CA GLY A 49 2.46 -4.92 8.65
C GLY A 49 3.58 -4.27 9.44
N ASP A 50 4.60 -5.05 9.79
CA ASP A 50 5.72 -4.54 10.55
C ASP A 50 6.48 -3.47 9.76
N ASP A 51 6.61 -3.70 8.46
CA ASP A 51 7.31 -2.75 7.59
C ASP A 51 6.57 -1.42 7.52
N ILE A 52 5.24 -1.49 7.51
CA ILE A 52 4.41 -0.29 7.44
C ILE A 52 4.51 0.52 8.73
N ALA A 53 4.48 -0.18 9.86
CA ALA A 53 4.58 0.48 11.16
C ALA A 53 5.92 1.19 11.31
N LYS A 54 6.99 0.56 10.85
CA LYS A 54 8.32 1.14 10.94
C LYS A 54 8.42 2.42 10.12
N ALA A 55 7.69 2.47 9.00
CA ALA A 55 7.69 3.64 8.14
C ALA A 55 6.87 4.77 8.75
N THR A 56 5.85 4.41 9.52
CA THR A 56 4.99 5.40 10.17
C THR A 56 5.54 5.78 11.54
N GLY A 57 6.83 5.60 11.73
CA GLY A 57 7.45 5.93 13.00
C GLY A 57 7.70 7.42 13.16
N ASP A 58 7.69 8.14 12.03
CA ASP A 58 7.91 9.58 12.05
C ASP A 58 6.62 10.32 12.41
N TRP A 59 5.50 9.65 12.23
CA TRP A 59 4.20 10.25 12.54
C TRP A 59 3.34 9.30 13.36
N LYS A 60 3.90 8.81 14.46
CA LYS A 60 3.19 7.89 15.34
C LYS A 60 2.03 8.60 16.04
N GLY A 61 0.86 8.58 15.41
CA GLY A 61 -0.30 9.22 15.98
C GLY A 61 -1.11 9.99 14.96
N LEU A 62 -0.49 10.28 13.81
CA LEU A 62 -1.14 11.03 12.75
C LEU A 62 -1.67 10.08 11.68
N ARG A 63 -2.72 10.51 10.98
CA ARG A 63 -3.31 9.70 9.91
C ARG A 63 -2.80 10.14 8.55
N ILE A 64 -2.23 9.19 7.82
CA ILE A 64 -1.70 9.48 6.48
C ILE A 64 -2.00 8.33 5.51
N THR A 65 -2.00 8.65 4.22
CA THR A 65 -2.27 7.65 3.20
C THR A 65 -0.97 7.00 2.70
N VAL A 66 -0.93 5.68 2.73
CA VAL A 66 0.24 4.93 2.28
C VAL A 66 -0.07 4.11 1.04
N LYS A 67 0.78 4.23 0.03
CA LYS A 67 0.60 3.49 -1.21
C LYS A 67 1.55 2.30 -1.28
N LEU A 68 0.99 1.10 -1.29
CA LEU A 68 1.77 -0.13 -1.35
C LEU A 68 1.62 -0.80 -2.71
N THR A 69 2.72 -0.88 -3.45
CA THR A 69 2.71 -1.51 -4.77
C THR A 69 3.57 -2.77 -4.79
N ILE A 70 2.93 -3.91 -5.01
CA ILE A 70 3.65 -5.19 -5.06
C ILE A 70 3.79 -5.69 -6.49
N GLN A 71 5.03 -5.87 -6.92
CA GLN A 71 5.31 -6.35 -8.27
C GLN A 71 6.55 -7.24 -8.29
N ASN A 72 6.41 -8.43 -8.86
CA ASN A 72 7.52 -9.37 -8.95
C ASN A 72 7.88 -9.92 -7.57
N ARG A 73 6.85 -10.20 -6.78
CA ARG A 73 7.06 -10.73 -5.43
C ARG A 73 7.81 -9.72 -4.56
N GLN A 74 7.65 -8.44 -4.88
CA GLN A 74 8.31 -7.38 -4.12
C GLN A 74 7.29 -6.48 -3.44
N ALA A 75 7.73 -5.77 -2.41
CA ALA A 75 6.85 -4.88 -1.67
C ALA A 75 7.48 -3.50 -1.51
N GLN A 76 6.72 -2.46 -1.85
CA GLN A 76 7.21 -1.09 -1.74
C GLN A 76 6.23 -0.23 -0.95
N ILE A 77 6.76 0.52 0.02
CA ILE A 77 5.93 1.39 0.85
C ILE A 77 6.30 2.85 0.65
N GLU A 78 5.29 3.70 0.48
CA GLU A 78 5.51 5.12 0.28
C GLU A 78 4.33 5.94 0.81
N VAL A 79 4.63 7.11 1.35
CA VAL A 79 3.59 7.98 1.90
C VAL A 79 3.38 9.20 1.01
N VAL A 80 2.11 9.50 0.72
CA VAL A 80 1.77 10.64 -0.12
C VAL A 80 1.78 11.93 0.68
N PRO A 81 2.14 13.05 0.02
CA PRO A 81 2.19 14.37 0.66
C PRO A 81 0.80 14.91 0.99
N SER A 82 0.76 15.94 1.83
CA SER A 82 -0.50 16.54 2.23
C SER A 82 -1.49 16.56 1.07
N ALA A 83 -1.17 17.33 0.03
CA ALA A 83 -2.02 17.44 -1.14
C ALA A 83 -1.27 17.03 -2.41
N SER A 84 -1.79 16.02 -3.09
CA SER A 84 -1.18 15.53 -4.32
C SER A 84 -1.96 15.97 -5.55
N ALA A 85 -1.85 17.25 -5.88
CA ALA A 85 -2.54 17.81 -7.03
C ALA A 85 -4.01 17.42 -7.03
N LEU A 86 -4.62 17.44 -5.84
CA LEU A 86 -6.03 17.09 -5.70
C LEU A 86 -6.93 18.22 -6.19
N SER A 87 -7.40 18.11 -7.43
CA SER A 87 -8.27 19.12 -8.02
C SER A 87 -9.69 18.59 -8.19
N GLY A 88 -10.67 19.44 -7.95
CA GLY A 88 -12.06 19.04 -8.08
C GLY A 88 -12.95 19.64 -7.01
N PRO A 89 -14.25 19.31 -7.06
CA PRO A 89 -15.22 19.81 -6.08
C PRO A 89 -15.02 19.22 -4.70
N SER A 90 -15.60 19.86 -3.69
CA SER A 90 -15.48 19.40 -2.31
C SER A 90 -16.26 18.12 -2.10
N SER A 91 -15.58 17.10 -1.59
CA SER A 91 -16.21 15.80 -1.34
C SER A 91 -17.20 15.46 -2.44
N GLY A 92 -16.82 15.73 -3.69
CA GLY A 92 -17.69 15.45 -4.82
C GLY A 92 -17.58 14.01 -5.28
N GLY A 1 20.48 7.90 -4.02
CA GLY A 1 20.05 9.17 -4.59
C GLY A 1 18.56 9.39 -4.46
N SER A 2 17.99 10.12 -5.41
CA SER A 2 16.56 10.41 -5.39
C SER A 2 16.15 11.06 -4.07
N SER A 3 16.97 11.98 -3.58
CA SER A 3 16.70 12.67 -2.32
C SER A 3 15.82 13.89 -2.56
N GLY A 4 14.51 13.69 -2.53
CA GLY A 4 13.58 14.79 -2.74
C GLY A 4 12.18 14.31 -3.06
N SER A 5 11.37 15.19 -3.64
CA SER A 5 10.01 14.85 -4.01
C SER A 5 9.94 14.26 -5.41
N SER A 6 10.68 14.88 -6.34
CA SER A 6 10.71 14.41 -7.73
C SER A 6 11.53 13.14 -7.85
N GLY A 7 10.99 12.16 -8.57
CA GLY A 7 11.69 10.90 -8.76
C GLY A 7 11.78 10.50 -10.22
N PRO A 8 12.67 9.54 -10.52
CA PRO A 8 12.88 9.04 -11.88
C PRO A 8 11.69 8.25 -12.39
N PRO A 9 11.46 8.30 -13.72
CA PRO A 9 10.36 7.59 -14.36
C PRO A 9 10.57 6.08 -14.37
N LYS A 10 9.75 5.37 -13.60
CA LYS A 10 9.84 3.91 -13.51
C LYS A 10 9.37 3.26 -14.80
N PHE A 11 10.14 2.29 -15.27
CA PHE A 11 9.80 1.57 -16.49
C PHE A 11 9.31 0.17 -16.20
N ASP A 12 8.16 0.08 -15.54
CA ASP A 12 7.56 -1.21 -15.20
C ASP A 12 7.81 -2.24 -16.29
N PRO A 13 8.04 -3.50 -15.89
CA PRO A 13 8.29 -4.60 -16.82
C PRO A 13 7.06 -4.97 -17.64
N ASN A 14 5.91 -5.06 -16.96
CA ASN A 14 4.66 -5.40 -17.61
C ASN A 14 3.54 -4.47 -17.17
N GLU A 15 3.11 -4.63 -15.92
CA GLU A 15 2.04 -3.79 -15.38
C GLU A 15 2.35 -3.38 -13.94
N VAL A 16 1.43 -2.65 -13.33
CA VAL A 16 1.61 -2.18 -11.96
C VAL A 16 0.26 -1.98 -11.26
N LYS A 17 0.17 -2.46 -10.03
CA LYS A 17 -1.07 -2.34 -9.26
C LYS A 17 -0.81 -1.65 -7.92
N VAL A 18 -1.57 -0.59 -7.64
CA VAL A 18 -1.41 0.15 -6.40
C VAL A 18 -2.68 0.08 -5.56
N VAL A 19 -2.51 0.02 -4.24
CA VAL A 19 -3.65 -0.06 -3.32
C VAL A 19 -3.62 1.11 -2.34
N TYR A 20 -4.77 1.76 -2.18
CA TYR A 20 -4.88 2.89 -1.27
C TYR A 20 -5.91 2.60 -0.17
N LEU A 21 -5.50 2.80 1.08
CA LEU A 21 -6.39 2.57 2.21
C LEU A 21 -6.05 3.52 3.36
N ARG A 22 -7.03 3.73 4.25
CA ARG A 22 -6.85 4.60 5.39
C ARG A 22 -6.24 3.85 6.58
N CYS A 23 -5.26 4.47 7.23
CA CYS A 23 -4.61 3.86 8.37
C CYS A 23 -3.89 4.91 9.22
N THR A 24 -3.49 4.52 10.43
CA THR A 24 -2.81 5.42 11.34
C THR A 24 -1.31 5.14 11.38
N GLY A 25 -0.50 6.19 11.44
CA GLY A 25 0.93 6.03 11.48
C GLY A 25 1.42 5.52 12.83
N GLY A 26 2.41 4.64 12.82
CA GLY A 26 2.95 4.10 14.05
C GLY A 26 1.86 3.72 15.03
N GLU A 27 0.83 3.04 14.54
CA GLU A 27 -0.29 2.61 15.38
C GLU A 27 -0.23 1.11 15.63
N VAL A 28 -0.20 0.74 16.91
CA VAL A 28 -0.14 -0.67 17.28
C VAL A 28 -1.48 -1.36 17.05
N GLY A 29 -1.54 -2.20 16.02
CA GLY A 29 -2.76 -2.91 15.71
C GLY A 29 -2.50 -4.25 15.04
N ALA A 30 -2.49 -5.31 15.84
CA ALA A 30 -2.26 -6.65 15.32
C ALA A 30 -3.54 -7.26 14.76
N THR A 31 -4.27 -6.47 13.97
CA THR A 31 -5.51 -6.94 13.37
C THR A 31 -5.25 -7.85 12.19
N SER A 32 -6.06 -8.91 12.07
CA SER A 32 -5.90 -9.87 10.99
C SER A 32 -6.69 -9.43 9.77
N ALA A 33 -6.10 -8.53 8.98
CA ALA A 33 -6.74 -8.03 7.77
C ALA A 33 -5.87 -8.26 6.54
N LEU A 34 -4.56 -8.21 6.74
CA LEU A 34 -3.61 -8.41 5.65
C LEU A 34 -3.26 -9.90 5.50
N ALA A 35 -3.38 -10.64 6.59
CA ALA A 35 -3.08 -12.06 6.58
C ALA A 35 -3.74 -12.76 5.40
N PRO A 36 -5.08 -12.63 5.31
CA PRO A 36 -5.86 -13.24 4.23
C PRO A 36 -5.61 -12.56 2.88
N LYS A 37 -5.11 -11.33 2.93
CA LYS A 37 -4.82 -10.57 1.71
C LYS A 37 -3.53 -11.06 1.06
N ILE A 38 -2.52 -11.32 1.88
CA ILE A 38 -1.24 -11.79 1.38
C ILE A 38 -1.19 -13.31 1.32
N GLY A 39 -2.14 -13.95 2.01
CA GLY A 39 -2.19 -15.40 2.02
C GLY A 39 -1.90 -16.00 0.66
N PRO A 40 -2.71 -15.64 -0.34
CA PRO A 40 -2.56 -16.14 -1.71
C PRO A 40 -1.32 -15.58 -2.39
N LEU A 41 -0.93 -14.37 -1.99
CA LEU A 41 0.24 -13.72 -2.57
C LEU A 41 1.50 -14.55 -2.32
N GLY A 42 1.83 -14.74 -1.05
CA GLY A 42 3.02 -15.52 -0.71
C GLY A 42 3.74 -14.97 0.51
N LEU A 43 4.13 -13.70 0.43
CA LEU A 43 4.83 -13.05 1.55
C LEU A 43 4.05 -13.19 2.85
N SER A 44 4.65 -12.74 3.94
CA SER A 44 4.02 -12.81 5.24
C SER A 44 3.49 -11.44 5.67
N PRO A 45 2.35 -11.43 6.36
CA PRO A 45 1.72 -10.19 6.84
C PRO A 45 2.51 -9.55 7.97
N LYS A 46 3.21 -10.37 8.74
CA LYS A 46 4.01 -9.88 9.85
C LYS A 46 5.18 -9.03 9.35
N LYS A 47 5.94 -9.58 8.40
CA LYS A 47 7.08 -8.88 7.83
C LYS A 47 6.64 -7.57 7.16
N VAL A 48 5.60 -7.66 6.36
CA VAL A 48 5.08 -6.49 5.66
C VAL A 48 4.44 -5.50 6.64
N GLY A 49 3.71 -6.02 7.61
CA GLY A 49 3.07 -5.18 8.59
C GLY A 49 4.06 -4.46 9.48
N ASP A 50 5.10 -5.16 9.90
CA ASP A 50 6.13 -4.58 10.76
C ASP A 50 6.81 -3.41 10.06
N ASP A 51 7.11 -3.58 8.78
CA ASP A 51 7.77 -2.53 8.00
C ASP A 51 6.94 -1.25 8.01
N ILE A 52 5.63 -1.39 7.90
CA ILE A 52 4.73 -0.25 7.89
C ILE A 52 4.77 0.49 9.23
N ALA A 53 4.67 -0.26 10.32
CA ALA A 53 4.70 0.32 11.65
C ALA A 53 5.97 1.13 11.86
N LYS A 54 7.11 0.54 11.52
CA LYS A 54 8.40 1.21 11.66
C LYS A 54 8.53 2.37 10.70
N ALA A 55 8.07 2.16 9.46
CA ALA A 55 8.12 3.20 8.44
C ALA A 55 7.34 4.43 8.86
N THR A 56 6.17 4.22 9.43
CA THR A 56 5.32 5.32 9.89
C THR A 56 5.63 5.70 11.33
N GLY A 57 6.84 5.38 11.77
CA GLY A 57 7.23 5.70 13.13
C GLY A 57 7.20 7.18 13.42
N ASP A 58 7.57 7.99 12.42
CA ASP A 58 7.58 9.44 12.58
C ASP A 58 6.16 9.98 12.63
N TRP A 59 5.21 9.20 12.14
CA TRP A 59 3.81 9.61 12.14
C TRP A 59 3.01 8.82 13.17
N LYS A 60 3.62 8.57 14.32
CA LYS A 60 2.98 7.82 15.38
C LYS A 60 1.79 8.60 15.95
N GLY A 61 0.63 8.45 15.32
CA GLY A 61 -0.55 9.14 15.78
C GLY A 61 -1.20 9.97 14.68
N LEU A 62 -0.38 10.52 13.80
CA LEU A 62 -0.87 11.34 12.70
C LEU A 62 -1.57 10.49 11.65
N ARG A 63 -2.52 11.08 10.94
CA ARG A 63 -3.27 10.37 9.91
C ARG A 63 -2.63 10.57 8.55
N ILE A 64 -2.21 9.46 7.94
CA ILE A 64 -1.57 9.51 6.62
C ILE A 64 -2.00 8.33 5.77
N THR A 65 -1.83 8.47 4.46
CA THR A 65 -2.21 7.41 3.52
C THR A 65 -0.97 6.70 2.98
N VAL A 66 -1.04 5.37 2.92
CA VAL A 66 0.07 4.57 2.42
C VAL A 66 -0.34 3.77 1.19
N LYS A 67 0.53 3.78 0.18
CA LYS A 67 0.26 3.05 -1.05
C LYS A 67 1.06 1.75 -1.11
N LEU A 68 0.38 0.65 -1.43
CA LEU A 68 1.01 -0.65 -1.51
C LEU A 68 1.09 -1.13 -2.96
N THR A 69 2.31 -1.23 -3.48
CA THR A 69 2.52 -1.68 -4.85
C THR A 69 3.26 -3.01 -4.89
N ILE A 70 2.59 -4.04 -5.41
CA ILE A 70 3.18 -5.37 -5.52
C ILE A 70 3.69 -5.64 -6.93
N GLN A 71 4.99 -5.91 -7.04
CA GLN A 71 5.60 -6.19 -8.33
C GLN A 71 6.74 -7.20 -8.19
N ASN A 72 6.61 -8.33 -8.88
CA ASN A 72 7.63 -9.37 -8.83
C ASN A 72 7.79 -9.91 -7.41
N ARG A 73 6.67 -10.18 -6.75
CA ARG A 73 6.68 -10.70 -5.39
C ARG A 73 7.43 -9.75 -4.46
N GLN A 74 7.23 -8.45 -4.66
CA GLN A 74 7.89 -7.44 -3.83
C GLN A 74 6.87 -6.46 -3.25
N ALA A 75 7.11 -6.04 -2.01
CA ALA A 75 6.22 -5.09 -1.35
C ALA A 75 6.93 -3.77 -1.08
N GLN A 76 6.28 -2.67 -1.45
CA GLN A 76 6.84 -1.35 -1.24
C GLN A 76 5.87 -0.44 -0.51
N ILE A 77 6.37 0.32 0.47
CA ILE A 77 5.54 1.22 1.25
C ILE A 77 6.10 2.63 1.22
N GLU A 78 5.23 3.60 0.95
CA GLU A 78 5.64 5.00 0.90
C GLU A 78 4.48 5.93 1.24
N VAL A 79 4.78 7.04 1.90
CA VAL A 79 3.77 8.00 2.29
C VAL A 79 3.43 8.94 1.14
N VAL A 80 2.14 9.20 0.96
CA VAL A 80 1.69 10.10 -0.11
C VAL A 80 1.45 11.50 0.41
N PRO A 81 1.75 12.51 -0.41
CA PRO A 81 1.57 13.92 -0.05
C PRO A 81 0.10 14.31 0.04
N SER A 82 -0.78 13.41 -0.42
CA SER A 82 -2.21 13.66 -0.40
C SER A 82 -2.60 14.48 0.83
N ALA A 83 -3.10 15.70 0.59
CA ALA A 83 -3.50 16.58 1.67
C ALA A 83 -4.16 17.85 1.13
N SER A 84 -5.47 17.95 1.31
CA SER A 84 -6.23 19.11 0.83
C SER A 84 -7.13 19.66 1.92
N ALA A 85 -7.94 20.65 1.58
CA ALA A 85 -8.86 21.27 2.53
C ALA A 85 -10.14 20.45 2.67
N LEU A 86 -9.98 19.15 2.89
CA LEU A 86 -11.11 18.25 3.04
C LEU A 86 -12.02 18.72 4.17
N SER A 87 -13.16 19.30 3.81
CA SER A 87 -14.11 19.79 4.79
C SER A 87 -15.54 19.48 4.36
N GLY A 88 -16.47 19.55 5.32
CA GLY A 88 -17.87 19.28 5.02
C GLY A 88 -18.74 20.50 5.15
N PRO A 89 -18.66 21.40 4.14
CA PRO A 89 -19.45 22.64 4.13
C PRO A 89 -20.94 22.38 3.92
N SER A 90 -21.26 21.22 3.37
CA SER A 90 -22.65 20.86 3.12
C SER A 90 -23.10 19.75 4.06
N SER A 91 -24.41 19.69 4.31
CA SER A 91 -24.97 18.69 5.21
C SER A 91 -26.35 18.24 4.72
N GLY A 92 -26.92 17.27 5.41
CA GLY A 92 -28.24 16.77 5.04
C GLY A 92 -28.24 15.27 4.81
N GLY A 1 40.07 7.22 -15.97
CA GLY A 1 39.34 8.41 -15.58
C GLY A 1 38.51 8.20 -14.33
N SER A 2 37.27 7.78 -14.50
CA SER A 2 36.38 7.54 -13.38
C SER A 2 35.79 6.13 -13.43
N SER A 3 35.05 5.77 -12.38
CA SER A 3 34.44 4.44 -12.32
C SER A 3 32.96 4.55 -11.90
N GLY A 4 32.13 3.71 -12.50
CA GLY A 4 30.71 3.71 -12.18
C GLY A 4 29.85 3.43 -13.39
N SER A 5 28.84 2.58 -13.21
CA SER A 5 27.94 2.22 -14.29
C SER A 5 26.50 2.16 -13.81
N SER A 6 25.66 3.03 -14.35
CA SER A 6 24.24 3.08 -13.97
C SER A 6 23.43 2.12 -14.83
N GLY A 7 22.35 1.58 -14.23
CA GLY A 7 21.49 0.65 -14.94
C GLY A 7 20.45 0.02 -14.05
N PRO A 8 19.25 -0.19 -14.60
CA PRO A 8 18.14 -0.80 -13.85
C PRO A 8 18.38 -2.27 -13.55
N PRO A 9 17.83 -2.74 -12.41
CA PRO A 9 17.97 -4.13 -11.99
C PRO A 9 17.19 -5.10 -12.87
N LYS A 10 17.01 -6.32 -12.38
CA LYS A 10 16.28 -7.33 -13.13
C LYS A 10 14.84 -7.47 -12.61
N PHE A 11 13.92 -6.75 -13.24
CA PHE A 11 12.52 -6.79 -12.83
C PHE A 11 11.60 -6.64 -14.04
N ASP A 12 10.29 -6.67 -13.80
CA ASP A 12 9.31 -6.53 -14.87
C ASP A 12 8.37 -5.37 -14.59
N PRO A 13 8.85 -4.14 -14.85
CA PRO A 13 8.07 -2.92 -14.63
C PRO A 13 6.92 -2.79 -15.63
N ASN A 14 6.77 -3.79 -16.49
CA ASN A 14 5.71 -3.78 -17.49
C ASN A 14 4.43 -3.16 -16.93
N GLU A 15 3.87 -3.81 -15.92
CA GLU A 15 2.64 -3.32 -15.29
C GLU A 15 2.88 -2.98 -13.83
N VAL A 16 2.03 -2.12 -13.27
CA VAL A 16 2.14 -1.72 -11.88
C VAL A 16 0.77 -1.65 -11.21
N LYS A 17 0.71 -2.09 -9.96
CA LYS A 17 -0.53 -2.08 -9.20
C LYS A 17 -0.31 -1.54 -7.80
N VAL A 18 -1.13 -0.55 -7.42
CA VAL A 18 -1.01 0.06 -6.10
C VAL A 18 -2.31 -0.11 -5.31
N VAL A 19 -2.18 -0.36 -4.01
CA VAL A 19 -3.34 -0.54 -3.15
C VAL A 19 -3.34 0.48 -2.01
N TYR A 20 -4.48 1.15 -1.84
CA TYR A 20 -4.61 2.17 -0.79
C TYR A 20 -5.46 1.64 0.36
N LEU A 21 -5.03 1.93 1.58
CA LEU A 21 -5.76 1.49 2.77
C LEU A 21 -5.63 2.52 3.90
N ARG A 22 -6.72 2.73 4.61
CA ARG A 22 -6.73 3.68 5.72
C ARG A 22 -6.47 2.98 7.04
N CYS A 23 -5.41 3.41 7.72
CA CYS A 23 -5.04 2.81 9.01
C CYS A 23 -4.19 3.79 9.82
N THR A 24 -4.04 3.48 11.11
CA THR A 24 -3.25 4.32 12.00
C THR A 24 -1.76 4.05 11.84
N GLY A 25 -0.97 5.12 11.79
CA GLY A 25 0.47 4.97 11.64
C GLY A 25 1.12 4.35 12.86
N GLY A 26 2.17 3.56 12.63
CA GLY A 26 2.86 2.92 13.74
C GLY A 26 1.91 2.22 14.69
N GLU A 27 0.93 1.52 14.15
CA GLU A 27 -0.05 0.81 14.96
C GLU A 27 0.59 -0.38 15.67
N VAL A 28 1.29 -0.10 16.77
CA VAL A 28 1.95 -1.14 17.54
C VAL A 28 0.95 -2.19 18.00
N GLY A 29 -0.32 -1.82 18.03
CA GLY A 29 -1.36 -2.75 18.46
C GLY A 29 -1.40 -4.00 17.61
N ALA A 30 -2.06 -3.90 16.47
CA ALA A 30 -2.18 -5.04 15.56
C ALA A 30 -2.79 -4.62 14.23
N THR A 31 -2.33 -5.25 13.15
CA THR A 31 -2.84 -4.93 11.81
C THR A 31 -3.67 -6.09 11.26
N SER A 32 -4.54 -6.65 12.09
CA SER A 32 -5.39 -7.76 11.68
C SER A 32 -6.33 -7.34 10.56
N ALA A 33 -6.46 -6.04 10.36
CA ALA A 33 -7.33 -5.49 9.33
C ALA A 33 -6.73 -5.69 7.94
N LEU A 34 -5.45 -6.09 7.91
CA LEU A 34 -4.75 -6.31 6.65
C LEU A 34 -4.69 -7.79 6.31
N ALA A 35 -5.09 -8.63 7.27
CA ALA A 35 -5.09 -10.07 7.07
C ALA A 35 -5.93 -10.46 5.85
N PRO A 36 -7.21 -10.07 5.87
CA PRO A 36 -8.14 -10.37 4.78
C PRO A 36 -7.83 -9.58 3.51
N LYS A 37 -7.16 -8.44 3.68
CA LYS A 37 -6.79 -7.60 2.55
C LYS A 37 -5.62 -8.20 1.78
N ILE A 38 -4.61 -8.66 2.52
CA ILE A 38 -3.42 -9.26 1.90
C ILE A 38 -3.55 -10.78 1.85
N GLY A 39 -4.68 -11.29 2.31
CA GLY A 39 -4.91 -12.73 2.30
C GLY A 39 -4.79 -13.32 0.91
N PRO A 40 -5.64 -12.87 -0.01
CA PRO A 40 -5.65 -13.35 -1.39
C PRO A 40 -4.42 -12.89 -2.17
N LEU A 41 -3.80 -11.81 -1.72
CA LEU A 41 -2.61 -11.27 -2.37
C LEU A 41 -1.47 -12.27 -2.30
N GLY A 42 -1.16 -12.75 -1.10
CA GLY A 42 -0.08 -13.70 -0.92
C GLY A 42 0.82 -13.35 0.24
N LEU A 43 1.46 -12.19 0.16
CA LEU A 43 2.37 -11.74 1.21
C LEU A 43 1.67 -11.77 2.57
N SER A 44 2.46 -11.67 3.63
CA SER A 44 1.92 -11.69 4.99
C SER A 44 1.68 -10.28 5.50
N PRO A 45 0.57 -10.12 6.25
CA PRO A 45 0.19 -8.82 6.82
C PRO A 45 1.14 -8.36 7.92
N LYS A 46 1.73 -9.33 8.61
CA LYS A 46 2.66 -9.03 9.70
C LYS A 46 3.94 -8.41 9.17
N LYS A 47 4.58 -9.09 8.22
CA LYS A 47 5.81 -8.61 7.62
C LYS A 47 5.60 -7.24 6.97
N VAL A 48 4.53 -7.11 6.19
CA VAL A 48 4.22 -5.87 5.52
C VAL A 48 3.80 -4.80 6.52
N GLY A 49 3.03 -5.20 7.52
CA GLY A 49 2.56 -4.26 8.53
C GLY A 49 3.71 -3.67 9.33
N ASP A 50 4.62 -4.52 9.78
CA ASP A 50 5.76 -4.07 10.56
C ASP A 50 6.63 -3.10 9.75
N ASP A 51 6.78 -3.38 8.47
CA ASP A 51 7.58 -2.54 7.59
C ASP A 51 6.98 -1.14 7.50
N ILE A 52 5.66 -1.06 7.45
CA ILE A 52 4.97 0.22 7.37
C ILE A 52 5.19 1.05 8.63
N ALA A 53 5.06 0.41 9.79
CA ALA A 53 5.25 1.09 11.07
C ALA A 53 6.65 1.68 11.17
N LYS A 54 7.64 0.93 10.69
CA LYS A 54 9.03 1.37 10.74
C LYS A 54 9.21 2.64 9.92
N ALA A 55 8.73 2.62 8.68
CA ALA A 55 8.84 3.77 7.79
C ALA A 55 8.01 4.94 8.31
N THR A 56 6.82 4.65 8.81
CA THR A 56 5.94 5.69 9.34
C THR A 56 6.12 5.85 10.83
N GLY A 57 7.28 5.43 11.34
CA GLY A 57 7.56 5.54 12.75
C GLY A 57 7.32 6.93 13.29
N ASP A 58 7.63 7.95 12.48
CA ASP A 58 7.44 9.34 12.88
C ASP A 58 5.95 9.69 12.93
N TRP A 59 5.16 8.95 12.16
CA TRP A 59 3.72 9.19 12.12
C TRP A 59 3.00 8.38 13.21
N LYS A 60 3.63 8.26 14.36
CA LYS A 60 3.06 7.51 15.48
C LYS A 60 1.90 8.29 16.11
N GLY A 61 0.71 8.11 15.53
CA GLY A 61 -0.46 8.79 16.05
C GLY A 61 -1.06 9.75 15.04
N LEU A 62 -0.40 9.89 13.89
CA LEU A 62 -0.88 10.79 12.85
C LEU A 62 -1.57 10.00 11.74
N ARG A 63 -2.69 10.54 11.25
CA ARG A 63 -3.45 9.88 10.20
C ARG A 63 -2.90 10.26 8.83
N ILE A 64 -2.48 9.26 8.07
CA ILE A 64 -1.93 9.47 6.73
C ILE A 64 -2.28 8.32 5.80
N THR A 65 -2.23 8.60 4.50
CA THR A 65 -2.54 7.58 3.50
C THR A 65 -1.28 6.92 2.97
N VAL A 66 -1.21 5.60 3.10
CA VAL A 66 -0.06 4.83 2.64
C VAL A 66 -0.42 3.97 1.43
N LYS A 67 0.40 4.05 0.39
CA LYS A 67 0.18 3.28 -0.83
C LYS A 67 1.16 2.12 -0.92
N LEU A 68 0.64 0.93 -1.22
CA LEU A 68 1.48 -0.25 -1.35
C LEU A 68 1.55 -0.72 -2.79
N THR A 69 2.77 -1.04 -3.24
CA THR A 69 2.96 -1.50 -4.62
C THR A 69 3.69 -2.84 -4.64
N ILE A 70 3.00 -3.87 -5.11
CA ILE A 70 3.58 -5.21 -5.19
C ILE A 70 3.89 -5.58 -6.63
N GLN A 71 5.16 -5.88 -6.89
CA GLN A 71 5.61 -6.24 -8.23
C GLN A 71 6.74 -7.26 -8.17
N ASN A 72 6.55 -8.42 -8.78
CA ASN A 72 7.56 -9.46 -8.80
C ASN A 72 7.71 -10.09 -7.42
N ARG A 73 6.58 -10.28 -6.74
CA ARG A 73 6.58 -10.87 -5.41
C ARG A 73 7.37 -10.01 -4.42
N GLN A 74 7.18 -8.70 -4.50
CA GLN A 74 7.88 -7.77 -3.62
C GLN A 74 6.91 -6.75 -3.01
N ALA A 75 7.35 -6.08 -1.96
CA ALA A 75 6.53 -5.08 -1.30
C ALA A 75 7.26 -3.75 -1.17
N GLN A 76 6.53 -2.66 -1.40
CA GLN A 76 7.12 -1.33 -1.32
C GLN A 76 6.19 -0.36 -0.59
N ILE A 77 6.70 0.26 0.46
CA ILE A 77 5.92 1.20 1.25
C ILE A 77 6.36 2.64 0.99
N GLU A 78 5.39 3.52 0.78
CA GLU A 78 5.68 4.93 0.52
C GLU A 78 4.52 5.81 0.96
N VAL A 79 4.85 6.98 1.52
CA VAL A 79 3.84 7.92 1.99
C VAL A 79 3.48 8.92 0.90
N VAL A 80 2.18 9.18 0.75
CA VAL A 80 1.71 10.13 -0.25
C VAL A 80 1.71 11.55 0.29
N PRO A 81 2.01 12.52 -0.59
CA PRO A 81 2.06 13.94 -0.23
C PRO A 81 0.67 14.50 0.06
N SER A 82 -0.35 13.84 -0.46
CA SER A 82 -1.73 14.28 -0.25
C SER A 82 -2.30 13.71 1.04
N ALA A 83 -2.19 14.48 2.12
CA ALA A 83 -2.70 14.05 3.43
C ALA A 83 -3.84 14.94 3.88
N SER A 84 -5.07 14.57 3.50
CA SER A 84 -6.25 15.35 3.88
C SER A 84 -7.40 14.41 4.24
N ALA A 85 -8.39 14.97 4.95
CA ALA A 85 -9.55 14.19 5.36
C ALA A 85 -10.36 13.72 4.14
N LEU A 86 -9.95 12.60 3.57
CA LEU A 86 -10.63 12.05 2.41
C LEU A 86 -11.59 10.93 2.81
N SER A 87 -12.35 11.17 3.88
CA SER A 87 -13.31 10.19 4.37
C SER A 87 -14.56 10.17 3.50
N GLY A 88 -14.85 9.00 2.93
CA GLY A 88 -16.02 8.85 2.08
C GLY A 88 -15.90 9.65 0.79
N PRO A 89 -16.47 9.12 -0.30
CA PRO A 89 -16.44 9.77 -1.61
C PRO A 89 -17.29 11.03 -1.65
N SER A 90 -18.40 11.02 -0.93
CA SER A 90 -19.30 12.16 -0.89
C SER A 90 -18.77 13.24 0.06
N SER A 91 -18.98 14.50 -0.32
CA SER A 91 -18.52 15.62 0.49
C SER A 91 -19.26 15.66 1.83
N GLY A 92 -18.49 15.59 2.91
CA GLY A 92 -19.09 15.62 4.24
C GLY A 92 -19.99 16.82 4.45
N GLY A 1 26.75 16.62 -9.80
CA GLY A 1 26.50 17.28 -11.06
C GLY A 1 25.09 17.06 -11.58
N SER A 2 24.16 17.91 -11.16
CA SER A 2 22.77 17.79 -11.57
C SER A 2 22.32 16.34 -11.55
N SER A 3 22.69 15.61 -10.49
CA SER A 3 22.32 14.22 -10.36
C SER A 3 21.43 14.00 -9.15
N GLY A 4 20.27 13.39 -9.37
CA GLY A 4 19.34 13.14 -8.30
C GLY A 4 18.03 12.54 -8.79
N SER A 5 17.63 11.43 -8.17
CA SER A 5 16.39 10.75 -8.55
C SER A 5 15.62 10.30 -7.32
N SER A 6 14.31 10.09 -7.49
CA SER A 6 13.45 9.66 -6.39
C SER A 6 12.73 8.36 -6.74
N GLY A 7 12.49 7.53 -5.74
CA GLY A 7 11.80 6.28 -5.96
C GLY A 7 12.64 5.29 -6.76
N PRO A 8 12.49 4.00 -6.45
CA PRO A 8 13.23 2.93 -7.15
C PRO A 8 12.77 2.75 -8.58
N PRO A 9 13.70 2.32 -9.46
CA PRO A 9 13.42 2.10 -10.87
C PRO A 9 12.51 0.89 -11.10
N LYS A 10 11.22 1.14 -11.27
CA LYS A 10 10.25 0.07 -11.49
C LYS A 10 10.66 -0.79 -12.68
N PHE A 11 10.05 -1.95 -12.80
CA PHE A 11 10.35 -2.88 -13.89
C PHE A 11 9.74 -2.38 -15.20
N ASP A 12 8.45 -2.09 -15.17
CA ASP A 12 7.74 -1.61 -16.35
C ASP A 12 6.30 -1.22 -16.00
N PRO A 13 5.81 -0.15 -16.64
CA PRO A 13 4.45 0.36 -16.42
C PRO A 13 3.39 -0.58 -16.98
N ASN A 14 3.79 -1.42 -17.93
CA ASN A 14 2.87 -2.37 -18.55
C ASN A 14 1.91 -2.95 -17.50
N GLU A 15 2.47 -3.57 -16.47
CA GLU A 15 1.66 -4.16 -15.41
C GLU A 15 2.01 -3.55 -14.05
N VAL A 16 1.12 -2.70 -13.55
CA VAL A 16 1.35 -2.06 -12.25
C VAL A 16 0.03 -1.93 -11.47
N LYS A 17 0.05 -2.38 -10.22
CA LYS A 17 -1.12 -2.33 -9.37
C LYS A 17 -0.80 -1.62 -8.05
N VAL A 18 -1.66 -0.68 -7.67
CA VAL A 18 -1.48 0.07 -6.43
C VAL A 18 -2.65 -0.15 -5.47
N VAL A 19 -2.33 -0.31 -4.20
CA VAL A 19 -3.36 -0.53 -3.18
C VAL A 19 -3.35 0.59 -2.15
N TYR A 20 -4.54 1.08 -1.80
CA TYR A 20 -4.66 2.15 -0.83
C TYR A 20 -5.52 1.71 0.36
N LEU A 21 -5.07 2.08 1.56
CA LEU A 21 -5.79 1.71 2.78
C LEU A 21 -5.64 2.79 3.84
N ARG A 22 -6.72 3.06 4.57
CA ARG A 22 -6.71 4.07 5.62
C ARG A 22 -6.46 3.44 6.98
N CYS A 23 -5.39 3.86 7.65
CA CYS A 23 -5.04 3.34 8.95
C CYS A 23 -4.16 4.33 9.73
N THR A 24 -4.06 4.12 11.04
CA THR A 24 -3.26 4.99 11.88
C THR A 24 -1.79 4.58 11.87
N GLY A 25 -0.90 5.57 11.86
CA GLY A 25 0.52 5.30 11.84
C GLY A 25 1.02 4.74 13.16
N GLY A 26 2.24 4.21 13.15
CA GLY A 26 2.81 3.65 14.36
C GLY A 26 1.76 2.99 15.24
N GLU A 27 0.86 2.23 14.62
CA GLU A 27 -0.19 1.55 15.36
C GLU A 27 0.14 0.06 15.53
N VAL A 28 0.16 -0.39 16.78
CA VAL A 28 0.47 -1.79 17.07
C VAL A 28 -0.62 -2.41 17.95
N GLY A 29 -1.15 -3.54 17.51
CA GLY A 29 -2.20 -4.21 18.26
C GLY A 29 -2.42 -5.63 17.79
N ALA A 30 -3.50 -6.25 18.25
CA ALA A 30 -3.84 -7.62 17.88
C ALA A 30 -5.08 -7.66 17.00
N THR A 31 -4.87 -7.92 15.70
CA THR A 31 -5.98 -8.00 14.75
C THR A 31 -5.53 -8.61 13.43
N SER A 32 -6.47 -9.20 12.71
CA SER A 32 -6.16 -9.83 11.43
C SER A 32 -6.95 -9.17 10.30
N ALA A 33 -6.29 -8.29 9.56
CA ALA A 33 -6.93 -7.59 8.45
C ALA A 33 -6.16 -7.80 7.16
N LEU A 34 -4.85 -7.62 7.22
CA LEU A 34 -3.99 -7.78 6.06
C LEU A 34 -3.77 -9.26 5.74
N ALA A 35 -3.92 -10.10 6.76
CA ALA A 35 -3.74 -11.54 6.59
C ALA A 35 -4.51 -12.05 5.39
N PRO A 36 -5.83 -11.82 5.39
CA PRO A 36 -6.70 -12.25 4.30
C PRO A 36 -6.47 -11.47 3.01
N LYS A 37 -5.92 -10.27 3.16
CA LYS A 37 -5.63 -9.42 2.01
C LYS A 37 -4.46 -9.96 1.20
N ILE A 38 -3.40 -10.36 1.90
CA ILE A 38 -2.21 -10.90 1.25
C ILE A 38 -2.34 -12.40 1.05
N GLY A 39 -3.34 -13.00 1.68
CA GLY A 39 -3.54 -14.43 1.56
C GLY A 39 -3.29 -14.94 0.16
N PRO A 40 -4.07 -14.43 -0.82
CA PRO A 40 -3.94 -14.82 -2.22
C PRO A 40 -2.65 -14.30 -2.85
N LEU A 41 -2.18 -13.16 -2.37
CA LEU A 41 -0.95 -12.56 -2.88
C LEU A 41 0.24 -13.50 -2.69
N GLY A 42 0.64 -13.71 -1.44
CA GLY A 42 1.76 -14.59 -1.16
C GLY A 42 2.58 -14.11 0.02
N LEU A 43 2.99 -12.85 -0.01
CA LEU A 43 3.80 -12.29 1.07
C LEU A 43 3.11 -12.47 2.42
N SER A 44 3.82 -12.15 3.49
CA SER A 44 3.27 -12.28 4.83
C SER A 44 2.85 -10.92 5.38
N PRO A 45 1.73 -10.92 6.13
CA PRO A 45 1.19 -9.69 6.73
C PRO A 45 2.07 -9.15 7.86
N LYS A 46 2.80 -10.04 8.51
CA LYS A 46 3.68 -9.67 9.61
C LYS A 46 4.88 -8.89 9.08
N LYS A 47 5.55 -9.44 8.07
CA LYS A 47 6.72 -8.79 7.48
C LYS A 47 6.36 -7.41 6.94
N VAL A 48 5.26 -7.34 6.20
CA VAL A 48 4.81 -6.08 5.62
C VAL A 48 4.31 -5.13 6.71
N GLY A 49 3.51 -5.65 7.62
CA GLY A 49 2.98 -4.82 8.70
C GLY A 49 4.08 -4.25 9.58
N ASP A 50 5.08 -5.08 9.89
CA ASP A 50 6.19 -4.64 10.73
C ASP A 50 6.94 -3.49 10.08
N ASP A 51 7.11 -3.56 8.76
CA ASP A 51 7.80 -2.52 8.02
C ASP A 51 6.99 -1.22 8.00
N ILE A 52 5.68 -1.36 7.90
CA ILE A 52 4.79 -0.21 7.88
C ILE A 52 4.83 0.55 9.20
N ALA A 53 4.72 -0.18 10.30
CA ALA A 53 4.75 0.43 11.63
C ALA A 53 6.04 1.21 11.84
N LYS A 54 7.17 0.59 11.48
CA LYS A 54 8.47 1.24 11.63
C LYS A 54 8.61 2.43 10.68
N ALA A 55 8.10 2.27 9.47
CA ALA A 55 8.17 3.33 8.47
C ALA A 55 7.39 4.56 8.93
N THR A 56 6.22 4.33 9.50
CA THR A 56 5.37 5.43 9.98
C THR A 56 5.63 5.71 11.45
N GLY A 57 6.73 5.18 11.97
CA GLY A 57 7.07 5.39 13.36
C GLY A 57 7.03 6.86 13.76
N ASP A 58 7.65 7.71 12.95
CA ASP A 58 7.68 9.13 13.22
C ASP A 58 6.30 9.76 13.00
N TRP A 59 5.52 9.16 12.11
CA TRP A 59 4.19 9.65 11.80
C TRP A 59 3.16 9.10 12.78
N LYS A 60 3.63 8.74 13.97
CA LYS A 60 2.74 8.20 15.00
C LYS A 60 1.73 9.26 15.46
N GLY A 61 0.45 8.92 15.38
CA GLY A 61 -0.58 9.85 15.79
C GLY A 61 -1.09 10.69 14.65
N LEU A 62 -0.35 10.70 13.54
CA LEU A 62 -0.72 11.48 12.37
C LEU A 62 -1.42 10.61 11.33
N ARG A 63 -2.57 11.07 10.85
CA ARG A 63 -3.32 10.33 9.85
C ARG A 63 -2.75 10.57 8.45
N ILE A 64 -2.33 9.48 7.79
CA ILE A 64 -1.77 9.57 6.45
C ILE A 64 -2.19 8.37 5.61
N THR A 65 -2.12 8.54 4.29
CA THR A 65 -2.49 7.48 3.36
C THR A 65 -1.25 6.72 2.87
N VAL A 66 -1.31 5.40 2.96
CA VAL A 66 -0.19 4.55 2.53
C VAL A 66 -0.56 3.76 1.28
N LYS A 67 0.29 3.84 0.27
CA LYS A 67 0.07 3.12 -0.98
C LYS A 67 1.00 1.92 -1.09
N LEU A 68 0.41 0.73 -1.23
CA LEU A 68 1.18 -0.49 -1.36
C LEU A 68 1.29 -0.93 -2.81
N THR A 69 2.50 -0.91 -3.35
CA THR A 69 2.74 -1.31 -4.73
C THR A 69 3.47 -2.64 -4.80
N ILE A 70 2.81 -3.65 -5.35
CA ILE A 70 3.40 -4.97 -5.49
C ILE A 70 3.83 -5.24 -6.93
N GLN A 71 5.11 -5.56 -7.10
CA GLN A 71 5.65 -5.84 -8.43
C GLN A 71 6.74 -6.90 -8.36
N ASN A 72 6.56 -7.99 -9.11
CA ASN A 72 7.53 -9.07 -9.12
C ASN A 72 7.61 -9.76 -7.77
N ARG A 73 6.45 -9.97 -7.16
CA ARG A 73 6.38 -10.63 -5.85
C ARG A 73 7.16 -9.83 -4.81
N GLN A 74 7.10 -8.51 -4.90
CA GLN A 74 7.79 -7.63 -3.97
C GLN A 74 6.82 -6.66 -3.31
N ALA A 75 7.18 -6.19 -2.12
CA ALA A 75 6.35 -5.25 -1.39
C ALA A 75 7.10 -3.98 -1.06
N GLN A 76 6.45 -2.83 -1.22
CA GLN A 76 7.07 -1.55 -0.94
C GLN A 76 6.08 -0.61 -0.25
N ILE A 77 6.59 0.20 0.67
CA ILE A 77 5.77 1.15 1.40
C ILE A 77 6.29 2.57 1.26
N GLU A 78 5.38 3.50 0.97
CA GLU A 78 5.76 4.90 0.80
C GLU A 78 4.59 5.83 1.17
N VAL A 79 4.93 7.01 1.65
CA VAL A 79 3.92 7.98 2.05
C VAL A 79 3.61 8.95 0.91
N VAL A 80 2.32 9.17 0.66
CA VAL A 80 1.89 10.07 -0.40
C VAL A 80 1.86 11.51 0.09
N PRO A 81 2.11 12.45 -0.83
CA PRO A 81 2.12 13.88 -0.52
C PRO A 81 0.72 14.42 -0.23
N SER A 82 0.56 15.05 0.93
CA SER A 82 -0.72 15.60 1.32
C SER A 82 -0.80 17.10 1.01
N ALA A 83 -0.17 17.50 -0.09
CA ALA A 83 -0.16 18.90 -0.50
C ALA A 83 -1.52 19.32 -1.04
N SER A 84 -2.15 18.44 -1.81
CA SER A 84 -3.45 18.72 -2.39
C SER A 84 -4.18 17.42 -2.73
N ALA A 85 -5.47 17.55 -3.04
CA ALA A 85 -6.29 16.39 -3.38
C ALA A 85 -5.70 15.64 -4.57
N LEU A 86 -4.90 14.63 -4.29
CA LEU A 86 -4.26 13.84 -5.34
C LEU A 86 -4.75 12.39 -5.29
N SER A 87 -5.91 12.14 -5.89
CA SER A 87 -6.50 10.81 -5.93
C SER A 87 -6.46 10.23 -7.33
N GLY A 88 -5.95 9.00 -7.45
CA GLY A 88 -5.87 8.36 -8.75
C GLY A 88 -4.77 8.93 -9.62
N PRO A 89 -3.52 8.48 -9.37
CA PRO A 89 -2.35 8.94 -10.12
C PRO A 89 -2.36 8.45 -11.56
N SER A 90 -3.20 7.47 -11.84
CA SER A 90 -3.31 6.90 -13.19
C SER A 90 -4.13 7.81 -14.10
N SER A 91 -3.48 8.79 -14.69
CA SER A 91 -4.15 9.73 -15.59
C SER A 91 -5.23 9.02 -16.40
N GLY A 92 -4.85 7.94 -17.07
CA GLY A 92 -5.79 7.19 -17.88
C GLY A 92 -6.09 7.88 -19.20
N GLY A 1 13.40 25.08 -24.75
CA GLY A 1 13.51 25.04 -23.31
C GLY A 1 12.54 24.06 -22.68
N SER A 2 12.81 22.77 -22.85
CA SER A 2 11.95 21.73 -22.30
C SER A 2 12.75 20.79 -21.39
N SER A 3 12.08 20.25 -20.38
CA SER A 3 12.72 19.33 -19.44
C SER A 3 12.54 17.89 -19.88
N GLY A 4 11.30 17.44 -19.95
CA GLY A 4 11.02 16.08 -20.36
C GLY A 4 9.68 15.58 -19.84
N SER A 5 8.95 14.86 -20.69
CA SER A 5 7.64 14.33 -20.33
C SER A 5 7.72 12.85 -20.00
N SER A 6 7.50 12.51 -18.74
CA SER A 6 7.55 11.12 -18.30
C SER A 6 6.84 10.21 -19.29
N GLY A 7 5.65 10.63 -19.71
CA GLY A 7 4.87 9.84 -20.65
C GLY A 7 3.49 9.51 -20.13
N PRO A 8 2.65 8.93 -21.00
CA PRO A 8 1.28 8.55 -20.65
C PRO A 8 1.23 7.37 -19.67
N PRO A 9 0.21 7.36 -18.81
CA PRO A 9 0.03 6.30 -17.81
C PRO A 9 -0.36 4.97 -18.44
N LYS A 10 -0.02 3.88 -17.76
CA LYS A 10 -0.33 2.54 -18.25
C LYS A 10 -1.32 1.84 -17.32
N PHE A 11 -2.52 1.60 -17.83
CA PHE A 11 -3.56 0.94 -17.05
C PHE A 11 -3.66 -0.53 -17.42
N ASP A 12 -2.99 -1.38 -16.64
CA ASP A 12 -3.00 -2.82 -16.89
C ASP A 12 -2.95 -3.60 -15.58
N PRO A 13 -3.49 -4.82 -15.58
CA PRO A 13 -3.52 -5.69 -14.41
C PRO A 13 -2.14 -6.20 -14.03
N ASN A 14 -1.40 -6.69 -15.03
CA ASN A 14 -0.06 -7.21 -14.81
C ASN A 14 0.89 -6.10 -14.36
N GLU A 15 0.92 -5.01 -15.13
CA GLU A 15 1.78 -3.88 -14.82
C GLU A 15 1.69 -3.51 -13.34
N VAL A 16 2.61 -2.68 -12.88
CA VAL A 16 2.64 -2.26 -11.48
C VAL A 16 1.25 -1.85 -11.01
N LYS A 17 0.89 -2.28 -9.80
CA LYS A 17 -0.41 -1.96 -9.24
C LYS A 17 -0.27 -1.38 -7.84
N VAL A 18 -0.75 -0.16 -7.65
CA VAL A 18 -0.67 0.50 -6.35
C VAL A 18 -2.02 0.46 -5.64
N VAL A 19 -1.98 0.26 -4.33
CA VAL A 19 -3.20 0.20 -3.52
C VAL A 19 -3.21 1.29 -2.46
N TYR A 20 -4.35 1.96 -2.32
CA TYR A 20 -4.48 3.03 -1.34
C TYR A 20 -5.44 2.63 -0.22
N LEU A 21 -5.14 3.05 1.00
CA LEU A 21 -5.96 2.73 2.16
C LEU A 21 -5.86 3.82 3.22
N ARG A 22 -6.91 3.96 4.02
CA ARG A 22 -6.94 4.97 5.08
C ARG A 22 -6.70 4.32 6.44
N CYS A 23 -5.64 4.74 7.11
CA CYS A 23 -5.30 4.20 8.43
C CYS A 23 -4.41 5.18 9.20
N THR A 24 -4.29 4.94 10.50
CA THR A 24 -3.47 5.79 11.36
C THR A 24 -2.03 5.30 11.40
N GLY A 25 -1.09 6.25 11.40
CA GLY A 25 0.32 5.88 11.43
C GLY A 25 0.76 5.39 12.81
N GLY A 26 1.77 4.54 12.83
CA GLY A 26 2.26 4.00 14.09
C GLY A 26 1.22 3.17 14.80
N GLU A 27 0.49 2.36 14.06
CA GLU A 27 -0.54 1.51 14.64
C GLU A 27 -0.39 0.07 14.17
N VAL A 28 0.15 -0.78 15.05
CA VAL A 28 0.34 -2.19 14.72
C VAL A 28 -0.93 -2.80 14.16
N GLY A 29 -0.78 -3.57 13.08
CA GLY A 29 -1.93 -4.21 12.46
C GLY A 29 -2.05 -5.67 12.85
N ALA A 30 -3.19 -6.28 12.49
CA ALA A 30 -3.43 -7.68 12.81
C ALA A 30 -2.82 -8.59 11.76
N THR A 31 -1.79 -9.34 12.17
CA THR A 31 -1.11 -10.26 11.26
C THR A 31 -1.90 -11.56 11.09
N SER A 32 -2.99 -11.68 11.83
CA SER A 32 -3.84 -12.87 11.77
C SER A 32 -4.78 -12.80 10.58
N ALA A 33 -5.15 -11.58 10.19
CA ALA A 33 -6.05 -11.38 9.06
C ALA A 33 -5.28 -11.31 7.75
N LEU A 34 -3.96 -11.16 7.86
CA LEU A 34 -3.11 -11.08 6.68
C LEU A 34 -2.53 -12.44 6.33
N ALA A 35 -2.60 -13.38 7.27
CA ALA A 35 -2.09 -14.72 7.07
C ALA A 35 -2.61 -15.32 5.75
N PRO A 36 -3.94 -15.37 5.62
CA PRO A 36 -4.58 -15.91 4.42
C PRO A 36 -4.41 -15.00 3.21
N LYS A 37 -4.22 -13.71 3.46
CA LYS A 37 -4.03 -12.74 2.40
C LYS A 37 -2.70 -12.95 1.68
N ILE A 38 -1.65 -13.14 2.47
CA ILE A 38 -0.31 -13.35 1.92
C ILE A 38 0.03 -14.84 1.88
N GLY A 39 -0.96 -15.68 2.16
CA GLY A 39 -0.75 -17.12 2.16
C GLY A 39 -0.29 -17.63 0.80
N PRO A 40 -1.12 -17.41 -0.23
CA PRO A 40 -0.81 -17.84 -1.60
C PRO A 40 0.33 -17.04 -2.22
N LEU A 41 0.51 -15.82 -1.73
CA LEU A 41 1.57 -14.95 -2.24
C LEU A 41 2.95 -15.57 -2.00
N GLY A 42 3.22 -15.88 -0.73
CA GLY A 42 4.50 -16.47 -0.38
C GLY A 42 5.18 -15.75 0.77
N LEU A 43 5.34 -14.44 0.63
CA LEU A 43 5.99 -13.64 1.66
C LEU A 43 5.32 -13.87 3.02
N SER A 44 5.76 -13.11 4.02
CA SER A 44 5.20 -13.22 5.37
C SER A 44 4.55 -11.92 5.81
N PRO A 45 3.43 -12.02 6.53
CA PRO A 45 2.68 -10.86 7.02
C PRO A 45 3.44 -10.13 8.12
N LYS A 46 4.29 -10.85 8.84
CA LYS A 46 5.08 -10.26 9.92
C LYS A 46 6.10 -9.27 9.37
N LYS A 47 6.94 -9.73 8.45
CA LYS A 47 7.96 -8.89 7.84
C LYS A 47 7.33 -7.69 7.15
N VAL A 48 6.29 -7.94 6.37
CA VAL A 48 5.60 -6.86 5.66
C VAL A 48 4.85 -5.95 6.62
N GLY A 49 4.17 -6.55 7.59
CA GLY A 49 3.42 -5.78 8.56
C GLY A 49 4.32 -4.89 9.40
N ASP A 50 5.44 -5.44 9.86
CA ASP A 50 6.38 -4.70 10.67
C ASP A 50 7.00 -3.55 9.88
N ASP A 51 7.28 -3.81 8.61
CA ASP A 51 7.88 -2.80 7.74
C ASP A 51 6.99 -1.56 7.64
N ILE A 52 5.68 -1.79 7.57
CA ILE A 52 4.73 -0.69 7.47
C ILE A 52 4.76 0.18 8.72
N ALA A 53 4.83 -0.46 9.88
CA ALA A 53 4.88 0.25 11.15
C ALA A 53 6.13 1.12 11.25
N LYS A 54 7.26 0.56 10.85
CA LYS A 54 8.53 1.28 10.89
C LYS A 54 8.46 2.55 10.03
N ALA A 55 7.97 2.41 8.81
CA ALA A 55 7.85 3.55 7.90
C ALA A 55 6.93 4.62 8.48
N THR A 56 5.82 4.18 9.06
CA THR A 56 4.86 5.11 9.66
C THR A 56 5.17 5.36 11.13
N GLY A 57 6.43 5.16 11.50
CA GLY A 57 6.85 5.37 12.88
C GLY A 57 6.83 6.84 13.26
N ASP A 58 7.18 7.71 12.33
CA ASP A 58 7.20 9.14 12.58
C ASP A 58 5.78 9.70 12.62
N TRP A 59 4.85 8.98 12.04
CA TRP A 59 3.45 9.41 12.01
C TRP A 59 2.67 8.78 13.15
N LYS A 60 3.33 8.57 14.28
CA LYS A 60 2.70 7.98 15.44
C LYS A 60 1.60 8.90 16.00
N GLY A 61 0.39 8.74 15.48
CA GLY A 61 -0.71 9.56 15.94
C GLY A 61 -1.32 10.39 14.82
N LEU A 62 -0.53 10.67 13.80
CA LEU A 62 -1.00 11.46 12.67
C LEU A 62 -1.61 10.56 11.59
N ARG A 63 -2.80 10.93 11.13
CA ARG A 63 -3.49 10.16 10.11
C ARG A 63 -2.98 10.52 8.72
N ILE A 64 -2.59 9.51 7.94
CA ILE A 64 -2.09 9.72 6.59
C ILE A 64 -2.41 8.53 5.70
N THR A 65 -2.44 8.78 4.39
CA THR A 65 -2.74 7.73 3.42
C THR A 65 -1.46 7.07 2.91
N VAL A 66 -1.40 5.74 3.02
CA VAL A 66 -0.24 5.00 2.57
C VAL A 66 -0.56 4.16 1.35
N LYS A 67 0.33 4.18 0.37
CA LYS A 67 0.15 3.42 -0.87
C LYS A 67 1.08 2.21 -0.91
N LEU A 68 0.51 1.04 -1.19
CA LEU A 68 1.30 -0.19 -1.27
C LEU A 68 1.36 -0.70 -2.70
N THR A 69 2.57 -1.04 -3.16
CA THR A 69 2.77 -1.54 -4.51
C THR A 69 3.40 -2.93 -4.49
N ILE A 70 2.64 -3.93 -4.92
CA ILE A 70 3.13 -5.30 -4.95
C ILE A 70 3.30 -5.80 -6.39
N GLN A 71 4.52 -6.21 -6.72
CA GLN A 71 4.82 -6.69 -8.07
C GLN A 71 5.85 -7.81 -8.02
N ASN A 72 5.59 -8.88 -8.76
CA ASN A 72 6.49 -10.02 -8.80
C ASN A 72 6.89 -10.46 -7.39
N ARG A 73 5.90 -10.52 -6.50
CA ARG A 73 6.14 -10.92 -5.12
C ARG A 73 7.03 -9.90 -4.41
N GLN A 74 6.66 -8.63 -4.50
CA GLN A 74 7.42 -7.56 -3.86
C GLN A 74 6.52 -6.69 -3.00
N ALA A 75 7.12 -5.97 -2.05
CA ALA A 75 6.37 -5.11 -1.16
C ALA A 75 7.05 -3.75 -1.01
N GLN A 76 6.28 -2.68 -1.17
CA GLN A 76 6.82 -1.32 -1.07
C GLN A 76 5.88 -0.44 -0.26
N ILE A 77 6.43 0.28 0.71
CA ILE A 77 5.64 1.17 1.55
C ILE A 77 6.12 2.62 1.42
N GLU A 78 5.19 3.52 1.15
CA GLU A 78 5.51 4.93 1.01
C GLU A 78 4.32 5.81 1.37
N VAL A 79 4.59 6.98 1.91
CA VAL A 79 3.55 7.92 2.30
C VAL A 79 3.34 9.00 1.25
N VAL A 80 2.09 9.30 0.95
CA VAL A 80 1.77 10.32 -0.04
C VAL A 80 1.85 11.73 0.56
N PRO A 81 2.32 12.69 -0.25
CA PRO A 81 2.47 14.09 0.19
C PRO A 81 1.11 14.77 0.38
N SER A 82 0.96 15.44 1.51
CA SER A 82 -0.28 16.14 1.83
C SER A 82 -0.10 17.65 1.74
N ALA A 83 -0.18 18.18 0.52
CA ALA A 83 -0.01 19.61 0.29
C ALA A 83 -1.32 20.35 0.53
N SER A 84 -2.40 19.84 -0.05
CA SER A 84 -3.72 20.46 0.10
C SER A 84 -4.80 19.40 0.30
N ALA A 85 -5.96 19.83 0.78
CA ALA A 85 -7.07 18.92 1.01
C ALA A 85 -7.45 18.18 -0.26
N LEU A 86 -6.96 16.94 -0.38
CA LEU A 86 -7.25 16.12 -1.55
C LEU A 86 -7.95 14.83 -1.15
N SER A 87 -9.28 14.84 -1.18
CA SER A 87 -10.06 13.67 -0.82
C SER A 87 -10.89 13.18 -2.01
N GLY A 88 -11.80 14.03 -2.47
CA GLY A 88 -12.65 13.67 -3.59
C GLY A 88 -14.09 14.13 -3.41
N PRO A 89 -14.33 15.43 -3.60
CA PRO A 89 -15.67 16.02 -3.46
C PRO A 89 -16.61 15.57 -4.57
N SER A 90 -16.07 14.90 -5.57
CA SER A 90 -16.86 14.41 -6.69
C SER A 90 -18.22 13.90 -6.22
N SER A 91 -19.29 14.46 -6.78
CA SER A 91 -20.64 14.06 -6.41
C SER A 91 -20.72 13.72 -4.92
N GLY A 92 -20.08 14.54 -4.11
CA GLY A 92 -20.09 14.31 -2.67
C GLY A 92 -21.48 14.43 -2.08
N GLY A 1 2.36 -21.44 -17.94
CA GLY A 1 3.36 -20.56 -18.50
C GLY A 1 4.77 -21.12 -18.34
N SER A 2 5.76 -20.38 -18.84
CA SER A 2 7.15 -20.82 -18.75
C SER A 2 7.85 -20.19 -17.55
N SER A 3 8.40 -21.04 -16.69
CA SER A 3 9.10 -20.57 -15.50
C SER A 3 10.25 -21.50 -15.13
N GLY A 4 11.44 -20.94 -15.04
CA GLY A 4 12.62 -21.75 -14.70
C GLY A 4 13.36 -22.22 -15.93
N SER A 5 12.63 -22.48 -17.01
CA SER A 5 13.24 -22.95 -18.25
C SER A 5 14.44 -22.09 -18.63
N SER A 6 15.27 -22.62 -19.53
CA SER A 6 16.46 -21.89 -19.97
C SER A 6 16.20 -20.39 -20.04
N GLY A 7 17.09 -19.62 -19.44
CA GLY A 7 16.95 -18.17 -19.43
C GLY A 7 15.82 -17.70 -18.53
N PRO A 8 15.88 -16.44 -18.11
CA PRO A 8 14.87 -15.85 -17.23
C PRO A 8 13.53 -15.64 -17.94
N PRO A 9 12.43 -15.76 -17.17
CA PRO A 9 11.08 -15.60 -17.71
C PRO A 9 10.78 -14.15 -18.09
N LYS A 10 9.74 -13.97 -18.91
CA LYS A 10 9.35 -12.63 -19.35
C LYS A 10 8.75 -11.83 -18.19
N PHE A 11 9.50 -10.85 -17.72
CA PHE A 11 9.04 -10.01 -16.61
C PHE A 11 7.99 -9.03 -17.08
N ASP A 12 7.24 -8.46 -16.13
CA ASP A 12 6.20 -7.50 -16.45
C ASP A 12 6.51 -6.13 -15.87
N PRO A 13 7.38 -5.37 -16.58
CA PRO A 13 7.78 -4.03 -16.14
C PRO A 13 6.65 -3.02 -16.25
N ASN A 14 5.62 -3.37 -17.02
CA ASN A 14 4.47 -2.49 -17.20
C ASN A 14 3.33 -2.86 -16.24
N GLU A 15 2.89 -4.12 -16.33
CA GLU A 15 1.81 -4.60 -15.48
C GLU A 15 2.08 -4.26 -14.02
N VAL A 16 1.50 -3.16 -13.56
CA VAL A 16 1.68 -2.71 -12.17
C VAL A 16 0.35 -2.31 -11.56
N LYS A 17 0.16 -2.64 -10.28
CA LYS A 17 -1.06 -2.30 -9.57
C LYS A 17 -0.76 -1.73 -8.20
N VAL A 18 -1.47 -0.66 -7.83
CA VAL A 18 -1.27 -0.01 -6.54
C VAL A 18 -2.55 -0.03 -5.72
N VAL A 19 -2.40 -0.20 -4.41
CA VAL A 19 -3.55 -0.23 -3.51
C VAL A 19 -3.42 0.82 -2.42
N TYR A 20 -4.49 1.57 -2.20
CA TYR A 20 -4.49 2.62 -1.18
C TYR A 20 -5.39 2.25 -0.01
N LEU A 21 -4.97 2.59 1.20
CA LEU A 21 -5.74 2.29 2.40
C LEU A 21 -5.58 3.39 3.45
N ARG A 22 -6.58 3.53 4.31
CA ARG A 22 -6.55 4.53 5.36
C ARG A 22 -6.49 3.88 6.74
N CYS A 23 -5.51 4.27 7.54
CA CYS A 23 -5.34 3.73 8.88
C CYS A 23 -4.47 4.64 9.73
N THR A 24 -4.44 4.38 11.03
CA THR A 24 -3.66 5.18 11.97
C THR A 24 -2.17 4.87 11.83
N GLY A 25 -1.36 5.91 11.70
CA GLY A 25 0.07 5.74 11.57
C GLY A 25 0.69 5.09 12.79
N GLY A 26 1.80 4.39 12.59
CA GLY A 26 2.47 3.73 13.70
C GLY A 26 1.51 3.06 14.63
N GLU A 27 0.50 2.38 14.07
CA GLU A 27 -0.50 1.70 14.88
C GLU A 27 0.07 0.42 15.48
N VAL A 28 -0.04 0.29 16.80
CA VAL A 28 0.47 -0.89 17.50
C VAL A 28 -0.61 -1.95 17.64
N GLY A 29 -1.81 -1.53 18.04
CA GLY A 29 -2.91 -2.45 18.20
C GLY A 29 -2.88 -3.57 17.19
N ALA A 30 -3.13 -4.79 17.65
CA ALA A 30 -3.14 -5.96 16.77
C ALA A 30 -4.34 -5.93 15.83
N THR A 31 -4.17 -6.50 14.64
CA THR A 31 -5.24 -6.55 13.65
C THR A 31 -4.90 -7.50 12.51
N SER A 32 -5.89 -8.29 12.10
CA SER A 32 -5.69 -9.25 11.02
C SER A 32 -6.48 -8.84 9.78
N ALA A 33 -6.31 -7.59 9.37
CA ALA A 33 -7.00 -7.07 8.19
C ALA A 33 -6.17 -7.28 6.93
N LEU A 34 -4.86 -7.45 7.11
CA LEU A 34 -3.95 -7.65 5.99
C LEU A 34 -3.73 -9.14 5.73
N ALA A 35 -4.05 -9.96 6.73
CA ALA A 35 -3.89 -11.41 6.61
C ALA A 35 -4.53 -11.93 5.33
N PRO A 36 -5.85 -11.67 5.19
CA PRO A 36 -6.61 -12.12 4.01
C PRO A 36 -6.22 -11.36 2.75
N LYS A 37 -5.74 -10.13 2.93
CA LYS A 37 -5.32 -9.30 1.80
C LYS A 37 -4.07 -9.87 1.13
N ILE A 38 -3.09 -10.23 1.94
CA ILE A 38 -1.85 -10.79 1.43
C ILE A 38 -1.96 -12.31 1.25
N GLY A 39 -2.99 -12.89 1.85
CA GLY A 39 -3.19 -14.32 1.74
C GLY A 39 -2.93 -14.84 0.33
N PRO A 40 -3.69 -14.32 -0.64
CA PRO A 40 -3.56 -14.72 -2.05
C PRO A 40 -2.25 -14.23 -2.67
N LEU A 41 -1.77 -13.09 -2.20
CA LEU A 41 -0.53 -12.51 -2.71
C LEU A 41 0.63 -13.49 -2.56
N GLY A 42 0.90 -13.89 -1.32
CA GLY A 42 1.98 -14.83 -1.07
C GLY A 42 2.82 -14.42 0.13
N LEU A 43 3.30 -13.18 0.12
CA LEU A 43 4.13 -12.67 1.20
C LEU A 43 3.43 -12.84 2.54
N SER A 44 4.06 -12.32 3.60
CA SER A 44 3.49 -12.41 4.94
C SER A 44 3.12 -11.02 5.46
N PRO A 45 2.02 -10.95 6.21
CA PRO A 45 1.52 -9.69 6.79
C PRO A 45 2.43 -9.17 7.90
N LYS A 46 3.20 -10.08 8.51
CA LYS A 46 4.11 -9.71 9.58
C LYS A 46 5.25 -8.84 9.06
N LYS A 47 5.94 -9.34 8.03
CA LYS A 47 7.05 -8.60 7.43
C LYS A 47 6.58 -7.25 6.90
N VAL A 48 5.47 -7.26 6.17
CA VAL A 48 4.92 -6.04 5.60
C VAL A 48 4.37 -5.12 6.69
N GLY A 49 3.68 -5.71 7.66
CA GLY A 49 3.11 -4.93 8.75
C GLY A 49 4.17 -4.24 9.58
N ASP A 50 5.28 -4.95 9.83
CA ASP A 50 6.37 -4.40 10.63
C ASP A 50 7.01 -3.21 9.92
N ASP A 51 7.24 -3.36 8.62
CA ASP A 51 7.86 -2.31 7.83
C ASP A 51 7.03 -1.03 7.91
N ILE A 52 5.72 -1.16 7.78
CA ILE A 52 4.82 -0.01 7.84
C ILE A 52 4.90 0.68 9.20
N ALA A 53 4.87 -0.10 10.26
CA ALA A 53 4.94 0.43 11.62
C ALA A 53 6.21 1.25 11.81
N LYS A 54 7.34 0.71 11.37
CA LYS A 54 8.62 1.39 11.49
C LYS A 54 8.66 2.63 10.62
N ALA A 55 8.20 2.49 9.38
CA ALA A 55 8.18 3.61 8.44
C ALA A 55 7.32 4.76 8.97
N THR A 56 6.19 4.41 9.56
CA THR A 56 5.27 5.42 10.10
C THR A 56 5.61 5.72 11.55
N GLY A 57 6.84 5.43 11.95
CA GLY A 57 7.26 5.69 13.31
C GLY A 57 7.56 7.16 13.57
N ASP A 58 7.87 7.89 12.51
CA ASP A 58 8.17 9.31 12.62
C ASP A 58 6.90 10.13 12.71
N TRP A 59 5.80 9.57 12.20
CA TRP A 59 4.51 10.26 12.21
C TRP A 59 3.41 9.32 12.68
N LYS A 60 3.64 8.64 13.79
CA LYS A 60 2.66 7.70 14.34
C LYS A 60 1.52 8.46 15.02
N GLY A 61 0.30 7.94 14.85
CA GLY A 61 -0.86 8.58 15.46
C GLY A 61 -1.59 9.49 14.48
N LEU A 62 -0.83 10.17 13.64
CA LEU A 62 -1.41 11.08 12.65
C LEU A 62 -2.01 10.32 11.48
N ARG A 63 -3.07 10.87 10.90
CA ARG A 63 -3.74 10.23 9.77
C ARG A 63 -2.96 10.47 8.48
N ILE A 64 -2.57 9.39 7.82
CA ILE A 64 -1.82 9.49 6.57
C ILE A 64 -2.20 8.36 5.61
N THR A 65 -2.02 8.60 4.32
CA THR A 65 -2.34 7.60 3.30
C THR A 65 -1.13 6.73 2.99
N VAL A 66 -1.37 5.43 2.84
CA VAL A 66 -0.29 4.49 2.55
C VAL A 66 -0.45 3.92 1.14
N LYS A 67 0.64 3.92 0.38
CA LYS A 67 0.62 3.40 -0.99
C LYS A 67 1.48 2.14 -1.09
N LEU A 68 0.83 1.02 -1.36
CA LEU A 68 1.53 -0.26 -1.49
C LEU A 68 1.43 -0.79 -2.92
N THR A 69 2.57 -1.16 -3.48
CA THR A 69 2.61 -1.69 -4.84
C THR A 69 3.28 -3.06 -4.88
N ILE A 70 2.57 -4.04 -5.43
CA ILE A 70 3.10 -5.40 -5.53
C ILE A 70 3.59 -5.70 -6.95
N GLN A 71 4.87 -6.05 -7.06
CA GLN A 71 5.45 -6.36 -8.36
C GLN A 71 6.52 -7.44 -8.23
N ASN A 72 6.34 -8.55 -8.94
CA ASN A 72 7.29 -9.65 -8.89
C ASN A 72 7.39 -10.22 -7.49
N ARG A 73 6.28 -10.22 -6.76
CA ARG A 73 6.25 -10.73 -5.40
C ARG A 73 7.08 -9.86 -4.47
N GLN A 74 6.91 -8.55 -4.61
CA GLN A 74 7.64 -7.60 -3.77
C GLN A 74 6.69 -6.59 -3.14
N ALA A 75 6.97 -6.24 -1.88
CA ALA A 75 6.13 -5.28 -1.16
C ALA A 75 6.90 -3.99 -0.89
N GLN A 76 6.35 -2.87 -1.34
CA GLN A 76 6.98 -1.57 -1.15
C GLN A 76 6.03 -0.60 -0.46
N ILE A 77 6.48 -0.03 0.65
CA ILE A 77 5.67 0.92 1.40
C ILE A 77 6.10 2.35 1.13
N GLU A 78 5.11 3.23 0.94
CA GLU A 78 5.40 4.64 0.67
C GLU A 78 4.25 5.52 1.16
N VAL A 79 4.61 6.62 1.81
CA VAL A 79 3.61 7.55 2.33
C VAL A 79 3.50 8.79 1.45
N VAL A 80 2.28 9.10 1.02
CA VAL A 80 2.04 10.26 0.16
C VAL A 80 1.86 11.52 1.00
N PRO A 81 2.25 12.67 0.42
CA PRO A 81 2.12 13.96 1.10
C PRO A 81 0.68 14.41 1.25
N SER A 82 0.49 15.60 1.81
CA SER A 82 -0.85 16.14 2.02
C SER A 82 -1.71 15.98 0.77
N ALA A 83 -1.14 16.33 -0.38
CA ALA A 83 -1.85 16.23 -1.65
C ALA A 83 -0.88 16.28 -2.82
N SER A 84 -1.00 15.30 -3.72
CA SER A 84 -0.13 15.24 -4.89
C SER A 84 -0.95 15.11 -6.17
N ALA A 85 -0.84 16.11 -7.04
CA ALA A 85 -1.57 16.11 -8.30
C ALA A 85 -2.95 15.48 -8.14
N LEU A 86 -3.65 15.89 -7.08
CA LEU A 86 -4.99 15.36 -6.81
C LEU A 86 -6.06 16.23 -7.47
N SER A 87 -5.81 16.61 -8.73
CA SER A 87 -6.75 17.45 -9.47
C SER A 87 -7.64 16.59 -10.37
N GLY A 88 -8.95 16.67 -10.13
CA GLY A 88 -9.89 15.90 -10.92
C GLY A 88 -10.33 14.63 -10.23
N PRO A 89 -11.59 14.22 -10.46
CA PRO A 89 -12.15 13.02 -9.85
C PRO A 89 -11.55 11.74 -10.42
N SER A 90 -10.62 11.90 -11.36
CA SER A 90 -9.96 10.76 -11.99
C SER A 90 -9.39 9.82 -10.94
N SER A 91 -9.56 8.52 -11.16
CA SER A 91 -9.06 7.52 -10.22
C SER A 91 -8.66 6.25 -10.96
N GLY A 92 -7.88 5.39 -10.28
CA GLY A 92 -7.44 4.16 -10.90
C GLY A 92 -6.18 4.33 -11.73
N GLY A 1 22.30 19.06 -26.07
CA GLY A 1 21.71 18.34 -24.96
C GLY A 1 22.24 16.92 -24.84
N SER A 2 21.40 16.00 -24.39
CA SER A 2 21.79 14.61 -24.23
C SER A 2 22.98 14.49 -23.28
N SER A 3 22.92 15.24 -22.18
CA SER A 3 23.99 15.23 -21.19
C SER A 3 23.51 14.65 -19.87
N GLY A 4 22.31 15.06 -19.46
CA GLY A 4 21.75 14.58 -18.21
C GLY A 4 20.26 14.31 -18.31
N SER A 5 19.84 13.75 -19.43
CA SER A 5 18.43 13.45 -19.65
C SER A 5 18.23 11.96 -19.96
N SER A 6 17.26 11.35 -19.29
CA SER A 6 16.97 9.93 -19.48
C SER A 6 15.57 9.59 -18.98
N GLY A 7 14.90 8.68 -19.69
CA GLY A 7 13.57 8.28 -19.29
C GLY A 7 13.52 7.65 -17.91
N PRO A 8 12.34 7.66 -17.29
CA PRO A 8 12.14 7.08 -15.96
C PRO A 8 12.26 5.56 -15.96
N PRO A 9 12.73 5.00 -14.83
CA PRO A 9 12.89 3.55 -14.68
C PRO A 9 11.54 2.83 -14.59
N LYS A 10 11.46 1.68 -15.24
CA LYS A 10 10.24 0.88 -15.24
C LYS A 10 10.52 -0.57 -14.86
N PHE A 11 10.32 -0.89 -13.60
CA PHE A 11 10.57 -2.25 -13.10
C PHE A 11 9.29 -3.08 -13.17
N ASP A 12 8.56 -2.98 -14.27
CA ASP A 12 7.33 -3.72 -14.46
C ASP A 12 7.29 -4.40 -15.83
N PRO A 13 6.71 -5.60 -15.88
CA PRO A 13 6.59 -6.37 -17.12
C PRO A 13 5.62 -5.74 -18.11
N ASN A 14 4.42 -5.44 -17.63
CA ASN A 14 3.39 -4.82 -18.47
C ASN A 14 2.89 -3.53 -17.86
N GLU A 15 2.26 -3.64 -16.69
CA GLU A 15 1.72 -2.47 -15.99
C GLU A 15 2.03 -2.54 -14.50
N VAL A 16 1.62 -1.51 -13.78
CA VAL A 16 1.85 -1.45 -12.33
C VAL A 16 0.53 -1.47 -11.56
N LYS A 17 0.53 -2.14 -10.42
CA LYS A 17 -0.66 -2.23 -9.59
C LYS A 17 -0.42 -1.61 -8.21
N VAL A 18 -1.22 -0.58 -7.90
CA VAL A 18 -1.09 0.10 -6.62
C VAL A 18 -2.37 0.00 -5.82
N VAL A 19 -2.24 -0.15 -4.50
CA VAL A 19 -3.39 -0.26 -3.62
C VAL A 19 -3.33 0.77 -2.50
N TYR A 20 -4.47 1.38 -2.20
CA TYR A 20 -4.55 2.39 -1.15
C TYR A 20 -5.44 1.92 0.00
N LEU A 21 -4.98 2.13 1.22
CA LEU A 21 -5.74 1.73 2.41
C LEU A 21 -5.54 2.73 3.54
N ARG A 22 -6.60 2.98 4.29
CA ARG A 22 -6.53 3.92 5.41
C ARG A 22 -6.31 3.18 6.73
N CYS A 23 -5.33 3.65 7.50
CA CYS A 23 -5.01 3.03 8.78
C CYS A 23 -4.27 4.01 9.69
N THR A 24 -4.16 3.67 10.97
CA THR A 24 -3.49 4.52 11.93
C THR A 24 -1.98 4.31 11.90
N GLY A 25 -1.24 5.41 11.84
CA GLY A 25 0.22 5.31 11.80
C GLY A 25 0.76 4.38 12.86
N GLY A 26 1.70 3.52 12.46
CA GLY A 26 2.29 2.59 13.40
C GLY A 26 1.27 1.99 14.35
N GLU A 27 0.41 1.13 13.82
CA GLU A 27 -0.62 0.49 14.63
C GLU A 27 -0.15 -0.85 15.17
N VAL A 28 1.09 -0.88 15.67
CA VAL A 28 1.67 -2.09 16.22
C VAL A 28 0.66 -2.84 17.07
N GLY A 29 0.61 -4.16 16.90
CA GLY A 29 -0.32 -4.97 17.67
C GLY A 29 -0.35 -6.42 17.21
N ALA A 30 -1.32 -6.74 16.36
CA ALA A 30 -1.46 -8.10 15.85
C ALA A 30 -2.05 -8.09 14.43
N THR A 31 -1.77 -9.14 13.68
CA THR A 31 -2.27 -9.25 12.31
C THR A 31 -3.53 -10.12 12.26
N SER A 32 -4.68 -9.47 12.17
CA SER A 32 -5.95 -10.17 12.11
C SER A 32 -6.77 -9.73 10.90
N ALA A 33 -6.71 -8.45 10.60
CA ALA A 33 -7.44 -7.90 9.46
C ALA A 33 -6.62 -8.01 8.17
N LEU A 34 -5.30 -8.05 8.33
CA LEU A 34 -4.40 -8.15 7.18
C LEU A 34 -4.14 -9.61 6.82
N ALA A 35 -4.36 -10.49 7.80
CA ALA A 35 -4.14 -11.92 7.59
C ALA A 35 -4.92 -12.42 6.37
N PRO A 36 -6.24 -12.22 6.40
CA PRO A 36 -7.13 -12.65 5.30
C PRO A 36 -6.92 -11.82 4.04
N LYS A 37 -6.39 -10.60 4.21
CA LYS A 37 -6.15 -9.71 3.09
C LYS A 37 -4.96 -10.20 2.26
N ILE A 38 -3.88 -10.55 2.94
CA ILE A 38 -2.68 -11.03 2.26
C ILE A 38 -2.73 -12.54 2.05
N GLY A 39 -3.69 -13.19 2.70
CA GLY A 39 -3.84 -14.62 2.58
C GLY A 39 -3.62 -15.11 1.15
N PRO A 40 -4.44 -14.60 0.23
CA PRO A 40 -4.35 -14.97 -1.19
C PRO A 40 -3.10 -14.42 -1.86
N LEU A 41 -2.64 -13.27 -1.37
CA LEU A 41 -1.45 -12.63 -1.92
C LEU A 41 -0.23 -13.53 -1.79
N GLY A 42 0.07 -13.92 -0.54
CA GLY A 42 1.21 -14.78 -0.30
C GLY A 42 2.09 -14.28 0.84
N LEU A 43 2.58 -13.05 0.71
CA LEU A 43 3.43 -12.46 1.72
C LEU A 43 2.80 -12.59 3.11
N SER A 44 3.50 -12.11 4.13
CA SER A 44 3.02 -12.17 5.50
C SER A 44 2.63 -10.79 6.00
N PRO A 45 1.56 -10.72 6.80
CA PRO A 45 1.06 -9.46 7.37
C PRO A 45 2.00 -8.89 8.42
N LYS A 46 2.69 -9.76 9.14
CA LYS A 46 3.62 -9.35 10.17
C LYS A 46 4.81 -8.62 9.57
N LYS A 47 5.44 -9.23 8.57
CA LYS A 47 6.59 -8.62 7.91
C LYS A 47 6.20 -7.28 7.27
N VAL A 48 5.09 -7.27 6.56
CA VAL A 48 4.61 -6.06 5.91
C VAL A 48 4.17 -5.02 6.92
N GLY A 49 3.50 -5.48 7.98
CA GLY A 49 3.02 -4.58 9.01
C GLY A 49 4.16 -3.85 9.71
N ASP A 50 5.26 -4.57 9.95
CA ASP A 50 6.42 -4.00 10.62
C ASP A 50 7.08 -2.93 9.74
N ASP A 51 7.19 -3.23 8.45
CA ASP A 51 7.81 -2.30 7.51
C ASP A 51 7.09 -0.96 7.52
N ILE A 52 5.76 -1.00 7.57
CA ILE A 52 4.96 0.21 7.59
C ILE A 52 5.11 0.95 8.91
N ALA A 53 5.10 0.20 10.01
CA ALA A 53 5.24 0.78 11.34
C ALA A 53 6.56 1.53 11.47
N LYS A 54 7.63 0.92 10.99
CA LYS A 54 8.95 1.53 11.04
C LYS A 54 9.02 2.79 10.18
N ALA A 55 8.32 2.75 9.05
CA ALA A 55 8.30 3.89 8.13
C ALA A 55 7.48 5.03 8.71
N THR A 56 6.35 4.71 9.32
CA THR A 56 5.48 5.71 9.91
C THR A 56 5.77 5.89 11.40
N GLY A 57 6.98 5.54 11.81
CA GLY A 57 7.37 5.66 13.21
C GLY A 57 7.49 7.11 13.64
N ASP A 58 7.94 7.97 12.74
CA ASP A 58 8.11 9.38 13.03
C ASP A 58 6.74 10.06 13.20
N TRP A 59 5.73 9.51 12.54
CA TRP A 59 4.39 10.07 12.61
C TRP A 59 3.38 8.99 13.00
N LYS A 60 3.70 8.23 14.04
CA LYS A 60 2.81 7.17 14.50
C LYS A 60 1.68 7.74 15.35
N GLY A 61 0.45 7.58 14.87
CA GLY A 61 -0.70 8.07 15.59
C GLY A 61 -1.58 8.97 14.75
N LEU A 62 -0.96 9.64 13.78
CA LEU A 62 -1.70 10.55 12.89
C LEU A 62 -2.22 9.80 11.67
N ARG A 63 -3.31 10.31 11.10
CA ARG A 63 -3.91 9.70 9.92
C ARG A 63 -3.14 10.08 8.66
N ILE A 64 -2.73 9.06 7.90
CA ILE A 64 -1.98 9.29 6.67
C ILE A 64 -2.33 8.25 5.61
N THR A 65 -2.06 8.57 4.35
CA THR A 65 -2.35 7.66 3.25
C THR A 65 -1.08 6.99 2.75
N VAL A 66 -1.16 5.68 2.53
CA VAL A 66 -0.02 4.92 2.05
C VAL A 66 -0.37 4.12 0.81
N LYS A 67 0.55 4.07 -0.15
CA LYS A 67 0.34 3.35 -1.40
C LYS A 67 1.18 2.08 -1.44
N LEU A 68 0.52 0.93 -1.60
CA LEU A 68 1.21 -0.35 -1.66
C LEU A 68 1.23 -0.88 -3.09
N THR A 69 2.44 -1.02 -3.64
CA THR A 69 2.60 -1.51 -5.00
C THR A 69 3.24 -2.90 -5.00
N ILE A 70 2.52 -3.88 -5.54
CA ILE A 70 3.03 -5.25 -5.60
C ILE A 70 3.52 -5.59 -7.01
N GLN A 71 4.80 -5.96 -7.10
CA GLN A 71 5.39 -6.31 -8.38
C GLN A 71 6.44 -7.40 -8.21
N ASN A 72 6.13 -8.60 -8.69
CA ASN A 72 7.06 -9.72 -8.59
C ASN A 72 7.21 -10.18 -7.14
N ARG A 73 6.08 -10.46 -6.49
CA ARG A 73 6.09 -10.91 -5.11
C ARG A 73 6.91 -9.96 -4.24
N GLN A 74 6.71 -8.66 -4.42
CA GLN A 74 7.44 -7.66 -3.66
C GLN A 74 6.50 -6.59 -3.13
N ALA A 75 6.72 -6.19 -1.88
CA ALA A 75 5.88 -5.18 -1.24
C ALA A 75 6.68 -3.91 -0.97
N GLN A 76 6.17 -2.77 -1.44
CA GLN A 76 6.84 -1.49 -1.25
C GLN A 76 5.93 -0.51 -0.52
N ILE A 77 6.50 0.20 0.46
CA ILE A 77 5.74 1.18 1.23
C ILE A 77 6.22 2.59 0.95
N GLU A 78 5.28 3.51 0.77
CA GLU A 78 5.62 4.91 0.51
C GLU A 78 4.53 5.84 1.05
N VAL A 79 4.95 6.97 1.60
CA VAL A 79 4.02 7.94 2.15
C VAL A 79 3.80 9.11 1.19
N VAL A 80 2.55 9.51 1.03
CA VAL A 80 2.20 10.61 0.13
C VAL A 80 2.18 11.94 0.88
N PRO A 81 2.59 13.01 0.20
CA PRO A 81 2.62 14.36 0.78
C PRO A 81 1.23 14.93 1.01
N SER A 82 0.27 14.46 0.21
CA SER A 82 -1.11 14.92 0.34
C SER A 82 -1.53 15.03 1.80
N ALA A 83 -2.19 16.13 2.14
CA ALA A 83 -2.65 16.35 3.51
C ALA A 83 -3.82 17.33 3.55
N SER A 84 -4.56 17.32 4.65
CA SER A 84 -5.71 18.20 4.81
C SER A 84 -5.83 18.68 6.26
N ALA A 85 -6.66 19.69 6.46
CA ALA A 85 -6.87 20.24 7.80
C ALA A 85 -7.55 19.23 8.70
N LEU A 86 -6.76 18.34 9.30
CA LEU A 86 -7.30 17.31 10.19
C LEU A 86 -6.93 17.61 11.64
N SER A 87 -7.71 18.49 12.27
CA SER A 87 -7.49 18.87 13.67
C SER A 87 -8.41 18.08 14.60
N GLY A 88 -7.88 17.00 15.17
CA GLY A 88 -8.66 16.19 16.07
C GLY A 88 -8.18 14.75 16.13
N PRO A 89 -7.15 14.50 16.95
CA PRO A 89 -6.57 13.16 17.10
C PRO A 89 -7.51 12.21 17.84
N SER A 90 -8.37 11.54 17.08
CA SER A 90 -9.32 10.60 17.67
C SER A 90 -10.10 9.86 16.58
N SER A 91 -10.23 8.55 16.73
CA SER A 91 -10.95 7.73 15.76
C SER A 91 -12.12 8.51 15.16
N GLY A 92 -13.04 8.92 16.01
CA GLY A 92 -14.21 9.65 15.55
C GLY A 92 -14.02 11.16 15.67
N GLY A 1 -21.64 -6.70 -30.84
CA GLY A 1 -21.49 -5.34 -31.35
C GLY A 1 -20.68 -4.46 -30.41
N SER A 2 -21.15 -4.34 -29.17
CA SER A 2 -20.46 -3.51 -28.18
C SER A 2 -19.57 -4.36 -27.28
N SER A 3 -18.28 -4.40 -27.61
CA SER A 3 -17.32 -5.17 -26.83
C SER A 3 -15.92 -4.56 -26.91
N GLY A 4 -15.17 -4.68 -25.83
CA GLY A 4 -13.83 -4.13 -25.79
C GLY A 4 -12.75 -5.20 -25.81
N SER A 5 -11.74 -5.04 -24.96
CA SER A 5 -10.65 -6.00 -24.88
C SER A 5 -10.64 -6.69 -23.52
N SER A 6 -11.29 -7.85 -23.45
CA SER A 6 -11.35 -8.61 -22.20
C SER A 6 -10.01 -9.25 -21.89
N GLY A 7 -9.89 -9.80 -20.69
CA GLY A 7 -8.64 -10.45 -20.29
C GLY A 7 -8.75 -11.96 -20.28
N PRO A 8 -7.59 -12.63 -20.41
CA PRO A 8 -7.53 -14.10 -20.43
C PRO A 8 -7.85 -14.71 -19.07
N PRO A 9 -8.07 -16.04 -19.05
CA PRO A 9 -8.39 -16.76 -17.82
C PRO A 9 -7.19 -16.85 -16.88
N LYS A 10 -7.43 -16.50 -15.61
CA LYS A 10 -6.37 -16.55 -14.60
C LYS A 10 -5.16 -15.73 -15.05
N PHE A 11 -5.42 -14.56 -15.63
CA PHE A 11 -4.36 -13.68 -16.09
C PHE A 11 -3.33 -13.43 -14.99
N ASP A 12 -2.05 -13.41 -15.36
CA ASP A 12 -0.98 -13.18 -14.41
C ASP A 12 -1.10 -11.80 -13.78
N PRO A 13 -0.75 -11.71 -12.49
CA PRO A 13 -0.81 -10.45 -11.73
C PRO A 13 0.24 -9.45 -12.19
N ASN A 14 1.00 -9.83 -13.22
CA ASN A 14 2.05 -8.95 -13.75
C ASN A 14 1.63 -7.49 -13.68
N GLU A 15 0.37 -7.23 -13.99
CA GLU A 15 -0.16 -5.88 -13.97
C GLU A 15 -0.01 -5.26 -12.58
N VAL A 16 0.54 -4.04 -12.55
CA VAL A 16 0.75 -3.34 -11.28
C VAL A 16 -0.58 -3.04 -10.59
N LYS A 17 -0.67 -3.41 -9.32
CA LYS A 17 -1.89 -3.18 -8.55
C LYS A 17 -1.57 -2.50 -7.22
N VAL A 18 -2.15 -1.32 -7.01
CA VAL A 18 -1.92 -0.57 -5.78
C VAL A 18 -3.15 -0.61 -4.88
N VAL A 19 -2.92 -0.74 -3.58
CA VAL A 19 -4.00 -0.80 -2.61
C VAL A 19 -3.80 0.22 -1.50
N TYR A 20 -4.85 0.98 -1.20
CA TYR A 20 -4.78 2.00 -0.16
C TYR A 20 -5.54 1.54 1.09
N LEU A 21 -4.96 1.82 2.26
CA LEU A 21 -5.57 1.45 3.53
C LEU A 21 -5.62 2.63 4.47
N ARG A 22 -6.76 2.81 5.14
CA ARG A 22 -6.94 3.90 6.08
C ARG A 22 -6.75 3.42 7.52
N CYS A 23 -5.73 3.94 8.18
CA CYS A 23 -5.44 3.56 9.56
C CYS A 23 -4.56 4.61 10.23
N THR A 24 -4.42 4.50 11.56
CA THR A 24 -3.61 5.44 12.33
C THR A 24 -2.13 5.10 12.20
N GLY A 25 -1.30 6.15 12.07
CA GLY A 25 0.13 5.94 11.94
C GLY A 25 0.76 5.52 13.26
N GLY A 26 1.92 4.86 13.17
CA GLY A 26 2.61 4.42 14.37
C GLY A 26 1.66 3.84 15.40
N GLU A 27 1.14 2.66 15.12
CA GLU A 27 0.21 1.99 16.03
C GLU A 27 0.03 0.52 15.65
N VAL A 28 0.08 -0.35 16.65
CA VAL A 28 -0.08 -1.78 16.43
C VAL A 28 -1.08 -2.06 15.31
N GLY A 29 -0.77 -3.05 14.48
CA GLY A 29 -1.65 -3.39 13.38
C GLY A 29 -2.61 -4.52 13.73
N ALA A 30 -3.21 -5.12 12.71
CA ALA A 30 -4.16 -6.21 12.92
C ALA A 30 -3.80 -7.41 12.06
N THR A 31 -3.48 -7.16 10.79
CA THR A 31 -3.12 -8.22 9.86
C THR A 31 -4.25 -9.24 9.73
N SER A 32 -5.49 -8.75 9.71
CA SER A 32 -6.65 -9.63 9.60
C SER A 32 -7.37 -9.39 8.28
N ALA A 33 -7.31 -8.16 7.78
CA ALA A 33 -7.95 -7.80 6.52
C ALA A 33 -6.99 -7.93 5.35
N LEU A 34 -5.69 -7.95 5.66
CA LEU A 34 -4.67 -8.06 4.63
C LEU A 34 -4.24 -9.52 4.45
N ALA A 35 -4.55 -10.35 5.43
CA ALA A 35 -4.20 -11.76 5.38
C ALA A 35 -4.73 -12.41 4.11
N PRO A 36 -6.05 -12.33 3.89
CA PRO A 36 -6.71 -12.90 2.72
C PRO A 36 -6.35 -12.14 1.44
N LYS A 37 -5.94 -10.89 1.59
CA LYS A 37 -5.57 -10.06 0.45
C LYS A 37 -4.24 -10.50 -0.14
N ILE A 38 -3.25 -10.71 0.73
CA ILE A 38 -1.92 -11.13 0.30
C ILE A 38 -1.82 -12.65 0.24
N GLY A 39 -2.87 -13.32 0.71
CA GLY A 39 -2.88 -14.77 0.71
C GLY A 39 -2.48 -15.36 -0.63
N PRO A 40 -3.25 -15.01 -1.68
CA PRO A 40 -3.00 -15.50 -3.04
C PRO A 40 -1.74 -14.89 -3.65
N LEU A 41 -1.41 -13.68 -3.21
CA LEU A 41 -0.23 -12.99 -3.71
C LEU A 41 1.04 -13.81 -3.45
N GLY A 42 1.19 -14.27 -2.21
CA GLY A 42 2.35 -15.07 -1.85
C GLY A 42 3.06 -14.53 -0.62
N LEU A 43 3.49 -13.27 -0.69
CA LEU A 43 4.19 -12.64 0.43
C LEU A 43 3.38 -12.77 1.72
N SER A 44 3.95 -12.28 2.82
CA SER A 44 3.29 -12.36 4.11
C SER A 44 2.73 -10.99 4.50
N PRO A 45 1.53 -11.00 5.10
CA PRO A 45 0.85 -9.77 5.54
C PRO A 45 1.55 -9.13 6.73
N LYS A 46 2.07 -9.95 7.63
CA LYS A 46 2.76 -9.46 8.81
C LYS A 46 3.99 -8.66 8.43
N LYS A 47 4.76 -9.18 7.47
CA LYS A 47 5.97 -8.52 7.00
C LYS A 47 5.65 -7.16 6.39
N VAL A 48 4.65 -7.14 5.52
CA VAL A 48 4.24 -5.90 4.87
C VAL A 48 3.60 -4.94 5.86
N GLY A 49 2.81 -5.49 6.79
CA GLY A 49 2.16 -4.66 7.79
C GLY A 49 3.13 -4.03 8.76
N ASP A 50 4.12 -4.81 9.19
CA ASP A 50 5.12 -4.33 10.12
C ASP A 50 5.97 -3.23 9.49
N ASP A 51 6.24 -3.37 8.20
CA ASP A 51 7.05 -2.39 7.47
C ASP A 51 6.37 -1.03 7.46
N ILE A 52 5.04 -1.04 7.37
CA ILE A 52 4.27 0.20 7.35
C ILE A 52 4.36 0.92 8.69
N ALA A 53 4.31 0.14 9.78
CA ALA A 53 4.39 0.71 11.12
C ALA A 53 5.68 1.49 11.32
N LYS A 54 6.78 0.94 10.81
CA LYS A 54 8.08 1.58 10.94
C LYS A 54 8.14 2.86 10.11
N ALA A 55 7.63 2.79 8.88
CA ALA A 55 7.62 3.94 7.99
C ALA A 55 6.81 5.09 8.58
N THR A 56 5.75 4.74 9.32
CA THR A 56 4.89 5.74 9.95
C THR A 56 5.34 6.03 11.37
N GLY A 57 6.54 5.58 11.71
CA GLY A 57 7.05 5.81 13.06
C GLY A 57 7.51 7.23 13.27
N ASP A 58 7.89 7.90 12.18
CA ASP A 58 8.35 9.28 12.26
C ASP A 58 7.18 10.23 12.53
N TRP A 59 5.98 9.80 12.17
CA TRP A 59 4.79 10.62 12.39
C TRP A 59 3.69 9.81 13.06
N LYS A 60 4.03 9.20 14.20
CA LYS A 60 3.07 8.38 14.94
C LYS A 60 2.00 9.26 15.60
N GLY A 61 0.77 8.77 15.61
CA GLY A 61 -0.32 9.52 16.21
C GLY A 61 -1.11 10.31 15.18
N LEU A 62 -0.49 10.57 14.03
CA LEU A 62 -1.13 11.32 12.97
C LEU A 62 -1.59 10.40 11.84
N ARG A 63 -2.64 10.80 11.14
CA ARG A 63 -3.18 10.01 10.04
C ARG A 63 -2.38 10.25 8.76
N ILE A 64 -2.18 9.19 7.99
CA ILE A 64 -1.43 9.27 6.74
C ILE A 64 -1.92 8.24 5.73
N THR A 65 -1.68 8.50 4.46
CA THR A 65 -2.09 7.60 3.40
C THR A 65 -0.93 6.71 2.95
N VAL A 66 -1.12 5.40 3.04
CA VAL A 66 -0.09 4.46 2.65
C VAL A 66 -0.54 3.62 1.46
N LYS A 67 0.32 3.50 0.46
CA LYS A 67 0.02 2.74 -0.74
C LYS A 67 0.94 1.51 -0.85
N LEU A 68 0.33 0.33 -0.87
CA LEU A 68 1.09 -0.91 -0.97
C LEU A 68 1.21 -1.35 -2.43
N THR A 69 2.42 -1.35 -2.95
CA THR A 69 2.68 -1.74 -4.33
C THR A 69 3.72 -2.84 -4.40
N ILE A 70 3.40 -3.92 -5.09
CA ILE A 70 4.32 -5.05 -5.24
C ILE A 70 4.91 -5.10 -6.64
N GLN A 71 6.23 -5.20 -6.73
CA GLN A 71 6.91 -5.27 -8.02
C GLN A 71 7.99 -6.34 -8.01
N ASN A 72 7.76 -7.41 -8.78
CA ASN A 72 8.71 -8.51 -8.86
C ASN A 72 8.65 -9.37 -7.60
N ARG A 73 7.45 -9.80 -7.24
CA ARG A 73 7.26 -10.64 -6.05
C ARG A 73 7.85 -9.96 -4.82
N GLN A 74 7.91 -8.63 -4.85
CA GLN A 74 8.45 -7.87 -3.73
C GLN A 74 7.52 -6.71 -3.36
N ALA A 75 7.33 -6.50 -2.05
CA ALA A 75 6.48 -5.42 -1.57
C ALA A 75 7.30 -4.18 -1.25
N GLN A 76 6.74 -3.01 -1.59
CA GLN A 76 7.43 -1.75 -1.34
C GLN A 76 6.47 -0.74 -0.69
N ILE A 77 6.92 -0.14 0.42
CA ILE A 77 6.11 0.84 1.13
C ILE A 77 6.61 2.25 0.87
N GLU A 78 5.68 3.14 0.53
CA GLU A 78 6.03 4.53 0.26
C GLU A 78 4.93 5.47 0.74
N VAL A 79 5.33 6.51 1.47
CA VAL A 79 4.38 7.48 2.00
C VAL A 79 4.14 8.62 1.01
N VAL A 80 2.88 8.95 0.78
CA VAL A 80 2.51 10.01 -0.14
C VAL A 80 2.55 11.38 0.54
N PRO A 81 2.90 12.41 -0.24
CA PRO A 81 2.98 13.79 0.28
C PRO A 81 1.61 14.36 0.62
N SER A 82 1.59 15.43 1.40
CA SER A 82 0.35 16.08 1.80
C SER A 82 0.05 17.28 0.91
N ALA A 83 -1.15 17.83 1.07
CA ALA A 83 -1.56 19.00 0.29
C ALA A 83 -2.17 20.07 1.18
N SER A 84 -1.51 21.22 1.26
CA SER A 84 -2.00 22.32 2.08
C SER A 84 -2.67 23.38 1.23
N ALA A 85 -3.99 23.25 1.06
CA ALA A 85 -4.76 24.19 0.25
C ALA A 85 -3.96 24.65 -0.96
N LEU A 86 -3.29 23.71 -1.62
CA LEU A 86 -2.50 24.01 -2.80
C LEU A 86 -3.39 24.23 -4.02
N SER A 87 -3.87 25.47 -4.19
CA SER A 87 -4.73 25.80 -5.31
C SER A 87 -4.06 26.84 -6.22
N GLY A 88 -3.47 27.86 -5.61
CA GLY A 88 -2.81 28.90 -6.38
C GLY A 88 -2.69 30.20 -5.60
N PRO A 89 -1.60 30.93 -5.84
CA PRO A 89 -1.35 32.21 -5.17
C PRO A 89 -2.30 33.31 -5.63
N SER A 90 -3.12 32.99 -6.63
CA SER A 90 -4.08 33.95 -7.17
C SER A 90 -5.34 33.23 -7.66
N SER A 91 -6.48 33.90 -7.51
CA SER A 91 -7.76 33.33 -7.93
C SER A 91 -8.03 33.66 -9.40
N GLY A 92 -9.11 33.09 -9.93
CA GLY A 92 -9.47 33.33 -11.32
C GLY A 92 -10.38 32.25 -11.88
N GLY A 1 -9.53 -30.69 -35.88
CA GLY A 1 -10.34 -29.55 -36.27
C GLY A 1 -9.55 -28.25 -36.24
N SER A 2 -8.75 -28.06 -35.19
CA SER A 2 -7.96 -26.85 -35.05
C SER A 2 -6.53 -27.18 -34.64
N SER A 3 -6.39 -27.97 -33.58
CA SER A 3 -5.08 -28.36 -33.07
C SER A 3 -4.17 -27.14 -32.92
N GLY A 4 -4.72 -26.06 -32.39
CA GLY A 4 -3.95 -24.85 -32.19
C GLY A 4 -4.82 -23.66 -31.82
N SER A 5 -5.45 -23.74 -30.65
CA SER A 5 -6.32 -22.66 -30.17
C SER A 5 -5.50 -21.43 -29.79
N SER A 6 -5.34 -20.52 -30.73
CA SER A 6 -4.59 -19.29 -30.50
C SER A 6 -5.13 -18.53 -29.30
N GLY A 7 -4.30 -17.66 -28.72
CA GLY A 7 -4.73 -16.89 -27.58
C GLY A 7 -3.96 -15.59 -27.44
N PRO A 8 -4.64 -14.54 -26.95
CA PRO A 8 -4.05 -13.22 -26.77
C PRO A 8 -3.01 -13.19 -25.65
N PRO A 9 -2.00 -12.34 -25.80
CA PRO A 9 -0.93 -12.20 -24.80
C PRO A 9 -1.41 -11.55 -23.50
N LYS A 10 -1.30 -12.28 -22.41
CA LYS A 10 -1.72 -11.77 -21.10
C LYS A 10 -0.54 -11.23 -20.32
N PHE A 11 -0.45 -9.91 -20.22
CA PHE A 11 0.63 -9.27 -19.50
C PHE A 11 0.31 -9.14 -18.02
N ASP A 12 0.28 -10.28 -17.32
CA ASP A 12 -0.01 -10.30 -15.90
C ASP A 12 1.06 -9.57 -15.10
N PRO A 13 2.31 -10.07 -15.21
CA PRO A 13 3.46 -9.49 -14.50
C PRO A 13 3.85 -8.12 -15.06
N ASN A 14 3.09 -7.65 -16.05
CA ASN A 14 3.36 -6.36 -16.67
C ASN A 14 2.50 -5.27 -16.05
N GLU A 15 1.21 -5.57 -15.85
CA GLU A 15 0.28 -4.62 -15.26
C GLU A 15 0.54 -4.45 -13.77
N VAL A 16 0.63 -3.20 -13.33
CA VAL A 16 0.87 -2.90 -11.93
C VAL A 16 -0.40 -2.42 -11.24
N LYS A 17 -0.53 -2.75 -9.96
CA LYS A 17 -1.70 -2.35 -9.18
C LYS A 17 -1.29 -1.81 -7.81
N VAL A 18 -1.72 -0.60 -7.49
CA VAL A 18 -1.40 0.02 -6.21
C VAL A 18 -2.58 -0.07 -5.26
N VAL A 19 -2.27 -0.24 -3.97
CA VAL A 19 -3.30 -0.34 -2.95
C VAL A 19 -3.11 0.72 -1.87
N TYR A 20 -4.23 1.29 -1.41
CA TYR A 20 -4.19 2.32 -0.38
C TYR A 20 -5.12 1.98 0.77
N LEU A 21 -4.60 2.04 2.00
CA LEU A 21 -5.38 1.74 3.18
C LEU A 21 -5.36 2.91 4.16
N ARG A 22 -6.36 2.98 5.03
CA ARG A 22 -6.45 4.05 6.02
C ARG A 22 -6.27 3.49 7.43
N CYS A 23 -5.21 3.96 8.10
CA CYS A 23 -4.92 3.52 9.46
C CYS A 23 -4.04 4.52 10.18
N THR A 24 -3.96 4.40 11.50
CA THR A 24 -3.15 5.30 12.31
C THR A 24 -1.70 4.82 12.38
N GLY A 25 -0.77 5.77 12.33
CA GLY A 25 0.64 5.43 12.39
C GLY A 25 0.99 4.63 13.62
N GLY A 26 2.15 3.96 13.58
CA GLY A 26 2.58 3.16 14.71
C GLY A 26 1.42 2.46 15.41
N GLU A 27 0.57 1.80 14.63
CA GLU A 27 -0.58 1.10 15.18
C GLU A 27 -0.55 -0.38 14.79
N VAL A 28 0.06 -1.20 15.66
CA VAL A 28 0.16 -2.63 15.41
C VAL A 28 -0.63 -3.42 16.45
N GLY A 29 -1.50 -4.30 15.99
CA GLY A 29 -2.30 -5.10 16.89
C GLY A 29 -2.40 -6.55 16.45
N ALA A 30 -3.06 -6.78 15.32
CA ALA A 30 -3.22 -8.14 14.79
C ALA A 30 -3.47 -8.11 13.29
N THR A 31 -3.01 -9.15 12.60
CA THR A 31 -3.19 -9.24 11.15
C THR A 31 -4.37 -10.15 10.80
N SER A 32 -5.44 -10.06 11.58
CA SER A 32 -6.63 -10.87 11.37
C SER A 32 -7.31 -10.49 10.05
N ALA A 33 -7.19 -9.22 9.67
CA ALA A 33 -7.79 -8.74 8.44
C ALA A 33 -6.80 -8.82 7.28
N LEU A 34 -5.52 -8.71 7.60
CA LEU A 34 -4.48 -8.76 6.58
C LEU A 34 -4.15 -10.21 6.22
N ALA A 35 -4.46 -11.13 7.13
CA ALA A 35 -4.19 -12.55 6.91
C ALA A 35 -4.86 -13.03 5.62
N PRO A 36 -6.19 -12.85 5.53
CA PRO A 36 -6.96 -13.26 4.36
C PRO A 36 -6.67 -12.40 3.14
N LYS A 37 -6.15 -11.20 3.39
CA LYS A 37 -5.82 -10.28 2.31
C LYS A 37 -4.53 -10.70 1.59
N ILE A 38 -3.52 -11.05 2.37
CA ILE A 38 -2.24 -11.48 1.81
C ILE A 38 -2.18 -13.00 1.69
N GLY A 39 -3.10 -13.68 2.36
CA GLY A 39 -3.13 -15.13 2.30
C GLY A 39 -2.89 -15.66 0.89
N PRO A 40 -3.76 -15.27 -0.04
CA PRO A 40 -3.66 -15.70 -1.44
C PRO A 40 -2.46 -15.08 -2.15
N LEU A 41 -2.11 -13.87 -1.75
CA LEU A 41 -0.97 -13.17 -2.35
C LEU A 41 0.30 -14.00 -2.26
N GLY A 42 0.57 -14.51 -1.07
CA GLY A 42 1.76 -15.33 -0.87
C GLY A 42 2.58 -14.87 0.32
N LEU A 43 3.03 -13.63 0.29
CA LEU A 43 3.84 -13.07 1.37
C LEU A 43 3.13 -13.25 2.71
N SER A 44 3.75 -12.74 3.76
CA SER A 44 3.19 -12.84 5.11
C SER A 44 2.78 -11.46 5.63
N PRO A 45 1.67 -11.41 6.37
CA PRO A 45 1.15 -10.16 6.95
C PRO A 45 2.04 -9.63 8.07
N LYS A 46 2.68 -10.55 8.80
CA LYS A 46 3.55 -10.17 9.90
C LYS A 46 4.70 -9.30 9.42
N LYS A 47 5.39 -9.76 8.37
CA LYS A 47 6.51 -9.02 7.80
C LYS A 47 6.05 -7.67 7.27
N VAL A 48 4.95 -7.68 6.51
CA VAL A 48 4.41 -6.45 5.93
C VAL A 48 3.95 -5.50 7.02
N GLY A 49 3.36 -6.05 8.08
CA GLY A 49 2.87 -5.23 9.18
C GLY A 49 4.00 -4.51 9.90
N ASP A 50 5.13 -5.19 10.07
CA ASP A 50 6.27 -4.61 10.75
C ASP A 50 6.88 -3.47 9.93
N ASP A 51 6.97 -3.68 8.62
CA ASP A 51 7.53 -2.68 7.72
C ASP A 51 6.70 -1.39 7.77
N ILE A 52 5.38 -1.54 7.73
CA ILE A 52 4.49 -0.39 7.77
C ILE A 52 4.61 0.36 9.09
N ALA A 53 4.65 -0.39 10.19
CA ALA A 53 4.78 0.21 11.51
C ALA A 53 6.07 1.01 11.64
N LYS A 54 7.17 0.40 11.22
CA LYS A 54 8.47 1.04 11.29
C LYS A 54 8.50 2.30 10.41
N ALA A 55 7.91 2.20 9.23
CA ALA A 55 7.86 3.33 8.30
C ALA A 55 7.00 4.45 8.85
N THR A 56 5.86 4.09 9.44
CA THR A 56 4.94 5.07 10.00
C THR A 56 5.31 5.40 11.44
N GLY A 57 6.56 5.13 11.81
CA GLY A 57 7.01 5.41 13.17
C GLY A 57 7.05 6.89 13.47
N ASP A 58 7.53 7.68 12.51
CA ASP A 58 7.63 9.13 12.69
C ASP A 58 6.25 9.77 12.54
N TRP A 59 5.35 9.09 11.86
CA TRP A 59 4.00 9.61 11.64
C TRP A 59 3.05 9.07 12.71
N LYS A 60 3.60 8.70 13.86
CA LYS A 60 2.79 8.19 14.95
C LYS A 60 1.75 9.21 15.40
N GLY A 61 0.48 8.82 15.35
CA GLY A 61 -0.58 9.72 15.75
C GLY A 61 -1.13 10.53 14.59
N LEU A 62 -0.41 10.53 13.48
CA LEU A 62 -0.82 11.27 12.29
C LEU A 62 -1.49 10.36 11.28
N ARG A 63 -2.60 10.81 10.71
CA ARG A 63 -3.34 10.02 9.73
C ARG A 63 -2.90 10.40 8.31
N ILE A 64 -2.39 9.42 7.58
CA ILE A 64 -1.94 9.64 6.21
C ILE A 64 -2.23 8.43 5.33
N THR A 65 -2.28 8.66 4.02
CA THR A 65 -2.55 7.59 3.07
C THR A 65 -1.26 6.93 2.60
N VAL A 66 -1.23 5.60 2.66
CA VAL A 66 -0.05 4.85 2.24
C VAL A 66 -0.35 4.02 0.99
N LYS A 67 0.50 4.16 -0.03
CA LYS A 67 0.33 3.42 -1.27
C LYS A 67 1.32 2.26 -1.35
N LEU A 68 0.78 1.05 -1.46
CA LEU A 68 1.62 -0.15 -1.55
C LEU A 68 1.71 -0.63 -2.99
N THR A 69 2.94 -0.74 -3.50
CA THR A 69 3.17 -1.19 -4.86
C THR A 69 3.85 -2.55 -4.88
N ILE A 70 3.14 -3.57 -5.36
CA ILE A 70 3.68 -4.92 -5.42
C ILE A 70 3.99 -5.32 -6.86
N GLN A 71 5.23 -5.70 -7.12
CA GLN A 71 5.64 -6.10 -8.45
C GLN A 71 6.69 -7.22 -8.39
N ASN A 72 6.48 -8.27 -9.17
CA ASN A 72 7.40 -9.40 -9.19
C ASN A 72 7.65 -9.92 -7.78
N ARG A 73 6.59 -10.11 -7.03
CA ARG A 73 6.69 -10.62 -5.66
C ARG A 73 7.53 -9.67 -4.80
N GLN A 74 7.17 -8.39 -4.83
CA GLN A 74 7.90 -7.38 -4.06
C GLN A 74 6.93 -6.50 -3.28
N ALA A 75 7.46 -5.75 -2.32
CA ALA A 75 6.64 -4.87 -1.49
C ALA A 75 7.34 -3.53 -1.27
N GLN A 76 6.58 -2.45 -1.39
CA GLN A 76 7.12 -1.11 -1.19
C GLN A 76 6.16 -0.24 -0.39
N ILE A 77 6.72 0.59 0.48
CA ILE A 77 5.91 1.48 1.31
C ILE A 77 6.36 2.93 1.17
N GLU A 78 5.43 3.81 0.83
CA GLU A 78 5.73 5.23 0.67
C GLU A 78 4.53 6.09 1.00
N VAL A 79 4.78 7.27 1.54
CA VAL A 79 3.71 8.19 1.91
C VAL A 79 3.42 9.18 0.79
N VAL A 80 2.15 9.38 0.49
CA VAL A 80 1.74 10.30 -0.57
C VAL A 80 1.63 11.72 -0.04
N PRO A 81 2.01 12.70 -0.88
CA PRO A 81 1.97 14.12 -0.53
C PRO A 81 0.54 14.64 -0.41
N SER A 82 0.41 15.96 -0.28
CA SER A 82 -0.89 16.59 -0.14
C SER A 82 -1.81 16.18 -1.29
N ALA A 83 -2.73 15.26 -1.02
CA ALA A 83 -3.67 14.79 -2.03
C ALA A 83 -5.05 15.39 -1.81
N SER A 84 -5.68 15.82 -2.90
CA SER A 84 -7.01 16.42 -2.83
C SER A 84 -8.00 15.64 -3.69
N ALA A 85 -7.89 14.32 -3.65
CA ALA A 85 -8.78 13.45 -4.42
C ALA A 85 -8.96 13.98 -5.84
N LEU A 86 -7.86 14.43 -6.44
CA LEU A 86 -7.89 14.95 -7.80
C LEU A 86 -7.73 13.83 -8.82
N SER A 87 -8.39 12.71 -8.57
CA SER A 87 -8.33 11.55 -9.46
C SER A 87 -9.18 11.79 -10.70
N GLY A 88 -8.60 11.51 -11.88
CA GLY A 88 -9.31 11.70 -13.12
C GLY A 88 -10.34 10.61 -13.37
N PRO A 89 -9.86 9.40 -13.69
CA PRO A 89 -10.73 8.25 -13.96
C PRO A 89 -11.44 7.75 -12.70
N SER A 90 -12.75 7.95 -12.64
CA SER A 90 -13.53 7.53 -11.49
C SER A 90 -13.87 6.05 -11.59
N SER A 91 -14.43 5.50 -10.51
CA SER A 91 -14.79 4.09 -10.47
C SER A 91 -16.26 3.92 -10.08
N GLY A 92 -16.65 4.57 -8.99
CA GLY A 92 -18.03 4.49 -8.53
C GLY A 92 -18.72 5.84 -8.49
N GLY A 1 -12.17 4.80 -39.29
CA GLY A 1 -13.38 4.00 -39.39
C GLY A 1 -13.62 3.16 -38.15
N SER A 2 -14.29 3.74 -37.15
CA SER A 2 -14.58 3.04 -35.91
C SER A 2 -16.07 3.11 -35.58
N SER A 3 -16.52 2.17 -34.75
CA SER A 3 -17.92 2.13 -34.35
C SER A 3 -18.06 1.73 -32.88
N GLY A 4 -18.92 2.43 -32.16
CA GLY A 4 -19.14 2.15 -30.75
C GLY A 4 -19.92 3.23 -30.05
N SER A 5 -21.12 2.89 -29.61
CA SER A 5 -21.98 3.85 -28.91
C SER A 5 -21.68 3.87 -27.42
N SER A 6 -21.53 2.69 -26.83
CA SER A 6 -21.24 2.57 -25.41
C SER A 6 -19.74 2.70 -25.15
N GLY A 7 -18.96 1.81 -25.74
CA GLY A 7 -17.52 1.84 -25.57
C GLY A 7 -16.89 0.47 -25.68
N PRO A 8 -15.55 0.42 -25.73
CA PRO A 8 -14.80 -0.82 -25.84
C PRO A 8 -14.87 -1.66 -24.57
N PRO A 9 -14.82 -2.99 -24.72
CA PRO A 9 -14.88 -3.92 -23.60
C PRO A 9 -13.62 -3.88 -22.75
N LYS A 10 -13.77 -4.14 -21.45
CA LYS A 10 -12.64 -4.13 -20.53
C LYS A 10 -11.49 -4.97 -21.07
N PHE A 11 -10.37 -4.97 -20.35
CA PHE A 11 -9.20 -5.73 -20.76
C PHE A 11 -8.19 -5.82 -19.61
N ASP A 12 -7.56 -6.98 -19.48
CA ASP A 12 -6.56 -7.19 -18.44
C ASP A 12 -5.72 -5.95 -18.22
N PRO A 13 -5.36 -5.69 -16.95
CA PRO A 13 -4.55 -4.53 -16.58
C PRO A 13 -3.12 -4.64 -17.07
N ASN A 14 -2.52 -5.81 -16.90
CA ASN A 14 -1.14 -6.05 -17.34
C ASN A 14 -0.26 -4.85 -16.99
N GLU A 15 -0.45 -4.31 -15.79
CA GLU A 15 0.34 -3.16 -15.35
C GLU A 15 0.32 -3.05 -13.82
N VAL A 16 1.40 -2.51 -13.27
CA VAL A 16 1.51 -2.35 -11.82
C VAL A 16 0.16 -2.01 -11.20
N LYS A 17 -0.09 -2.55 -10.01
CA LYS A 17 -1.34 -2.31 -9.31
C LYS A 17 -1.09 -1.70 -7.93
N VAL A 18 -1.87 -0.67 -7.60
CA VAL A 18 -1.73 0.00 -6.31
C VAL A 18 -3.00 -0.12 -5.48
N VAL A 19 -2.83 -0.24 -4.17
CA VAL A 19 -3.96 -0.37 -3.26
C VAL A 19 -3.95 0.74 -2.21
N TYR A 20 -5.14 1.26 -1.90
CA TYR A 20 -5.26 2.33 -0.93
C TYR A 20 -6.24 1.93 0.18
N LEU A 21 -5.82 2.13 1.43
CA LEU A 21 -6.65 1.79 2.58
C LEU A 21 -6.55 2.87 3.65
N ARG A 22 -7.65 3.09 4.37
CA ARG A 22 -7.68 4.09 5.43
C ARG A 22 -7.30 3.47 6.77
N CYS A 23 -6.21 3.94 7.34
CA CYS A 23 -5.74 3.43 8.63
C CYS A 23 -4.83 4.44 9.32
N THR A 24 -4.61 4.25 10.61
CA THR A 24 -3.76 5.15 11.39
C THR A 24 -2.31 4.69 11.37
N GLY A 25 -1.40 5.66 11.33
CA GLY A 25 0.02 5.34 11.31
C GLY A 25 0.49 4.66 12.58
N GLY A 26 1.51 3.82 12.46
CA GLY A 26 2.04 3.12 13.62
C GLY A 26 0.94 2.59 14.52
N GLU A 27 0.07 1.75 13.97
CA GLU A 27 -1.03 1.18 14.73
C GLU A 27 -0.64 -0.17 15.33
N VAL A 28 -0.02 -0.12 16.50
CA VAL A 28 0.41 -1.34 17.18
C VAL A 28 -0.68 -2.41 17.15
N GLY A 29 -0.34 -3.56 16.58
CA GLY A 29 -1.31 -4.65 16.50
C GLY A 29 -0.90 -5.69 15.47
N ALA A 30 -1.42 -6.91 15.63
CA ALA A 30 -1.12 -7.99 14.71
C ALA A 30 -1.91 -7.85 13.42
N THR A 31 -1.62 -8.71 12.44
CA THR A 31 -2.31 -8.69 11.17
C THR A 31 -3.49 -9.65 11.15
N SER A 32 -4.69 -9.11 11.38
CA SER A 32 -5.90 -9.92 11.39
C SER A 32 -6.73 -9.68 10.13
N ALA A 33 -6.83 -8.42 9.73
CA ALA A 33 -7.59 -8.06 8.54
C ALA A 33 -6.74 -8.16 7.28
N LEU A 34 -5.45 -7.87 7.43
CA LEU A 34 -4.52 -7.93 6.30
C LEU A 34 -4.14 -9.38 5.99
N ALA A 35 -4.14 -10.23 7.02
CA ALA A 35 -3.80 -11.62 6.85
C ALA A 35 -4.51 -12.22 5.64
N PRO A 36 -5.85 -12.15 5.64
CA PRO A 36 -6.68 -12.68 4.55
C PRO A 36 -6.53 -11.87 3.27
N LYS A 37 -6.09 -10.62 3.41
CA LYS A 37 -5.91 -9.74 2.26
C LYS A 37 -4.69 -10.16 1.44
N ILE A 38 -3.59 -10.44 2.12
CA ILE A 38 -2.36 -10.85 1.46
C ILE A 38 -2.38 -12.36 1.17
N GLY A 39 -3.24 -13.08 1.86
CA GLY A 39 -3.35 -14.51 1.66
C GLY A 39 -3.09 -14.91 0.23
N PRO A 40 -3.92 -14.39 -0.70
CA PRO A 40 -3.80 -14.69 -2.12
C PRO A 40 -2.56 -14.06 -2.75
N LEU A 41 -2.15 -12.92 -2.22
CA LEU A 41 -0.97 -12.22 -2.72
C LEU A 41 0.27 -13.11 -2.65
N GLY A 42 0.51 -13.67 -1.48
CA GLY A 42 1.66 -14.54 -1.29
C GLY A 42 2.56 -14.09 -0.16
N LEU A 43 2.92 -12.81 -0.15
CA LEU A 43 3.77 -12.26 0.88
C LEU A 43 3.14 -12.41 2.26
N SER A 44 3.94 -12.21 3.30
CA SER A 44 3.44 -12.32 4.67
C SER A 44 2.99 -10.97 5.20
N PRO A 45 1.87 -10.96 5.93
CA PRO A 45 1.30 -9.73 6.51
C PRO A 45 2.16 -9.18 7.63
N LYS A 46 2.87 -10.06 8.33
CA LYS A 46 3.73 -9.66 9.43
C LYS A 46 4.89 -8.80 8.93
N LYS A 47 5.51 -9.23 7.83
CA LYS A 47 6.62 -8.50 7.25
C LYS A 47 6.18 -7.11 6.79
N VAL A 48 5.07 -7.06 6.07
CA VAL A 48 4.54 -5.80 5.56
C VAL A 48 4.04 -4.91 6.70
N GLY A 49 3.34 -5.53 7.65
CA GLY A 49 2.81 -4.79 8.78
C GLY A 49 3.90 -4.16 9.63
N ASP A 50 4.97 -4.93 9.87
CA ASP A 50 6.08 -4.43 10.67
C ASP A 50 6.79 -3.28 9.97
N ASP A 51 6.98 -3.41 8.66
CA ASP A 51 7.65 -2.38 7.87
C ASP A 51 6.88 -1.06 7.95
N ILE A 52 5.56 -1.15 7.90
CA ILE A 52 4.71 0.04 7.96
C ILE A 52 4.85 0.73 9.31
N ALA A 53 4.96 -0.05 10.36
CA ALA A 53 5.10 0.49 11.71
C ALA A 53 6.35 1.35 11.83
N LYS A 54 7.47 0.83 11.33
CA LYS A 54 8.74 1.55 11.38
C LYS A 54 8.70 2.77 10.48
N ALA A 55 7.97 2.67 9.37
CA ALA A 55 7.85 3.77 8.42
C ALA A 55 7.06 4.93 9.03
N THR A 56 6.04 4.59 9.81
CA THR A 56 5.20 5.60 10.44
C THR A 56 5.70 5.93 11.85
N GLY A 57 6.97 5.61 12.11
CA GLY A 57 7.54 5.87 13.43
C GLY A 57 7.77 7.35 13.67
N ASP A 58 8.14 8.07 12.62
CA ASP A 58 8.39 9.51 12.72
C ASP A 58 7.09 10.28 12.89
N TRP A 59 6.01 9.73 12.37
CA TRP A 59 4.69 10.35 12.46
C TRP A 59 3.64 9.36 12.94
N LYS A 60 4.03 8.48 13.85
CA LYS A 60 3.12 7.49 14.40
C LYS A 60 1.96 8.15 15.12
N GLY A 61 0.79 7.51 15.07
CA GLY A 61 -0.38 8.06 15.73
C GLY A 61 -1.16 9.00 14.84
N LEU A 62 -0.47 9.63 13.88
CA LEU A 62 -1.11 10.56 12.96
C LEU A 62 -1.70 9.83 11.77
N ARG A 63 -2.71 10.43 11.15
CA ARG A 63 -3.35 9.84 9.98
C ARG A 63 -2.61 10.18 8.71
N ILE A 64 -2.22 9.16 7.95
CA ILE A 64 -1.50 9.35 6.70
C ILE A 64 -1.92 8.33 5.65
N THR A 65 -1.75 8.69 4.39
CA THR A 65 -2.12 7.80 3.28
C THR A 65 -0.92 6.97 2.84
N VAL A 66 -1.08 5.65 2.81
CA VAL A 66 -0.02 4.75 2.40
C VAL A 66 -0.48 3.87 1.24
N LYS A 67 0.31 3.85 0.17
CA LYS A 67 0.00 3.05 -1.01
C LYS A 67 0.87 1.79 -1.05
N LEU A 68 0.24 0.66 -1.35
CA LEU A 68 0.95 -0.61 -1.42
C LEU A 68 1.19 -1.02 -2.88
N THR A 69 2.45 -1.14 -3.25
CA THR A 69 2.81 -1.52 -4.61
C THR A 69 3.53 -2.86 -4.63
N ILE A 70 2.93 -3.84 -5.29
CA ILE A 70 3.53 -5.18 -5.39
C ILE A 70 4.15 -5.41 -6.76
N GLN A 71 5.39 -5.88 -6.77
CA GLN A 71 6.10 -6.14 -8.02
C GLN A 71 7.04 -7.33 -7.86
N ASN A 72 7.09 -8.17 -8.90
CA ASN A 72 7.94 -9.35 -8.87
C ASN A 72 7.93 -10.01 -7.51
N ARG A 73 6.76 -10.03 -6.88
CA ARG A 73 6.63 -10.64 -5.55
C ARG A 73 7.39 -9.83 -4.50
N GLN A 74 7.28 -8.51 -4.58
CA GLN A 74 7.96 -7.63 -3.64
C GLN A 74 7.01 -6.56 -3.09
N ALA A 75 7.09 -6.30 -1.79
CA ALA A 75 6.25 -5.30 -1.16
C ALA A 75 7.03 -4.03 -0.84
N GLN A 76 6.44 -2.88 -1.17
CA GLN A 76 7.08 -1.60 -0.92
C GLN A 76 6.08 -0.57 -0.41
N ILE A 77 6.46 0.15 0.63
CA ILE A 77 5.60 1.17 1.22
C ILE A 77 6.17 2.56 1.04
N GLU A 78 5.32 3.52 0.67
CA GLU A 78 5.75 4.89 0.46
C GLU A 78 4.66 5.87 0.90
N VAL A 79 5.09 6.99 1.48
CA VAL A 79 4.15 8.01 1.95
C VAL A 79 3.93 9.08 0.88
N VAL A 80 2.66 9.38 0.61
CA VAL A 80 2.31 10.38 -0.39
C VAL A 80 2.44 11.79 0.18
N PRO A 81 2.89 12.72 -0.68
CA PRO A 81 3.06 14.13 -0.29
C PRO A 81 1.74 14.84 -0.02
N SER A 82 1.62 15.43 1.15
CA SER A 82 0.40 16.14 1.53
C SER A 82 0.71 17.58 1.91
N ALA A 83 0.01 18.52 1.27
CA ALA A 83 0.20 19.95 1.54
C ALA A 83 -0.80 20.45 2.56
N SER A 84 -0.52 20.20 3.84
CA SER A 84 -1.41 20.63 4.91
C SER A 84 -1.09 22.06 5.35
N ALA A 85 0.12 22.25 5.89
CA ALA A 85 0.55 23.56 6.35
C ALA A 85 1.97 23.86 5.88
N LEU A 86 2.26 23.51 4.62
CA LEU A 86 3.57 23.74 4.05
C LEU A 86 3.62 25.07 3.30
N SER A 87 3.01 26.10 3.89
CA SER A 87 2.97 27.41 3.28
C SER A 87 4.38 27.99 3.13
N GLY A 88 4.99 27.75 1.97
CA GLY A 88 6.33 28.24 1.73
C GLY A 88 7.31 27.13 1.42
N PRO A 89 7.86 26.52 2.48
CA PRO A 89 8.83 25.42 2.35
C PRO A 89 8.19 24.15 1.82
N SER A 90 9.03 23.22 1.36
CA SER A 90 8.54 21.95 0.82
C SER A 90 9.48 20.81 1.17
N SER A 91 9.04 19.59 0.94
CA SER A 91 9.84 18.41 1.25
C SER A 91 9.84 17.43 0.07
N GLY A 92 8.72 17.38 -0.65
CA GLY A 92 8.61 16.48 -1.78
C GLY A 92 8.18 17.21 -3.05
N GLY A 1 5.08 24.60 -25.73
CA GLY A 1 4.89 23.19 -25.42
C GLY A 1 3.50 22.89 -24.90
N SER A 2 2.85 21.89 -25.50
CA SER A 2 1.50 21.51 -25.11
C SER A 2 1.41 20.00 -24.89
N SER A 3 1.21 19.61 -23.62
CA SER A 3 1.11 18.19 -23.28
C SER A 3 0.13 17.99 -22.13
N GLY A 4 -0.50 16.83 -22.10
CA GLY A 4 -1.46 16.53 -21.04
C GLY A 4 -0.98 15.43 -20.12
N SER A 5 -1.79 14.40 -19.95
CA SER A 5 -1.44 13.28 -19.07
C SER A 5 -2.14 12.00 -19.52
N SER A 6 -1.38 11.09 -20.11
CA SER A 6 -1.93 9.82 -20.58
C SER A 6 -2.23 8.89 -19.42
N GLY A 7 -3.00 7.84 -19.70
CA GLY A 7 -3.35 6.88 -18.66
C GLY A 7 -4.25 5.78 -19.17
N PRO A 8 -3.64 4.75 -19.77
CA PRO A 8 -4.38 3.60 -20.32
C PRO A 8 -4.99 2.73 -19.23
N PRO A 9 -6.02 1.96 -19.60
CA PRO A 9 -6.71 1.07 -18.67
C PRO A 9 -5.85 -0.12 -18.24
N LYS A 10 -5.70 -0.29 -16.93
CA LYS A 10 -4.89 -1.37 -16.39
C LYS A 10 -5.77 -2.39 -15.66
N PHE A 11 -6.20 -3.42 -16.40
CA PHE A 11 -7.04 -4.47 -15.84
C PHE A 11 -6.43 -5.84 -16.08
N ASP A 12 -5.35 -6.14 -15.37
CA ASP A 12 -4.68 -7.43 -15.51
C ASP A 12 -3.71 -7.66 -14.34
N PRO A 13 -3.65 -8.91 -13.86
CA PRO A 13 -2.78 -9.29 -12.76
C PRO A 13 -1.30 -9.26 -13.15
N ASN A 14 -1.03 -8.88 -14.39
CA ASN A 14 0.34 -8.81 -14.89
C ASN A 14 0.91 -7.41 -14.72
N GLU A 15 0.25 -6.43 -15.30
CA GLU A 15 0.70 -5.04 -15.20
C GLU A 15 0.72 -4.58 -13.75
N VAL A 16 1.60 -3.62 -13.45
CA VAL A 16 1.72 -3.09 -12.10
C VAL A 16 0.37 -2.60 -11.58
N LYS A 17 0.09 -2.86 -10.30
CA LYS A 17 -1.16 -2.44 -9.69
C LYS A 17 -0.90 -1.86 -8.30
N VAL A 18 -1.38 -0.64 -8.09
CA VAL A 18 -1.21 0.03 -6.79
C VAL A 18 -2.44 -0.16 -5.91
N VAL A 19 -2.21 -0.34 -4.61
CA VAL A 19 -3.29 -0.54 -3.67
C VAL A 19 -3.17 0.42 -2.48
N TYR A 20 -4.25 1.13 -2.19
CA TYR A 20 -4.25 2.08 -1.08
C TYR A 20 -5.09 1.55 0.09
N LEU A 21 -4.54 1.68 1.29
CA LEU A 21 -5.23 1.22 2.50
C LEU A 21 -5.38 2.35 3.51
N ARG A 22 -6.31 2.17 4.44
CA ARG A 22 -6.55 3.19 5.47
C ARG A 22 -6.16 2.66 6.85
N CYS A 23 -5.28 3.38 7.53
CA CYS A 23 -4.82 2.98 8.86
C CYS A 23 -4.29 4.18 9.63
N THR A 24 -4.06 4.00 10.92
CA THR A 24 -3.55 5.07 11.77
C THR A 24 -2.08 4.85 12.11
N GLY A 25 -1.32 5.95 12.17
CA GLY A 25 0.09 5.85 12.49
C GLY A 25 0.35 5.05 13.75
N GLY A 26 1.53 4.44 13.82
CA GLY A 26 1.89 3.65 14.99
C GLY A 26 0.71 2.85 15.53
N GLU A 27 0.07 2.09 14.65
CA GLU A 27 -1.07 1.27 15.04
C GLU A 27 -0.83 -0.20 14.73
N VAL A 28 0.42 -0.63 14.87
CA VAL A 28 0.78 -2.02 14.61
C VAL A 28 1.28 -2.71 15.87
N GLY A 29 0.46 -3.56 16.44
CA GLY A 29 0.83 -4.27 17.65
C GLY A 29 0.26 -5.67 17.71
N ALA A 30 -0.78 -5.84 18.52
CA ALA A 30 -1.43 -7.14 18.66
C ALA A 30 -2.77 -7.18 17.95
N THR A 31 -2.74 -7.55 16.67
CA THR A 31 -3.95 -7.62 15.87
C THR A 31 -3.68 -8.27 14.52
N SER A 32 -4.68 -9.01 14.01
CA SER A 32 -4.55 -9.68 12.73
C SER A 32 -5.68 -9.30 11.79
N ALA A 33 -5.51 -8.17 11.11
CA ALA A 33 -6.52 -7.68 10.17
C ALA A 33 -6.03 -7.79 8.73
N LEU A 34 -4.72 -7.73 8.56
CA LEU A 34 -4.12 -7.83 7.22
C LEU A 34 -3.80 -9.28 6.87
N ALA A 35 -3.63 -10.10 7.90
CA ALA A 35 -3.32 -11.51 7.70
C ALA A 35 -4.21 -12.13 6.64
N PRO A 36 -5.54 -12.05 6.87
CA PRO A 36 -6.52 -12.60 5.94
C PRO A 36 -6.60 -11.81 4.63
N LYS A 37 -6.10 -10.57 4.67
CA LYS A 37 -6.11 -9.72 3.48
C LYS A 37 -5.00 -10.11 2.52
N ILE A 38 -3.83 -10.44 3.06
CA ILE A 38 -2.68 -10.83 2.25
C ILE A 38 -2.74 -12.32 1.93
N GLY A 39 -3.67 -13.03 2.56
CA GLY A 39 -3.81 -14.46 2.34
C GLY A 39 -3.67 -14.82 0.87
N PRO A 40 -4.58 -14.27 0.04
CA PRO A 40 -4.59 -14.52 -1.41
C PRO A 40 -3.40 -13.89 -2.12
N LEU A 41 -2.92 -12.78 -1.57
CA LEU A 41 -1.79 -12.06 -2.15
C LEU A 41 -0.57 -12.97 -2.26
N GLY A 42 -0.02 -13.36 -1.11
CA GLY A 42 1.15 -14.23 -1.10
C GLY A 42 2.17 -13.81 -0.08
N LEU A 43 2.34 -12.50 0.08
CA LEU A 43 3.31 -11.96 1.03
C LEU A 43 2.87 -12.24 2.46
N SER A 44 3.71 -11.85 3.42
CA SER A 44 3.41 -12.06 4.83
C SER A 44 2.97 -10.75 5.49
N PRO A 45 1.97 -10.85 6.38
CA PRO A 45 1.43 -9.69 7.10
C PRO A 45 2.42 -9.14 8.13
N LYS A 46 3.31 -10.00 8.61
CA LYS A 46 4.30 -9.59 9.59
C LYS A 46 5.35 -8.68 8.96
N LYS A 47 5.89 -9.12 7.82
CA LYS A 47 6.90 -8.35 7.11
C LYS A 47 6.34 -7.00 6.65
N VAL A 48 5.16 -7.04 6.05
CA VAL A 48 4.51 -5.82 5.57
C VAL A 48 4.08 -4.94 6.72
N GLY A 49 3.44 -5.55 7.72
CA GLY A 49 2.98 -4.80 8.87
C GLY A 49 4.10 -4.12 9.62
N ASP A 50 5.19 -4.85 9.84
CA ASP A 50 6.35 -4.31 10.54
C ASP A 50 6.93 -3.11 9.80
N ASP A 51 7.03 -3.24 8.47
CA ASP A 51 7.57 -2.16 7.64
C ASP A 51 6.73 -0.90 7.77
N ILE A 52 5.41 -1.06 7.70
CA ILE A 52 4.49 0.07 7.81
C ILE A 52 4.61 0.74 9.18
N ALA A 53 4.66 -0.08 10.22
CA ALA A 53 4.78 0.43 11.58
C ALA A 53 6.00 1.34 11.74
N LYS A 54 7.11 0.92 11.16
CA LYS A 54 8.35 1.69 11.23
C LYS A 54 8.21 2.99 10.44
N ALA A 55 7.55 2.93 9.30
CA ALA A 55 7.35 4.10 8.46
C ALA A 55 6.53 5.16 9.18
N THR A 56 5.53 4.71 9.95
CA THR A 56 4.68 5.63 10.70
C THR A 56 5.23 5.88 12.10
N GLY A 57 6.53 5.64 12.27
CA GLY A 57 7.16 5.86 13.55
C GLY A 57 7.51 7.30 13.80
N ASP A 58 7.62 8.08 12.72
CA ASP A 58 7.95 9.50 12.82
C ASP A 58 6.71 10.33 13.07
N TRP A 59 5.56 9.83 12.61
CA TRP A 59 4.29 10.53 12.78
C TRP A 59 3.25 9.63 13.42
N LYS A 60 3.67 8.84 14.39
CA LYS A 60 2.77 7.92 15.09
C LYS A 60 1.50 8.63 15.54
N GLY A 61 0.41 7.89 15.64
CA GLY A 61 -0.85 8.47 16.05
C GLY A 61 -1.56 9.19 14.92
N LEU A 62 -0.79 9.93 14.12
CA LEU A 62 -1.34 10.67 13.00
C LEU A 62 -1.70 9.74 11.85
N ARG A 63 -2.74 10.10 11.10
CA ARG A 63 -3.18 9.29 9.96
C ARG A 63 -2.60 9.83 8.66
N ILE A 64 -2.21 8.92 7.77
CA ILE A 64 -1.65 9.30 6.49
C ILE A 64 -1.96 8.27 5.42
N THR A 65 -1.87 8.68 4.15
CA THR A 65 -2.14 7.78 3.03
C THR A 65 -0.86 7.11 2.55
N VAL A 66 -0.87 5.78 2.54
CA VAL A 66 0.30 5.02 2.10
C VAL A 66 0.00 4.29 0.80
N LYS A 67 0.98 4.28 -0.10
CA LYS A 67 0.82 3.60 -1.39
C LYS A 67 1.65 2.31 -1.43
N LEU A 68 0.96 1.19 -1.52
CA LEU A 68 1.62 -0.11 -1.57
C LEU A 68 1.65 -0.66 -2.99
N THR A 69 2.85 -0.92 -3.50
CA THR A 69 3.01 -1.45 -4.85
C THR A 69 3.54 -2.88 -4.83
N ILE A 70 2.71 -3.81 -5.28
CA ILE A 70 3.10 -5.22 -5.31
C ILE A 70 3.30 -5.70 -6.73
N GLN A 71 4.51 -6.18 -7.03
CA GLN A 71 4.83 -6.68 -8.36
C GLN A 71 5.83 -7.84 -8.29
N ASN A 72 5.45 -8.97 -8.86
CA ASN A 72 6.31 -10.14 -8.86
C ASN A 72 6.68 -10.55 -7.44
N ARG A 73 5.66 -10.64 -6.58
CA ARG A 73 5.88 -11.03 -5.19
C ARG A 73 6.79 -10.03 -4.49
N GLN A 74 6.46 -8.75 -4.60
CA GLN A 74 7.26 -7.70 -3.97
C GLN A 74 6.37 -6.77 -3.15
N ALA A 75 6.99 -6.04 -2.22
CA ALA A 75 6.27 -5.11 -1.37
C ALA A 75 7.00 -3.78 -1.25
N GLN A 76 6.26 -2.69 -1.38
CA GLN A 76 6.85 -1.36 -1.28
C GLN A 76 5.98 -0.43 -0.43
N ILE A 77 6.64 0.42 0.35
CA ILE A 77 5.93 1.35 1.22
C ILE A 77 6.36 2.79 0.95
N GLU A 78 5.39 3.67 0.73
CA GLU A 78 5.68 5.07 0.47
C GLU A 78 4.52 5.96 0.94
N VAL A 79 4.86 7.09 1.55
CA VAL A 79 3.85 8.02 2.04
C VAL A 79 3.72 9.22 1.11
N VAL A 80 2.48 9.60 0.82
CA VAL A 80 2.22 10.73 -0.06
C VAL A 80 2.37 12.05 0.69
N PRO A 81 2.89 13.08 -0.02
CA PRO A 81 3.09 14.40 0.57
C PRO A 81 1.77 15.12 0.86
N SER A 82 0.72 14.71 0.17
CA SER A 82 -0.60 15.31 0.35
C SER A 82 -0.84 15.65 1.81
N ALA A 83 -1.15 16.92 2.07
CA ALA A 83 -1.42 17.37 3.42
C ALA A 83 -2.91 17.65 3.63
N SER A 84 -3.50 18.41 2.72
CA SER A 84 -4.92 18.74 2.80
C SER A 84 -5.77 17.68 2.13
N ALA A 85 -5.39 16.42 2.31
CA ALA A 85 -6.11 15.30 1.74
C ALA A 85 -6.14 15.40 0.21
N LEU A 86 -5.11 16.03 -0.35
CA LEU A 86 -5.01 16.19 -1.80
C LEU A 86 -5.23 14.86 -2.51
N SER A 87 -6.47 14.61 -2.91
CA SER A 87 -6.82 13.36 -3.60
C SER A 87 -8.09 13.55 -4.43
N GLY A 88 -8.45 12.50 -5.18
CA GLY A 88 -9.63 12.56 -6.01
C GLY A 88 -9.59 11.57 -7.16
N PRO A 89 -9.02 12.00 -8.29
CA PRO A 89 -8.90 11.16 -9.49
C PRO A 89 -7.90 10.02 -9.29
N SER A 90 -8.38 8.90 -8.76
CA SER A 90 -7.54 7.74 -8.52
C SER A 90 -7.06 7.14 -9.83
N SER A 91 -8.01 6.79 -10.70
CA SER A 91 -7.69 6.19 -11.99
C SER A 91 -7.54 7.27 -13.05
N GLY A 92 -8.60 8.06 -13.24
CA GLY A 92 -8.56 9.12 -14.24
C GLY A 92 -9.23 10.39 -13.75
N GLY A 1 26.61 -11.34 -16.79
CA GLY A 1 25.35 -10.90 -17.34
C GLY A 1 24.95 -11.67 -18.58
N SER A 2 24.86 -13.00 -18.44
CA SER A 2 24.50 -13.86 -19.57
C SER A 2 23.00 -14.18 -19.55
N SER A 3 22.21 -13.30 -20.15
CA SER A 3 20.76 -13.50 -20.19
C SER A 3 20.41 -14.75 -20.97
N GLY A 4 19.19 -15.26 -20.75
CA GLY A 4 18.75 -16.45 -21.43
C GLY A 4 17.56 -17.11 -20.76
N SER A 5 16.50 -16.34 -20.57
CA SER A 5 15.29 -16.84 -19.91
C SER A 5 14.85 -18.16 -20.54
N SER A 6 14.08 -18.94 -19.79
CA SER A 6 13.60 -20.23 -20.27
C SER A 6 12.07 -20.24 -20.34
N GLY A 7 11.43 -20.08 -19.19
CA GLY A 7 9.98 -20.08 -19.14
C GLY A 7 9.43 -19.18 -18.05
N PRO A 8 9.34 -17.88 -18.35
CA PRO A 8 8.83 -16.88 -17.41
C PRO A 8 7.34 -17.03 -17.14
N PRO A 9 6.88 -16.52 -15.99
CA PRO A 9 5.47 -16.59 -15.60
C PRO A 9 4.59 -15.69 -16.46
N LYS A 10 3.31 -15.58 -16.09
CA LYS A 10 2.37 -14.75 -16.81
C LYS A 10 2.12 -13.43 -16.09
N PHE A 11 3.15 -12.58 -16.03
CA PHE A 11 3.04 -11.29 -15.37
C PHE A 11 4.22 -10.40 -15.74
N ASP A 12 3.99 -9.09 -15.71
CA ASP A 12 5.03 -8.12 -16.04
C ASP A 12 4.93 -6.89 -15.14
N PRO A 13 6.09 -6.30 -14.80
CA PRO A 13 6.15 -5.12 -13.95
C PRO A 13 5.63 -3.87 -14.66
N ASN A 14 5.19 -4.04 -15.90
CA ASN A 14 4.67 -2.93 -16.68
C ASN A 14 3.29 -2.51 -16.17
N GLU A 15 2.40 -3.49 -16.04
CA GLU A 15 1.04 -3.22 -15.55
C GLU A 15 1.03 -3.05 -14.04
N VAL A 16 1.95 -2.24 -13.53
CA VAL A 16 2.05 -1.98 -12.10
C VAL A 16 0.66 -1.98 -11.45
N LYS A 17 0.61 -2.35 -10.18
CA LYS A 17 -0.64 -2.38 -9.44
C LYS A 17 -0.47 -1.80 -8.04
N VAL A 18 -1.21 -0.73 -7.75
CA VAL A 18 -1.15 -0.08 -6.45
C VAL A 18 -2.51 -0.08 -5.76
N VAL A 19 -2.51 -0.37 -4.46
CA VAL A 19 -3.75 -0.40 -3.69
C VAL A 19 -3.74 0.67 -2.61
N TYR A 20 -4.90 1.28 -2.38
CA TYR A 20 -5.03 2.32 -1.37
C TYR A 20 -5.83 1.82 -0.16
N LEU A 21 -5.30 2.06 1.04
CA LEU A 21 -5.97 1.63 2.26
C LEU A 21 -5.93 2.74 3.31
N ARG A 22 -6.95 2.78 4.15
CA ARG A 22 -7.04 3.79 5.20
C ARG A 22 -6.84 3.16 6.58
N CYS A 23 -5.80 3.57 7.28
CA CYS A 23 -5.50 3.05 8.61
C CYS A 23 -4.63 4.02 9.40
N THR A 24 -4.51 3.78 10.70
CA THR A 24 -3.71 4.63 11.56
C THR A 24 -2.21 4.39 11.34
N GLY A 25 -1.43 5.46 11.43
CA GLY A 25 0.00 5.33 11.24
C GLY A 25 0.66 4.47 12.30
N GLY A 26 1.19 3.33 11.88
CA GLY A 26 1.84 2.42 12.82
C GLY A 26 0.85 1.75 13.76
N GLU A 27 0.13 0.76 13.25
CA GLU A 27 -0.86 0.05 14.04
C GLU A 27 -0.38 -1.37 14.36
N VAL A 28 0.91 -1.49 14.68
CA VAL A 28 1.50 -2.79 15.00
C VAL A 28 0.50 -3.68 15.72
N GLY A 29 -0.22 -3.09 16.66
CA GLY A 29 -1.21 -3.85 17.42
C GLY A 29 -2.44 -4.19 16.60
N ALA A 30 -2.29 -5.14 15.68
CA ALA A 30 -3.39 -5.56 14.82
C ALA A 30 -4.11 -6.78 15.41
N THR A 31 -5.18 -7.20 14.74
CA THR A 31 -5.95 -8.35 15.20
C THR A 31 -6.02 -9.42 14.13
N SER A 32 -4.88 -9.70 13.49
CA SER A 32 -4.81 -10.71 12.44
C SER A 32 -5.80 -10.40 11.32
N ALA A 33 -5.96 -9.12 11.01
CA ALA A 33 -6.86 -8.68 9.97
C ALA A 33 -6.19 -8.72 8.60
N LEU A 34 -4.86 -8.80 8.60
CA LEU A 34 -4.10 -8.83 7.36
C LEU A 34 -3.69 -10.27 7.02
N ALA A 35 -3.72 -11.13 8.02
CA ALA A 35 -3.36 -12.54 7.83
C ALA A 35 -4.11 -13.14 6.65
N PRO A 36 -5.45 -13.10 6.72
CA PRO A 36 -6.32 -13.63 5.67
C PRO A 36 -6.25 -12.80 4.38
N LYS A 37 -5.94 -11.52 4.53
CA LYS A 37 -5.84 -10.62 3.38
C LYS A 37 -4.65 -11.00 2.50
N ILE A 38 -3.53 -11.35 3.13
CA ILE A 38 -2.33 -11.75 2.40
C ILE A 38 -2.30 -13.25 2.15
N GLY A 39 -3.24 -13.96 2.76
CA GLY A 39 -3.30 -15.40 2.60
C GLY A 39 -3.06 -15.83 1.16
N PRO A 40 -3.93 -15.38 0.25
CA PRO A 40 -3.84 -15.71 -1.18
C PRO A 40 -2.63 -15.04 -1.85
N LEU A 41 -2.27 -13.86 -1.35
CA LEU A 41 -1.14 -13.12 -1.90
C LEU A 41 0.14 -13.94 -1.82
N GLY A 42 0.52 -14.34 -0.62
CA GLY A 42 1.71 -15.14 -0.43
C GLY A 42 2.61 -14.59 0.65
N LEU A 43 2.92 -13.30 0.57
CA LEU A 43 3.78 -12.64 1.55
C LEU A 43 3.24 -12.86 2.96
N SER A 44 4.01 -12.40 3.95
CA SER A 44 3.62 -12.55 5.35
C SER A 44 3.12 -11.22 5.90
N PRO A 45 2.09 -11.29 6.77
CA PRO A 45 1.49 -10.11 7.39
C PRO A 45 2.42 -9.46 8.41
N LYS A 46 3.27 -10.27 9.02
CA LYS A 46 4.22 -9.77 10.02
C LYS A 46 5.29 -8.91 9.36
N LYS A 47 5.94 -9.45 8.34
CA LYS A 47 6.99 -8.72 7.62
C LYS A 47 6.46 -7.41 7.08
N VAL A 48 5.29 -7.45 6.44
CA VAL A 48 4.68 -6.26 5.88
C VAL A 48 4.20 -5.31 6.98
N GLY A 49 3.57 -5.86 8.00
CA GLY A 49 3.07 -5.06 9.09
C GLY A 49 4.18 -4.32 9.82
N ASP A 50 5.27 -5.03 10.10
CA ASP A 50 6.40 -4.44 10.81
C ASP A 50 7.02 -3.31 9.97
N ASP A 51 7.16 -3.55 8.68
CA ASP A 51 7.72 -2.55 7.77
C ASP A 51 6.93 -1.24 7.83
N ILE A 52 5.61 -1.36 7.83
CA ILE A 52 4.74 -0.19 7.89
C ILE A 52 4.96 0.59 9.19
N ALA A 53 5.05 -0.12 10.29
CA ALA A 53 5.27 0.51 11.60
C ALA A 53 6.52 1.37 11.58
N LYS A 54 7.60 0.85 11.01
CA LYS A 54 8.86 1.57 10.93
C LYS A 54 8.75 2.76 9.98
N ALA A 55 8.14 2.53 8.82
CA ALA A 55 7.96 3.58 7.82
C ALA A 55 7.12 4.72 8.38
N THR A 56 6.14 4.37 9.21
CA THR A 56 5.25 5.36 9.81
C THR A 56 5.53 5.54 11.29
N GLY A 57 6.73 5.14 11.72
CA GLY A 57 7.11 5.26 13.11
C GLY A 57 7.40 6.68 13.51
N ASP A 58 7.95 7.46 12.58
CA ASP A 58 8.29 8.85 12.84
C ASP A 58 7.04 9.68 13.06
N TRP A 59 5.94 9.27 12.43
CA TRP A 59 4.67 9.97 12.56
C TRP A 59 3.54 9.02 12.94
N LYS A 60 3.81 8.15 13.91
CA LYS A 60 2.81 7.19 14.37
C LYS A 60 1.74 7.88 15.21
N GLY A 61 0.48 7.58 14.90
CA GLY A 61 -0.63 8.17 15.62
C GLY A 61 -1.36 9.23 14.81
N LEU A 62 -0.66 9.80 13.84
CA LEU A 62 -1.25 10.83 13.00
C LEU A 62 -1.94 10.21 11.78
N ARG A 63 -2.96 10.90 11.27
CA ARG A 63 -3.69 10.42 10.10
C ARG A 63 -2.95 10.74 8.81
N ILE A 64 -2.59 9.70 8.06
CA ILE A 64 -1.88 9.88 6.80
C ILE A 64 -2.27 8.81 5.79
N THR A 65 -2.03 9.08 4.51
CA THR A 65 -2.36 8.14 3.45
C THR A 65 -1.09 7.50 2.87
N VAL A 66 -1.04 6.17 2.91
CA VAL A 66 0.10 5.44 2.40
C VAL A 66 -0.26 4.68 1.13
N LYS A 67 0.73 4.50 0.26
CA LYS A 67 0.53 3.79 -1.00
C LYS A 67 1.08 2.37 -0.92
N LEU A 68 0.33 1.42 -1.48
CA LEU A 68 0.74 0.02 -1.47
C LEU A 68 1.02 -0.48 -2.88
N THR A 69 2.28 -0.80 -3.17
CA THR A 69 2.67 -1.29 -4.49
C THR A 69 3.22 -2.71 -4.40
N ILE A 70 2.68 -3.59 -5.23
CA ILE A 70 3.12 -4.98 -5.25
C ILE A 70 3.68 -5.36 -6.62
N GLN A 71 4.93 -5.79 -6.65
CA GLN A 71 5.57 -6.19 -7.89
C GLN A 71 6.56 -7.32 -7.66
N ASN A 72 6.50 -8.34 -8.52
CA ASN A 72 7.39 -9.49 -8.41
C ASN A 72 7.46 -9.98 -6.96
N ARG A 73 6.30 -10.26 -6.38
CA ARG A 73 6.22 -10.74 -5.01
C ARG A 73 6.95 -9.78 -4.06
N GLN A 74 7.02 -8.51 -4.45
CA GLN A 74 7.69 -7.51 -3.64
C GLN A 74 6.69 -6.46 -3.16
N ALA A 75 6.91 -5.96 -1.94
CA ALA A 75 6.04 -4.94 -1.36
C ALA A 75 6.80 -3.66 -1.07
N GLN A 76 6.22 -2.53 -1.45
CA GLN A 76 6.85 -1.24 -1.23
C GLN A 76 5.85 -0.23 -0.68
N ILE A 77 6.16 0.32 0.49
CA ILE A 77 5.27 1.29 1.13
C ILE A 77 5.89 2.68 1.12
N GLU A 78 5.10 3.68 0.72
CA GLU A 78 5.58 5.05 0.66
C GLU A 78 4.46 6.02 1.05
N VAL A 79 4.85 7.17 1.61
CA VAL A 79 3.89 8.18 2.02
C VAL A 79 3.64 9.19 0.91
N VAL A 80 2.37 9.53 0.71
CA VAL A 80 1.99 10.49 -0.32
C VAL A 80 2.27 11.92 0.11
N PRO A 81 2.68 12.76 -0.84
CA PRO A 81 2.99 14.17 -0.58
C PRO A 81 1.75 14.99 -0.25
N SER A 82 1.93 16.06 0.52
CA SER A 82 0.83 16.92 0.91
C SER A 82 0.13 17.50 -0.32
N ALA A 83 -1.19 17.58 -0.25
CA ALA A 83 -1.99 18.11 -1.36
C ALA A 83 -3.41 18.44 -0.90
N SER A 84 -4.21 18.98 -1.82
CA SER A 84 -5.58 19.35 -1.51
C SER A 84 -6.53 18.87 -2.61
N ALA A 85 -7.83 18.97 -2.35
CA ALA A 85 -8.83 18.56 -3.32
C ALA A 85 -8.77 19.40 -4.58
N LEU A 86 -7.80 19.10 -5.44
CA LEU A 86 -7.63 19.84 -6.69
C LEU A 86 -8.37 19.16 -7.83
N SER A 87 -9.66 19.43 -7.94
CA SER A 87 -10.48 18.83 -8.99
C SER A 87 -11.58 19.79 -9.43
N GLY A 88 -11.74 19.95 -10.75
CA GLY A 88 -12.75 20.83 -11.29
C GLY A 88 -13.82 20.10 -12.05
N PRO A 89 -15.06 20.60 -11.99
CA PRO A 89 -16.20 20.00 -12.69
C PRO A 89 -16.11 20.17 -14.20
N SER A 90 -15.50 19.18 -14.86
CA SER A 90 -15.35 19.23 -16.32
C SER A 90 -15.43 17.82 -16.91
N SER A 91 -15.91 17.74 -18.15
CA SER A 91 -16.04 16.45 -18.83
C SER A 91 -14.81 16.17 -19.69
N GLY A 92 -14.68 14.92 -20.12
CA GLY A 92 -13.54 14.55 -20.95
C GLY A 92 -13.70 13.16 -21.54
N GLY A 1 2.60 4.28 -24.58
CA GLY A 1 1.26 4.77 -24.87
C GLY A 1 1.06 6.20 -24.44
N SER A 2 0.25 6.94 -25.18
CA SER A 2 -0.02 8.34 -24.87
C SER A 2 -1.51 8.55 -24.59
N SER A 3 -1.82 9.58 -23.81
CA SER A 3 -3.19 9.89 -23.45
C SER A 3 -3.76 10.95 -24.39
N GLY A 4 -4.71 10.53 -25.24
CA GLY A 4 -5.32 11.45 -26.18
C GLY A 4 -6.66 10.96 -26.68
N SER A 5 -7.67 11.01 -25.80
CA SER A 5 -9.01 10.55 -26.17
C SER A 5 -10.02 10.93 -25.08
N SER A 6 -11.30 10.84 -25.42
CA SER A 6 -12.36 11.18 -24.48
C SER A 6 -12.77 9.97 -23.65
N GLY A 7 -12.64 10.09 -22.33
CA GLY A 7 -13.00 8.99 -21.46
C GLY A 7 -11.81 8.45 -20.69
N PRO A 8 -12.05 7.99 -19.45
CA PRO A 8 -10.99 7.44 -18.59
C PRO A 8 -10.48 6.10 -19.10
N PRO A 9 -9.19 5.82 -18.84
CA PRO A 9 -8.56 4.57 -19.26
C PRO A 9 -9.07 3.36 -18.48
N LYS A 10 -9.35 2.29 -19.18
CA LYS A 10 -9.85 1.06 -18.55
C LYS A 10 -8.79 0.44 -17.65
N PHE A 11 -9.16 -0.62 -16.95
CA PHE A 11 -8.23 -1.31 -16.06
C PHE A 11 -7.52 -2.45 -16.77
N ASP A 12 -6.27 -2.67 -16.41
CA ASP A 12 -5.47 -3.73 -17.02
C ASP A 12 -4.55 -4.38 -16.00
N PRO A 13 -4.35 -5.70 -16.13
CA PRO A 13 -3.49 -6.47 -15.22
C PRO A 13 -2.01 -6.13 -15.40
N ASN A 14 -1.54 -6.16 -16.64
CA ASN A 14 -0.15 -5.86 -16.94
C ASN A 14 0.33 -4.66 -16.12
N GLU A 15 -0.24 -3.49 -16.41
CA GLU A 15 0.13 -2.27 -15.71
C GLU A 15 0.28 -2.53 -14.21
N VAL A 16 1.28 -1.89 -13.60
CA VAL A 16 1.51 -2.04 -12.17
C VAL A 16 0.22 -1.91 -11.38
N LYS A 17 0.11 -2.68 -10.31
CA LYS A 17 -1.08 -2.64 -9.46
C LYS A 17 -0.76 -2.02 -8.10
N VAL A 18 -1.45 -0.94 -7.78
CA VAL A 18 -1.25 -0.24 -6.51
C VAL A 18 -2.53 -0.22 -5.67
N VAL A 19 -2.40 -0.56 -4.40
CA VAL A 19 -3.54 -0.58 -3.49
C VAL A 19 -3.36 0.43 -2.36
N TYR A 20 -4.38 1.24 -2.13
CA TYR A 20 -4.34 2.24 -1.07
C TYR A 20 -5.30 1.88 0.07
N LEU A 21 -4.85 2.11 1.29
CA LEU A 21 -5.65 1.82 2.48
C LEU A 21 -5.66 3.00 3.44
N ARG A 22 -6.81 3.27 4.03
CA ARG A 22 -6.94 4.36 4.99
C ARG A 22 -6.86 3.85 6.43
N CYS A 23 -5.82 4.28 7.14
CA CYS A 23 -5.62 3.86 8.52
C CYS A 23 -4.73 4.85 9.27
N THR A 24 -4.80 4.82 10.60
CA THR A 24 -3.99 5.71 11.42
C THR A 24 -2.54 5.28 11.45
N GLY A 25 -1.63 6.25 11.36
CA GLY A 25 -0.22 5.95 11.37
C GLY A 25 0.24 5.34 12.69
N GLY A 26 1.17 4.39 12.62
CA GLY A 26 1.67 3.76 13.82
C GLY A 26 0.64 2.85 14.47
N GLU A 27 -0.07 2.08 13.65
CA GLU A 27 -1.09 1.17 14.15
C GLU A 27 -0.76 -0.28 13.80
N VAL A 28 0.17 -0.86 14.54
CA VAL A 28 0.58 -2.24 14.31
C VAL A 28 -0.42 -3.22 14.92
N GLY A 29 -0.34 -4.48 14.50
CA GLY A 29 -1.24 -5.49 15.01
C GLY A 29 -2.30 -5.88 14.00
N ALA A 30 -3.53 -6.07 14.47
CA ALA A 30 -4.63 -6.45 13.60
C ALA A 30 -4.27 -7.65 12.74
N THR A 31 -3.72 -8.68 13.39
CA THR A 31 -3.32 -9.89 12.68
C THR A 31 -4.54 -10.67 12.17
N SER A 32 -5.72 -10.24 12.62
CA SER A 32 -6.96 -10.89 12.23
C SER A 32 -7.69 -10.08 11.17
N ALA A 33 -7.22 -8.86 10.93
CA ALA A 33 -7.82 -7.97 9.95
C ALA A 33 -6.95 -7.87 8.70
N LEU A 34 -5.65 -8.02 8.88
CA LEU A 34 -4.70 -7.93 7.77
C LEU A 34 -4.49 -9.29 7.13
N ALA A 35 -4.60 -10.34 7.93
CA ALA A 35 -4.43 -11.70 7.44
C ALA A 35 -5.08 -11.88 6.07
N PRO A 36 -6.40 -11.60 6.00
CA PRO A 36 -7.16 -11.72 4.76
C PRO A 36 -6.78 -10.66 3.73
N LYS A 37 -6.25 -9.55 4.22
CA LYS A 37 -5.85 -8.45 3.34
C LYS A 37 -4.64 -8.85 2.49
N ILE A 38 -3.97 -9.92 2.90
CA ILE A 38 -2.80 -10.41 2.17
C ILE A 38 -3.23 -11.27 0.99
N GLY A 39 -4.51 -11.20 0.64
CA GLY A 39 -5.02 -11.98 -0.48
C GLY A 39 -4.19 -11.80 -1.73
N PRO A 40 -4.18 -10.57 -2.27
CA PRO A 40 -3.43 -10.24 -3.48
C PRO A 40 -1.92 -10.26 -3.25
N LEU A 41 -1.50 -9.92 -2.05
CA LEU A 41 -0.09 -9.90 -1.69
C LEU A 41 0.46 -11.31 -1.56
N GLY A 42 -0.02 -12.03 -0.55
CA GLY A 42 0.44 -13.39 -0.33
C GLY A 42 1.89 -13.46 0.10
N LEU A 43 2.19 -12.81 1.22
CA LEU A 43 3.55 -12.79 1.75
C LEU A 43 3.56 -13.09 3.24
N SER A 44 3.18 -12.10 4.04
CA SER A 44 3.14 -12.26 5.49
C SER A 44 2.58 -11.01 6.16
N PRO A 45 1.69 -11.22 7.15
CA PRO A 45 1.07 -10.12 7.89
C PRO A 45 2.05 -9.39 8.79
N LYS A 46 2.93 -10.14 9.44
CA LYS A 46 3.93 -9.56 10.33
C LYS A 46 4.98 -8.78 9.54
N LYS A 47 5.45 -9.38 8.44
CA LYS A 47 6.45 -8.75 7.60
C LYS A 47 5.92 -7.46 6.98
N VAL A 48 4.70 -7.53 6.45
CA VAL A 48 4.07 -6.37 5.83
C VAL A 48 3.70 -5.32 6.87
N GLY A 49 3.14 -5.79 7.99
CA GLY A 49 2.75 -4.88 9.05
C GLY A 49 3.94 -4.14 9.65
N ASP A 50 5.01 -4.89 9.92
CA ASP A 50 6.21 -4.30 10.50
C ASP A 50 6.80 -3.23 9.58
N ASP A 51 6.68 -3.46 8.28
CA ASP A 51 7.20 -2.52 7.28
C ASP A 51 6.44 -1.21 7.34
N ILE A 52 5.12 -1.29 7.47
CA ILE A 52 4.28 -0.10 7.53
C ILE A 52 4.54 0.70 8.80
N ALA A 53 4.59 0.01 9.93
CA ALA A 53 4.84 0.65 11.22
C ALA A 53 6.18 1.38 11.20
N LYS A 54 7.19 0.75 10.64
CA LYS A 54 8.52 1.34 10.56
C LYS A 54 8.50 2.63 9.75
N ALA A 55 7.67 2.67 8.72
CA ALA A 55 7.54 3.84 7.87
C ALA A 55 6.85 4.98 8.61
N THR A 56 6.01 4.63 9.58
CA THR A 56 5.28 5.63 10.35
C THR A 56 5.97 5.90 11.69
N GLY A 57 7.26 5.61 11.75
CA GLY A 57 8.02 5.83 12.97
C GLY A 57 8.08 7.29 13.37
N ASP A 58 8.34 8.15 12.39
CA ASP A 58 8.43 9.59 12.64
C ASP A 58 7.04 10.17 12.95
N TRP A 59 6.01 9.54 12.41
CA TRP A 59 4.64 10.00 12.62
C TRP A 59 3.76 8.86 13.12
N LYS A 60 4.18 8.21 14.21
CA LYS A 60 3.43 7.11 14.78
C LYS A 60 2.30 7.62 15.67
N GLY A 61 1.10 7.72 15.10
CA GLY A 61 -0.04 8.20 15.85
C GLY A 61 -0.95 9.09 15.02
N LEU A 62 -0.39 9.73 14.01
CA LEU A 62 -1.14 10.62 13.13
C LEU A 62 -1.72 9.86 11.95
N ARG A 63 -2.83 10.37 11.41
CA ARG A 63 -3.48 9.74 10.27
C ARG A 63 -2.80 10.12 8.96
N ILE A 64 -2.44 9.13 8.16
CA ILE A 64 -1.78 9.37 6.88
C ILE A 64 -2.12 8.28 5.87
N THR A 65 -1.96 8.59 4.59
CA THR A 65 -2.24 7.64 3.53
C THR A 65 -0.99 6.86 3.14
N VAL A 66 -1.13 5.55 3.03
CA VAL A 66 -0.01 4.69 2.66
C VAL A 66 -0.23 4.07 1.28
N LYS A 67 0.84 4.04 0.48
CA LYS A 67 0.77 3.48 -0.86
C LYS A 67 1.44 2.10 -0.91
N LEU A 68 0.70 1.10 -1.37
CA LEU A 68 1.22 -0.26 -1.48
C LEU A 68 1.37 -0.68 -2.93
N THR A 69 2.59 -1.07 -3.31
CA THR A 69 2.85 -1.50 -4.68
C THR A 69 3.47 -2.89 -4.71
N ILE A 70 2.83 -3.81 -5.43
CA ILE A 70 3.32 -5.17 -5.53
C ILE A 70 3.94 -5.43 -6.90
N GLN A 71 5.22 -5.81 -6.90
CA GLN A 71 5.93 -6.08 -8.14
C GLN A 71 6.95 -7.19 -7.95
N ASN A 72 6.90 -8.21 -8.80
CA ASN A 72 7.83 -9.33 -8.72
C ASN A 72 7.88 -9.89 -7.31
N ARG A 73 6.71 -10.25 -6.77
CA ARG A 73 6.62 -10.79 -5.43
C ARG A 73 7.31 -9.87 -4.41
N GLN A 74 7.30 -8.58 -4.71
CA GLN A 74 7.92 -7.59 -3.83
C GLN A 74 6.89 -6.58 -3.34
N ALA A 75 7.13 -6.03 -2.15
CA ALA A 75 6.23 -5.05 -1.57
C ALA A 75 6.97 -3.77 -1.21
N GLN A 76 6.36 -2.62 -1.52
CA GLN A 76 6.96 -1.33 -1.22
C GLN A 76 5.95 -0.40 -0.58
N ILE A 77 6.42 0.41 0.38
CA ILE A 77 5.55 1.35 1.07
C ILE A 77 6.06 2.78 0.92
N GLU A 78 5.15 3.70 0.60
CA GLU A 78 5.51 5.10 0.42
C GLU A 78 4.37 6.01 0.87
N VAL A 79 4.72 7.03 1.65
CA VAL A 79 3.73 7.98 2.16
C VAL A 79 3.48 9.09 1.15
N VAL A 80 2.20 9.34 0.86
CA VAL A 80 1.83 10.38 -0.09
C VAL A 80 1.63 11.72 0.61
N PRO A 81 1.98 12.82 -0.09
CA PRO A 81 1.85 14.18 0.45
C PRO A 81 0.39 14.60 0.60
N SER A 82 0.19 15.87 0.93
CA SER A 82 -1.15 16.41 1.11
C SER A 82 -1.64 17.11 -0.16
N ALA A 83 -2.24 16.35 -1.06
CA ALA A 83 -2.74 16.90 -2.32
C ALA A 83 -4.26 16.84 -2.37
N SER A 84 -4.87 17.88 -2.91
CA SER A 84 -6.32 17.95 -3.02
C SER A 84 -6.77 17.80 -4.46
N ALA A 85 -6.88 16.56 -4.91
CA ALA A 85 -7.31 16.27 -6.28
C ALA A 85 -6.56 17.16 -7.28
N LEU A 86 -5.27 17.36 -7.05
CA LEU A 86 -4.45 18.19 -7.93
C LEU A 86 -4.12 17.45 -9.22
N SER A 87 -4.99 17.60 -10.20
CA SER A 87 -4.80 16.95 -11.50
C SER A 87 -5.61 17.66 -12.59
N GLY A 88 -5.18 17.48 -13.84
CA GLY A 88 -5.88 18.11 -14.95
C GLY A 88 -5.13 19.32 -15.48
N PRO A 89 -5.23 19.54 -16.80
CA PRO A 89 -4.57 20.67 -17.46
C PRO A 89 -5.21 22.01 -17.10
N SER A 90 -4.74 22.59 -16.00
CA SER A 90 -5.26 23.87 -15.53
C SER A 90 -4.36 25.02 -15.98
N SER A 91 -4.88 25.88 -16.86
CA SER A 91 -4.14 27.01 -17.36
C SER A 91 -4.22 28.19 -16.40
N GLY A 92 -5.44 28.59 -16.07
CA GLY A 92 -5.65 29.71 -15.16
C GLY A 92 -4.92 29.52 -13.84
#